data_2YTV
#
_entry.id   2YTV
#
_cell.length_a   1.000
_cell.length_b   1.000
_cell.length_c   1.000
_cell.angle_alpha   90.00
_cell.angle_beta   90.00
_cell.angle_gamma   90.00
#
_symmetry.space_group_name_H-M   'P 1'
#
_entity_poly.entity_id   1
_entity_poly.type   'polypeptide(L)'
_entity_poly.pdbx_seq_one_letter_code
;GSSGSSGLRRATVECVKDQFGFINYEVGDSKKLFFHVKEVQDGIELQAGDEVEFSVILNQRTGKCSACNVWRVSGPSSG
;
_entity_poly.pdbx_strand_id   A
#
# COMPACT_ATOMS: atom_id res chain seq x y z
N GLY A 1 15.85 -6.55 16.52
CA GLY A 1 15.12 -7.14 17.63
C GLY A 1 13.73 -6.55 17.78
N SER A 2 13.51 -5.81 18.85
CA SER A 2 12.22 -5.19 19.11
C SER A 2 12.27 -3.68 18.90
N SER A 3 11.65 -3.22 17.83
CA SER A 3 11.63 -1.79 17.51
C SER A 3 10.40 -1.43 16.69
N GLY A 4 9.72 -0.36 17.10
CA GLY A 4 8.52 0.07 16.39
C GLY A 4 8.84 0.84 15.12
N SER A 5 8.47 0.29 13.98
CA SER A 5 8.74 0.93 12.70
C SER A 5 7.47 1.60 12.16
N SER A 6 7.28 2.86 12.51
CA SER A 6 6.10 3.60 12.06
C SER A 6 6.50 4.76 11.16
N GLY A 7 5.64 5.07 10.18
CA GLY A 7 5.93 6.16 9.27
C GLY A 7 5.53 5.84 7.85
N LEU A 8 5.59 6.85 6.98
CA LEU A 8 5.22 6.66 5.57
C LEU A 8 6.29 5.85 4.84
N ARG A 9 5.84 5.04 3.88
CA ARG A 9 6.76 4.21 3.10
C ARG A 9 6.55 4.43 1.61
N ARG A 10 7.35 3.74 0.80
CA ARG A 10 7.25 3.86 -0.66
C ARG A 10 7.49 2.52 -1.33
N ALA A 11 6.49 2.05 -2.08
CA ALA A 11 6.59 0.77 -2.77
C ALA A 11 5.71 0.77 -4.02
N THR A 12 6.07 -0.07 -4.99
CA THR A 12 5.32 -0.17 -6.23
C THR A 12 4.34 -1.34 -6.18
N VAL A 13 3.22 -1.20 -6.90
CA VAL A 13 2.20 -2.24 -6.94
C VAL A 13 2.53 -3.30 -7.99
N GLU A 14 2.15 -4.54 -7.72
CA GLU A 14 2.40 -5.64 -8.63
C GLU A 14 1.37 -5.65 -9.76
N CYS A 15 0.13 -5.94 -9.40
CA CYS A 15 -0.95 -5.99 -10.38
C CYS A 15 -2.28 -5.56 -9.76
N VAL A 16 -2.99 -4.68 -10.45
CA VAL A 16 -4.27 -4.18 -9.95
C VAL A 16 -5.37 -4.42 -10.98
N LYS A 17 -6.19 -5.43 -10.73
CA LYS A 17 -7.30 -5.77 -11.63
C LYS A 17 -8.62 -5.76 -10.89
N ASP A 18 -8.64 -6.37 -9.71
CA ASP A 18 -9.85 -6.44 -8.90
C ASP A 18 -9.89 -5.29 -7.89
N GLN A 19 -11.02 -5.15 -7.21
CA GLN A 19 -11.19 -4.09 -6.22
C GLN A 19 -10.04 -4.09 -5.21
N PHE A 20 -9.48 -5.28 -4.98
CA PHE A 20 -8.38 -5.42 -4.03
C PHE A 20 -7.09 -5.77 -4.76
N GLY A 21 -6.00 -5.13 -4.36
CA GLY A 21 -4.71 -5.38 -4.98
C GLY A 21 -3.62 -5.67 -3.97
N PHE A 22 -2.46 -6.09 -4.46
CA PHE A 22 -1.34 -6.41 -3.60
C PHE A 22 -0.12 -5.53 -3.92
N ILE A 23 0.51 -5.00 -2.88
CA ILE A 23 1.67 -4.15 -3.05
C ILE A 23 2.96 -4.91 -2.77
N ASN A 24 4.02 -4.59 -3.53
CA ASN A 24 5.30 -5.24 -3.36
C ASN A 24 6.04 -4.70 -2.13
N TYR A 25 5.49 -4.98 -0.95
CA TYR A 25 6.08 -4.51 0.29
C TYR A 25 5.89 -5.54 1.40
N GLU A 26 7.00 -5.99 1.99
CA GLU A 26 6.95 -6.97 3.06
C GLU A 26 6.98 -6.28 4.43
N VAL A 27 5.98 -6.57 5.26
CA VAL A 27 5.89 -5.98 6.58
C VAL A 27 5.96 -7.06 7.66
N GLY A 28 5.53 -8.27 7.33
CA GLY A 28 5.56 -9.36 8.27
C GLY A 28 5.63 -10.72 7.59
N ASP A 29 4.77 -11.63 8.01
CA ASP A 29 4.74 -12.97 7.44
C ASP A 29 4.47 -12.91 5.94
N SER A 30 3.69 -11.93 5.52
CA SER A 30 3.35 -11.77 4.11
C SER A 30 4.40 -10.93 3.39
N LYS A 31 4.62 -11.24 2.11
CA LYS A 31 5.61 -10.52 1.32
C LYS A 31 5.00 -9.25 0.72
N LYS A 32 3.72 -9.31 0.38
CA LYS A 32 3.01 -8.17 -0.19
C LYS A 32 2.01 -7.59 0.81
N LEU A 33 1.49 -6.42 0.49
CA LEU A 33 0.51 -5.77 1.36
C LEU A 33 -0.90 -5.93 0.81
N PHE A 34 -1.90 -5.64 1.66
CA PHE A 34 -3.29 -5.76 1.26
C PHE A 34 -4.03 -4.44 1.46
N PHE A 35 -4.62 -3.92 0.39
CA PHE A 35 -5.35 -2.66 0.44
C PHE A 35 -6.62 -2.74 -0.41
N HIS A 36 -7.63 -1.98 0.00
CA HIS A 36 -8.90 -1.95 -0.72
C HIS A 36 -9.10 -0.61 -1.42
N VAL A 37 -9.97 -0.59 -2.42
CA VAL A 37 -10.26 0.62 -3.17
C VAL A 37 -10.70 1.74 -2.24
N LYS A 38 -11.27 1.37 -1.10
CA LYS A 38 -11.73 2.34 -0.12
C LYS A 38 -10.57 3.15 0.45
N GLU A 39 -9.39 2.53 0.49
CA GLU A 39 -8.20 3.20 1.01
C GLU A 39 -7.85 4.42 0.17
N VAL A 40 -7.48 4.18 -1.08
CA VAL A 40 -7.12 5.28 -1.98
C VAL A 40 -8.21 6.34 -2.03
N GLN A 41 -7.81 7.60 -2.06
CA GLN A 41 -8.75 8.72 -2.10
C GLN A 41 -8.34 9.73 -3.15
N ASP A 42 -9.08 10.84 -3.21
CA ASP A 42 -8.78 11.90 -4.17
C ASP A 42 -8.95 11.40 -5.61
N GLY A 43 -9.79 10.39 -5.77
CA GLY A 43 -10.02 9.83 -7.10
C GLY A 43 -8.73 9.46 -7.80
N ILE A 44 -8.06 8.43 -7.29
CA ILE A 44 -6.81 7.99 -7.88
C ILE A 44 -6.84 6.48 -8.15
N GLU A 45 -6.18 6.07 -9.23
CA GLU A 45 -6.13 4.66 -9.61
C GLU A 45 -4.71 4.12 -9.56
N LEU A 46 -4.52 3.02 -8.85
CA LEU A 46 -3.21 2.40 -8.72
C LEU A 46 -3.06 1.21 -9.67
N GLN A 47 -2.07 1.27 -10.55
CA GLN A 47 -1.82 0.21 -11.50
C GLN A 47 -0.48 -0.47 -11.24
N ALA A 48 -0.14 -1.44 -12.08
CA ALA A 48 1.12 -2.17 -11.93
C ALA A 48 2.32 -1.25 -12.17
N GLY A 49 3.18 -1.14 -11.17
CA GLY A 49 4.36 -0.29 -11.30
C GLY A 49 4.10 1.12 -10.80
N ASP A 50 3.02 1.30 -10.05
CA ASP A 50 2.66 2.61 -9.52
C ASP A 50 3.14 2.75 -8.07
N GLU A 51 4.10 3.63 -7.85
CA GLU A 51 4.65 3.85 -6.51
C GLU A 51 3.73 4.78 -5.71
N VAL A 52 3.18 4.25 -4.62
CA VAL A 52 2.29 5.03 -3.77
C VAL A 52 2.81 5.08 -2.33
N GLU A 53 2.55 6.19 -1.65
CA GLU A 53 3.00 6.37 -0.28
C GLU A 53 1.86 6.07 0.71
N PHE A 54 2.06 5.06 1.54
CA PHE A 54 1.05 4.67 2.52
C PHE A 54 1.66 4.61 3.92
N SER A 55 0.80 4.63 4.93
CA SER A 55 1.24 4.58 6.32
C SER A 55 0.97 3.21 6.93
N VAL A 56 2.00 2.63 7.54
CA VAL A 56 1.87 1.32 8.16
C VAL A 56 1.16 1.41 9.51
N ILE A 57 -0.04 0.85 9.57
CA ILE A 57 -0.83 0.88 10.80
C ILE A 57 -1.06 -0.53 11.33
N LEU A 58 -0.70 -0.76 12.59
CA LEU A 58 -0.87 -2.05 13.21
C LEU A 58 -2.14 -2.10 14.05
N ASN A 59 -2.93 -3.15 13.88
CA ASN A 59 -4.18 -3.31 14.62
C ASN A 59 -3.96 -4.14 15.88
N GLN A 60 -4.38 -3.60 17.02
CA GLN A 60 -4.23 -4.29 18.30
C GLN A 60 -5.41 -5.23 18.55
N ARG A 61 -6.55 -4.91 17.96
CA ARG A 61 -7.75 -5.72 18.12
C ARG A 61 -7.60 -7.06 17.39
N THR A 62 -7.20 -7.00 16.13
CA THR A 62 -7.02 -8.21 15.33
C THR A 62 -5.58 -8.71 15.41
N GLY A 63 -4.63 -7.82 15.11
CA GLY A 63 -3.23 -8.20 15.16
C GLY A 63 -2.62 -8.32 13.77
N LYS A 64 -3.17 -7.57 12.81
CA LYS A 64 -2.68 -7.60 11.45
C LYS A 64 -2.24 -6.20 11.00
N CYS A 65 -1.68 -6.12 9.80
CA CYS A 65 -1.22 -4.84 9.25
C CYS A 65 -1.84 -4.58 7.89
N SER A 66 -1.96 -3.31 7.53
CA SER A 66 -2.55 -2.93 6.25
C SER A 66 -2.13 -1.50 5.87
N ALA A 67 -2.63 -1.04 4.73
CA ALA A 67 -2.32 0.30 4.26
C ALA A 67 -3.45 1.28 4.59
N CYS A 68 -3.12 2.57 4.61
CA CYS A 68 -4.11 3.61 4.92
C CYS A 68 -3.75 4.91 4.22
N ASN A 69 -4.78 5.60 3.72
CA ASN A 69 -4.58 6.87 3.03
C ASN A 69 -3.58 6.71 1.89
N VAL A 70 -3.82 5.75 1.01
CA VAL A 70 -2.94 5.50 -0.12
C VAL A 70 -2.94 6.68 -1.09
N TRP A 71 -1.77 7.29 -1.25
CA TRP A 71 -1.64 8.43 -2.15
C TRP A 71 -0.60 8.15 -3.24
N ARG A 72 -1.01 8.27 -4.49
CA ARG A 72 -0.11 8.03 -5.62
C ARG A 72 0.97 9.10 -5.69
N VAL A 73 2.18 8.74 -5.30
CA VAL A 73 3.30 9.67 -5.31
C VAL A 73 4.06 9.59 -6.63
N SER A 74 4.03 8.42 -7.26
CA SER A 74 4.71 8.20 -8.53
C SER A 74 4.30 9.26 -9.54
N GLY A 75 5.08 9.37 -10.62
CA GLY A 75 4.78 10.34 -11.66
C GLY A 75 3.76 9.83 -12.65
N PRO A 76 3.47 10.65 -13.68
CA PRO A 76 2.50 10.31 -14.72
C PRO A 76 3.00 9.18 -15.63
N SER A 77 4.25 9.28 -16.04
CA SER A 77 4.85 8.28 -16.91
C SER A 77 4.11 8.20 -18.24
N SER A 78 3.60 9.34 -18.70
CA SER A 78 2.85 9.41 -19.95
C SER A 78 3.55 10.33 -20.94
N GLY A 79 3.97 9.78 -22.07
CA GLY A 79 4.64 10.56 -23.08
C GLY A 79 5.33 9.70 -24.12
N GLY A 1 11.22 -12.77 10.08
CA GLY A 1 11.91 -11.54 10.38
C GLY A 1 11.00 -10.33 10.33
N SER A 2 10.00 -10.32 11.20
CA SER A 2 9.04 -9.22 11.25
C SER A 2 9.67 -7.98 11.88
N SER A 3 9.21 -6.80 11.44
CA SER A 3 9.74 -5.55 11.96
C SER A 3 8.66 -4.47 11.94
N GLY A 4 8.97 -3.32 12.55
CA GLY A 4 8.02 -2.23 12.59
C GLY A 4 8.30 -1.17 11.54
N SER A 5 7.77 0.02 11.75
CA SER A 5 7.96 1.12 10.80
C SER A 5 8.23 2.43 11.55
N SER A 6 8.95 3.33 10.89
CA SER A 6 9.27 4.62 11.49
C SER A 6 8.33 5.71 10.99
N GLY A 7 7.85 5.55 9.76
CA GLY A 7 6.94 6.51 9.19
C GLY A 7 6.34 6.05 7.87
N LEU A 8 6.18 6.97 6.94
CA LEU A 8 5.61 6.64 5.64
C LEU A 8 6.51 5.67 4.88
N ARG A 9 5.91 4.93 3.94
CA ARG A 9 6.67 3.97 3.15
C ARG A 9 6.26 4.06 1.67
N ARG A 10 7.26 3.98 0.79
CA ARG A 10 7.02 4.05 -0.64
C ARG A 10 7.34 2.72 -1.32
N ALA A 11 6.36 2.16 -2.01
CA ALA A 11 6.54 0.89 -2.70
C ALA A 11 5.65 0.80 -3.94
N THR A 12 6.11 0.08 -4.95
CA THR A 12 5.35 -0.08 -6.18
C THR A 12 4.32 -1.19 -6.05
N VAL A 13 3.22 -1.06 -6.79
CA VAL A 13 2.16 -2.06 -6.75
C VAL A 13 2.40 -3.16 -7.79
N GLU A 14 2.07 -4.39 -7.41
CA GLU A 14 2.25 -5.53 -8.31
C GLU A 14 1.23 -5.49 -9.45
N CYS A 15 -0.02 -5.77 -9.13
CA CYS A 15 -1.09 -5.77 -10.12
C CYS A 15 -2.40 -5.30 -9.51
N VAL A 16 -3.14 -4.50 -10.28
CA VAL A 16 -4.42 -3.98 -9.82
C VAL A 16 -5.53 -4.25 -10.83
N LYS A 17 -5.98 -5.50 -10.87
CA LYS A 17 -7.03 -5.89 -11.81
C LYS A 17 -8.39 -5.90 -11.11
N ASP A 18 -8.43 -6.43 -9.89
CA ASP A 18 -9.66 -6.50 -9.12
C ASP A 18 -9.73 -5.36 -8.11
N GLN A 19 -10.89 -5.23 -7.46
CA GLN A 19 -11.08 -4.17 -6.47
C GLN A 19 -9.97 -4.18 -5.43
N PHE A 20 -9.42 -5.37 -5.17
CA PHE A 20 -8.34 -5.52 -4.20
C PHE A 20 -7.05 -5.98 -4.89
N GLY A 21 -5.95 -5.31 -4.57
CA GLY A 21 -4.66 -5.66 -5.16
C GLY A 21 -3.58 -5.85 -4.12
N PHE A 22 -2.39 -6.22 -4.57
CA PHE A 22 -1.27 -6.45 -3.66
C PHE A 22 -0.11 -5.52 -4.00
N ILE A 23 0.58 -5.03 -2.98
CA ILE A 23 1.70 -4.12 -3.16
C ILE A 23 3.03 -4.83 -2.86
N ASN A 24 4.07 -4.47 -3.59
CA ASN A 24 5.39 -5.06 -3.40
C ASN A 24 6.06 -4.50 -2.15
N TYR A 25 5.60 -4.96 -0.98
CA TYR A 25 6.15 -4.50 0.29
C TYR A 25 5.96 -5.55 1.37
N GLU A 26 7.07 -6.02 1.94
CA GLU A 26 7.01 -7.03 2.99
C GLU A 26 7.06 -6.38 4.37
N VAL A 27 6.01 -6.60 5.16
CA VAL A 27 5.92 -6.03 6.50
C VAL A 27 5.93 -7.14 7.56
N GLY A 28 5.42 -8.31 7.19
CA GLY A 28 5.38 -9.42 8.12
C GLY A 28 5.39 -10.76 7.41
N ASP A 29 4.44 -11.62 7.77
CA ASP A 29 4.35 -12.94 7.16
C ASP A 29 3.98 -12.85 5.69
N SER A 30 3.31 -11.76 5.32
CA SER A 30 2.89 -11.54 3.93
C SER A 30 3.97 -10.78 3.17
N LYS A 31 4.38 -11.32 2.03
CA LYS A 31 5.40 -10.70 1.20
C LYS A 31 4.89 -9.38 0.63
N LYS A 32 3.59 -9.33 0.34
CA LYS A 32 2.98 -8.12 -0.21
C LYS A 32 1.98 -7.52 0.77
N LEU A 33 1.48 -6.34 0.44
CA LEU A 33 0.50 -5.66 1.30
C LEU A 33 -0.91 -5.83 0.75
N PHE A 34 -1.90 -5.52 1.58
CA PHE A 34 -3.30 -5.64 1.19
C PHE A 34 -4.03 -4.31 1.36
N PHE A 35 -4.79 -3.92 0.33
CA PHE A 35 -5.53 -2.68 0.37
C PHE A 35 -6.76 -2.75 -0.53
N HIS A 36 -7.78 -1.94 -0.22
CA HIS A 36 -9.01 -1.92 -1.00
C HIS A 36 -9.16 -0.59 -1.74
N VAL A 37 -10.02 -0.58 -2.75
CA VAL A 37 -10.25 0.61 -3.54
C VAL A 37 -10.70 1.78 -2.66
N LYS A 38 -11.29 1.45 -1.52
CA LYS A 38 -11.77 2.46 -0.58
C LYS A 38 -10.60 3.20 0.06
N GLU A 39 -9.49 2.51 0.24
CA GLU A 39 -8.29 3.11 0.83
C GLU A 39 -7.85 4.34 0.04
N VAL A 40 -7.47 4.12 -1.21
CA VAL A 40 -7.01 5.21 -2.06
C VAL A 40 -8.03 6.34 -2.09
N GLN A 41 -7.54 7.57 -1.95
CA GLN A 41 -8.41 8.75 -1.95
C GLN A 41 -8.14 9.62 -3.17
N ASP A 42 -8.78 10.78 -3.22
CA ASP A 42 -8.61 11.70 -4.33
C ASP A 42 -8.98 11.04 -5.65
N GLY A 43 -9.86 10.04 -5.58
CA GLY A 43 -10.28 9.34 -6.78
C GLY A 43 -9.10 8.85 -7.61
N ILE A 44 -7.99 8.56 -6.95
CA ILE A 44 -6.79 8.09 -7.63
C ILE A 44 -6.86 6.58 -7.87
N GLU A 45 -6.26 6.14 -8.97
CA GLU A 45 -6.26 4.72 -9.32
C GLU A 45 -4.84 4.18 -9.36
N LEU A 46 -4.60 3.09 -8.63
CA LEU A 46 -3.28 2.47 -8.59
C LEU A 46 -3.19 1.30 -9.57
N GLN A 47 -2.12 1.28 -10.34
CA GLN A 47 -1.91 0.22 -11.32
C GLN A 47 -0.59 -0.52 -11.07
N ALA A 48 -0.26 -1.44 -11.96
CA ALA A 48 0.98 -2.21 -11.84
C ALA A 48 2.19 -1.33 -12.13
N GLY A 49 3.10 -1.26 -11.16
CA GLY A 49 4.30 -0.46 -11.33
C GLY A 49 4.11 0.98 -10.88
N ASP A 50 3.04 1.22 -10.13
CA ASP A 50 2.74 2.56 -9.63
C ASP A 50 3.18 2.71 -8.18
N GLU A 51 4.17 3.57 -7.95
CA GLU A 51 4.68 3.80 -6.60
C GLU A 51 3.70 4.65 -5.79
N VAL A 52 3.30 4.14 -4.64
CA VAL A 52 2.37 4.84 -3.77
C VAL A 52 2.93 4.96 -2.36
N GLU A 53 2.49 6.01 -1.64
CA GLU A 53 2.95 6.24 -0.27
C GLU A 53 1.82 6.00 0.72
N PHE A 54 2.01 5.01 1.60
CA PHE A 54 1.01 4.68 2.60
C PHE A 54 1.62 4.65 4.00
N SER A 55 0.77 4.68 5.01
CA SER A 55 1.23 4.67 6.40
C SER A 55 1.01 3.29 7.03
N VAL A 56 2.07 2.74 7.62
CA VAL A 56 1.98 1.43 8.26
C VAL A 56 1.17 1.50 9.54
N ILE A 57 0.02 0.85 9.54
CA ILE A 57 -0.85 0.85 10.71
C ILE A 57 -0.95 -0.56 11.31
N LEU A 58 -0.66 -0.67 12.60
CA LEU A 58 -0.72 -1.95 13.30
C LEU A 58 -1.98 -2.06 14.14
N ASN A 59 -2.69 -3.18 14.00
CA ASN A 59 -3.91 -3.40 14.76
C ASN A 59 -3.65 -4.25 16.00
N GLN A 60 -3.94 -3.68 17.17
CA GLN A 60 -3.72 -4.38 18.43
C GLN A 60 -4.86 -5.34 18.71
N ARG A 61 -6.04 -5.05 18.17
CA ARG A 61 -7.21 -5.88 18.36
C ARG A 61 -7.09 -7.19 17.58
N THR A 62 -6.71 -7.08 16.31
CA THR A 62 -6.56 -8.25 15.46
C THR A 62 -5.12 -8.77 15.50
N GLY A 63 -4.18 -7.91 15.16
CA GLY A 63 -2.78 -8.29 15.18
C GLY A 63 -2.19 -8.38 13.77
N LYS A 64 -2.77 -7.63 12.85
CA LYS A 64 -2.30 -7.62 11.47
C LYS A 64 -1.98 -6.20 11.01
N CYS A 65 -1.44 -6.09 9.80
CA CYS A 65 -1.07 -4.80 9.24
C CYS A 65 -1.81 -4.54 7.93
N SER A 66 -1.90 -3.27 7.54
CA SER A 66 -2.59 -2.89 6.31
C SER A 66 -2.24 -1.46 5.91
N ALA A 67 -2.76 -1.03 4.77
CA ALA A 67 -2.50 0.32 4.28
C ALA A 67 -3.70 1.23 4.54
N CYS A 68 -3.48 2.53 4.39
CA CYS A 68 -4.54 3.52 4.61
C CYS A 68 -4.19 4.85 3.95
N ASN A 69 -5.21 5.53 3.45
CA ASN A 69 -5.01 6.83 2.79
C ASN A 69 -3.93 6.72 1.71
N VAL A 70 -3.93 5.62 0.98
CA VAL A 70 -2.96 5.40 -0.08
C VAL A 70 -2.96 6.55 -1.08
N TRP A 71 -1.80 7.15 -1.29
CA TRP A 71 -1.67 8.26 -2.23
C TRP A 71 -0.61 7.97 -3.29
N ARG A 72 -1.00 8.07 -4.55
CA ARG A 72 -0.08 7.83 -5.66
C ARG A 72 1.06 8.83 -5.65
N VAL A 73 2.29 8.33 -5.81
CA VAL A 73 3.47 9.18 -5.83
C VAL A 73 4.02 9.34 -7.23
N SER A 74 4.17 8.22 -7.93
CA SER A 74 4.68 8.23 -9.30
C SER A 74 3.76 7.46 -10.24
N GLY A 75 3.72 7.87 -11.49
CA GLY A 75 2.88 7.22 -12.47
C GLY A 75 3.55 6.02 -13.10
N PRO A 76 2.78 5.25 -13.89
CA PRO A 76 3.29 4.05 -14.56
C PRO A 76 4.26 4.39 -15.69
N SER A 77 4.19 5.63 -16.16
CA SER A 77 5.06 6.07 -17.25
C SER A 77 6.28 6.82 -16.70
N SER A 78 7.40 6.12 -16.60
CA SER A 78 8.63 6.71 -16.09
C SER A 78 9.31 7.56 -17.15
N GLY A 79 10.05 8.58 -16.71
CA GLY A 79 10.73 9.47 -17.62
C GLY A 79 9.82 10.53 -18.19
N GLY A 1 18.71 -2.14 19.39
CA GLY A 1 17.33 -1.80 19.65
C GLY A 1 16.43 -2.04 18.44
N SER A 2 16.90 -1.61 17.27
CA SER A 2 16.13 -1.78 16.04
C SER A 2 14.81 -1.02 16.11
N SER A 3 14.80 0.06 16.89
CA SER A 3 13.60 0.87 17.06
C SER A 3 13.78 2.25 16.41
N GLY A 4 12.66 2.93 16.18
CA GLY A 4 12.72 4.25 15.57
C GLY A 4 12.31 4.22 14.12
N SER A 5 12.57 3.10 13.45
CA SER A 5 12.24 2.96 12.03
C SER A 5 10.73 2.82 11.84
N SER A 6 10.09 3.89 11.38
CA SER A 6 8.65 3.89 11.16
C SER A 6 8.21 5.15 10.44
N GLY A 7 7.02 5.11 9.84
CA GLY A 7 6.51 6.25 9.13
C GLY A 7 6.01 5.90 7.74
N LEU A 8 5.96 6.89 6.86
CA LEU A 8 5.49 6.69 5.50
C LEU A 8 6.49 5.85 4.71
N ARG A 9 5.97 5.01 3.80
CA ARG A 9 6.83 4.16 2.98
C ARG A 9 6.32 4.11 1.54
N ARG A 10 7.24 4.11 0.59
CA ARG A 10 6.89 4.06 -0.82
C ARG A 10 7.18 2.69 -1.41
N ALA A 11 6.24 2.17 -2.20
CA ALA A 11 6.41 0.86 -2.82
C ALA A 11 5.62 0.77 -4.12
N THR A 12 6.07 -0.09 -5.03
CA THR A 12 5.40 -0.26 -6.31
C THR A 12 4.41 -1.43 -6.27
N VAL A 13 3.24 -1.23 -6.85
CA VAL A 13 2.21 -2.26 -6.86
C VAL A 13 2.51 -3.31 -7.92
N GLU A 14 2.17 -4.56 -7.64
CA GLU A 14 2.40 -5.66 -8.56
C GLU A 14 1.32 -5.71 -9.63
N CYS A 15 0.08 -5.85 -9.20
CA CYS A 15 -1.05 -5.91 -10.12
C CYS A 15 -2.34 -5.44 -9.44
N VAL A 16 -3.18 -4.73 -10.18
CA VAL A 16 -4.44 -4.23 -9.66
C VAL A 16 -5.59 -4.48 -10.63
N LYS A 17 -6.38 -5.50 -10.35
CA LYS A 17 -7.52 -5.84 -11.20
C LYS A 17 -8.81 -5.90 -10.40
N ASP A 18 -8.72 -6.46 -9.19
CA ASP A 18 -9.88 -6.59 -8.32
C ASP A 18 -9.90 -5.46 -7.28
N GLN A 19 -10.99 -5.38 -6.54
CA GLN A 19 -11.14 -4.35 -5.51
C GLN A 19 -9.94 -4.34 -4.57
N PHE A 20 -9.33 -5.51 -4.38
CA PHE A 20 -8.18 -5.64 -3.50
C PHE A 20 -6.93 -5.99 -4.30
N GLY A 21 -5.80 -5.39 -3.94
CA GLY A 21 -4.56 -5.65 -4.63
C GLY A 21 -3.41 -5.93 -3.68
N PHE A 22 -2.23 -6.18 -4.23
CA PHE A 22 -1.05 -6.47 -3.43
C PHE A 22 0.12 -5.57 -3.84
N ILE A 23 0.82 -5.03 -2.84
CA ILE A 23 1.95 -4.16 -3.10
C ILE A 23 3.27 -4.89 -2.84
N ASN A 24 4.30 -4.51 -3.60
CA ASN A 24 5.61 -5.13 -3.45
C ASN A 24 6.35 -4.57 -2.24
N TYR A 25 5.79 -4.79 -1.06
CA TYR A 25 6.39 -4.30 0.18
C TYR A 25 6.49 -5.42 1.22
N GLU A 26 7.67 -5.59 1.79
CA GLU A 26 7.89 -6.63 2.80
C GLU A 26 7.72 -6.06 4.20
N VAL A 27 7.00 -6.79 5.04
CA VAL A 27 6.76 -6.37 6.41
C VAL A 27 7.07 -7.49 7.40
N GLY A 28 6.70 -8.71 7.03
CA GLY A 28 6.95 -9.86 7.89
C GLY A 28 7.35 -11.09 7.12
N ASP A 29 6.37 -11.97 6.87
CA ASP A 29 6.63 -13.19 6.13
C ASP A 29 5.83 -13.23 4.84
N SER A 30 4.63 -12.65 4.87
CA SER A 30 3.76 -12.62 3.70
C SER A 30 4.45 -11.94 2.53
N LYS A 31 5.36 -11.03 2.84
CA LYS A 31 6.10 -10.30 1.82
C LYS A 31 5.15 -9.55 0.89
N LYS A 32 3.96 -9.23 1.40
CA LYS A 32 2.96 -8.51 0.62
C LYS A 32 2.07 -7.67 1.53
N LEU A 33 1.43 -6.66 0.95
CA LEU A 33 0.54 -5.79 1.71
C LEU A 33 -0.88 -5.83 1.14
N PHE A 34 -1.86 -5.57 2.00
CA PHE A 34 -3.26 -5.59 1.60
C PHE A 34 -3.87 -4.19 1.73
N PHE A 35 -4.70 -3.82 0.75
CA PHE A 35 -5.35 -2.52 0.76
C PHE A 35 -6.64 -2.55 -0.06
N HIS A 36 -7.69 -1.96 0.49
CA HIS A 36 -8.99 -1.92 -0.18
C HIS A 36 -9.13 -0.65 -1.01
N VAL A 37 -10.02 -0.68 -1.99
CA VAL A 37 -10.26 0.47 -2.85
C VAL A 37 -10.62 1.70 -2.04
N LYS A 38 -11.17 1.48 -0.85
CA LYS A 38 -11.56 2.57 0.03
C LYS A 38 -10.34 3.36 0.48
N GLU A 39 -9.20 2.68 0.58
CA GLU A 39 -7.96 3.34 1.00
C GLU A 39 -7.61 4.50 0.08
N VAL A 40 -7.31 4.18 -1.17
CA VAL A 40 -6.96 5.20 -2.15
C VAL A 40 -8.01 6.31 -2.20
N GLN A 41 -7.55 7.54 -2.40
CA GLN A 41 -8.45 8.69 -2.45
C GLN A 41 -8.05 9.63 -3.59
N ASP A 42 -8.74 10.76 -3.67
CA ASP A 42 -8.45 11.75 -4.70
C ASP A 42 -8.71 11.17 -6.09
N GLY A 43 -9.61 10.19 -6.16
CA GLY A 43 -9.93 9.57 -7.44
C GLY A 43 -8.70 9.11 -8.18
N ILE A 44 -8.07 8.05 -7.69
CA ILE A 44 -6.88 7.50 -8.32
C ILE A 44 -7.01 6.00 -8.56
N GLU A 45 -6.42 5.52 -9.65
CA GLU A 45 -6.48 4.11 -9.99
C GLU A 45 -5.08 3.49 -9.98
N LEU A 46 -4.67 3.01 -8.81
CA LEU A 46 -3.35 2.40 -8.66
C LEU A 46 -3.21 1.18 -9.56
N GLN A 47 -2.21 1.20 -10.43
CA GLN A 47 -1.96 0.10 -11.35
C GLN A 47 -0.60 -0.54 -11.10
N ALA A 48 -0.24 -1.51 -11.93
CA ALA A 48 1.04 -2.20 -11.80
C ALA A 48 2.20 -1.27 -12.15
N GLY A 49 3.13 -1.10 -11.22
CA GLY A 49 4.27 -0.25 -11.47
C GLY A 49 4.04 1.17 -10.98
N ASP A 50 3.03 1.36 -10.14
CA ASP A 50 2.71 2.67 -9.61
C ASP A 50 3.18 2.81 -8.17
N GLU A 51 4.09 3.76 -7.94
CA GLU A 51 4.63 3.99 -6.61
C GLU A 51 3.72 4.91 -5.81
N VAL A 52 3.23 4.41 -4.68
CA VAL A 52 2.34 5.19 -3.81
C VAL A 52 2.89 5.27 -2.40
N GLU A 53 2.55 6.35 -1.69
CA GLU A 53 3.01 6.54 -0.32
C GLU A 53 1.91 6.19 0.67
N PHE A 54 2.17 5.19 1.51
CA PHE A 54 1.21 4.76 2.52
C PHE A 54 1.87 4.61 3.89
N SER A 55 1.05 4.56 4.93
CA SER A 55 1.56 4.42 6.29
C SER A 55 1.19 3.06 6.87
N VAL A 56 2.17 2.40 7.49
CA VAL A 56 1.95 1.09 8.08
C VAL A 56 1.10 1.20 9.35
N ILE A 57 -0.06 0.55 9.33
CA ILE A 57 -0.97 0.57 10.47
C ILE A 57 -1.30 -0.84 10.93
N LEU A 58 -1.14 -1.08 12.23
CA LEU A 58 -1.42 -2.40 12.81
C LEU A 58 -2.78 -2.41 13.49
N ASN A 59 -3.57 -3.44 13.23
CA ASN A 59 -4.89 -3.57 13.82
C ASN A 59 -4.88 -4.57 14.97
N GLN A 60 -5.28 -4.11 16.16
CA GLN A 60 -5.31 -4.97 17.34
C GLN A 60 -6.56 -5.83 17.35
N ARG A 61 -7.65 -5.30 16.82
CA ARG A 61 -8.91 -6.02 16.77
C ARG A 61 -8.77 -7.31 15.96
N THR A 62 -8.18 -7.19 14.78
CA THR A 62 -7.99 -8.34 13.91
C THR A 62 -6.59 -8.92 14.07
N GLY A 63 -5.58 -8.10 13.82
CA GLY A 63 -4.21 -8.55 13.94
C GLY A 63 -3.50 -8.63 12.60
N LYS A 64 -3.98 -7.86 11.63
CA LYS A 64 -3.38 -7.84 10.31
C LYS A 64 -2.90 -6.44 9.94
N CYS A 65 -2.13 -6.35 8.86
CA CYS A 65 -1.60 -5.07 8.40
C CYS A 65 -2.28 -4.63 7.11
N SER A 66 -2.28 -3.33 6.85
CA SER A 66 -2.90 -2.78 5.66
C SER A 66 -2.39 -1.36 5.39
N ALA A 67 -2.80 -0.80 4.25
CA ALA A 67 -2.39 0.54 3.87
C ALA A 67 -3.49 1.55 4.16
N CYS A 68 -3.09 2.79 4.44
CA CYS A 68 -4.05 3.85 4.74
C CYS A 68 -3.64 5.15 4.05
N ASN A 69 -4.64 5.90 3.59
CA ASN A 69 -4.39 7.17 2.91
C ASN A 69 -3.38 6.99 1.77
N VAL A 70 -3.62 5.97 0.95
CA VAL A 70 -2.73 5.69 -0.18
C VAL A 70 -2.75 6.83 -1.19
N TRP A 71 -1.66 7.57 -1.26
CA TRP A 71 -1.55 8.69 -2.19
C TRP A 71 -0.49 8.43 -3.25
N ARG A 72 -0.90 8.45 -4.52
CA ARG A 72 0.01 8.20 -5.62
C ARG A 72 1.08 9.29 -5.69
N VAL A 73 2.31 8.93 -5.33
CA VAL A 73 3.42 9.87 -5.36
C VAL A 73 4.13 9.87 -6.71
N SER A 74 4.01 8.74 -7.42
CA SER A 74 4.64 8.61 -8.74
C SER A 74 3.75 7.80 -9.67
N GLY A 75 3.98 7.95 -10.97
CA GLY A 75 3.19 7.23 -11.95
C GLY A 75 3.89 5.96 -12.43
N PRO A 76 3.32 5.31 -13.45
CA PRO A 76 3.86 4.07 -14.01
C PRO A 76 5.17 4.31 -14.76
N SER A 77 5.70 3.25 -15.36
CA SER A 77 6.95 3.34 -16.11
C SER A 77 6.77 2.84 -17.54
N SER A 78 6.36 3.73 -18.43
CA SER A 78 6.15 3.37 -19.83
C SER A 78 7.31 3.85 -20.70
N GLY A 79 7.45 5.18 -20.80
CA GLY A 79 8.51 5.75 -21.59
C GLY A 79 9.86 5.71 -20.90
N GLY A 1 17.06 -4.62 11.79
CA GLY A 1 16.01 -5.53 11.36
C GLY A 1 14.87 -5.62 12.36
N SER A 2 14.37 -4.47 12.79
CA SER A 2 13.28 -4.43 13.75
C SER A 2 11.95 -4.11 13.06
N SER A 3 10.86 -4.56 13.67
CA SER A 3 9.53 -4.33 13.12
C SER A 3 8.94 -3.02 13.63
N GLY A 4 8.74 -2.07 12.72
CA GLY A 4 8.18 -0.78 13.11
C GLY A 4 8.38 0.27 12.04
N SER A 5 7.92 1.49 12.32
CA SER A 5 8.04 2.59 11.37
C SER A 5 7.64 3.91 12.02
N SER A 6 8.27 5.00 11.59
CA SER A 6 7.99 6.32 12.12
C SER A 6 7.29 7.19 11.08
N GLY A 7 7.90 7.29 9.91
CA GLY A 7 7.32 8.08 8.84
C GLY A 7 6.49 7.26 7.87
N LEU A 8 6.49 7.67 6.61
CA LEU A 8 5.73 6.96 5.58
C LEU A 8 6.62 5.98 4.83
N ARG A 9 6.00 5.17 3.97
CA ARG A 9 6.74 4.19 3.19
C ARG A 9 6.28 4.20 1.73
N ARG A 10 7.21 3.91 0.82
CA ARG A 10 6.90 3.90 -0.60
C ARG A 10 7.14 2.51 -1.19
N ALA A 11 6.27 2.11 -2.12
CA ALA A 11 6.39 0.80 -2.76
C ALA A 11 5.53 0.73 -4.02
N THR A 12 5.99 -0.03 -5.00
CA THR A 12 5.27 -0.18 -6.26
C THR A 12 4.31 -1.36 -6.20
N VAL A 13 3.12 -1.18 -6.76
CA VAL A 13 2.11 -2.24 -6.77
C VAL A 13 2.40 -3.27 -7.86
N GLU A 14 2.01 -4.51 -7.62
CA GLU A 14 2.23 -5.58 -8.57
C GLU A 14 1.15 -5.57 -9.66
N CYS A 15 -0.08 -5.85 -9.26
CA CYS A 15 -1.20 -5.88 -10.20
C CYS A 15 -2.50 -5.42 -9.52
N VAL A 16 -3.28 -4.63 -10.23
CA VAL A 16 -4.54 -4.13 -9.70
C VAL A 16 -5.68 -4.32 -10.70
N LYS A 17 -6.45 -5.38 -10.52
CA LYS A 17 -7.56 -5.68 -11.42
C LYS A 17 -8.86 -5.80 -10.63
N ASP A 18 -8.78 -6.39 -9.43
CA ASP A 18 -9.94 -6.58 -8.59
C ASP A 18 -10.02 -5.48 -7.53
N GLN A 19 -11.13 -5.45 -6.80
CA GLN A 19 -11.33 -4.44 -5.76
C GLN A 19 -10.14 -4.40 -4.80
N PHE A 20 -9.49 -5.55 -4.62
CA PHE A 20 -8.34 -5.65 -3.74
C PHE A 20 -7.08 -6.04 -4.51
N GLY A 21 -5.96 -5.41 -4.17
CA GLY A 21 -4.72 -5.71 -4.84
C GLY A 21 -3.58 -5.97 -3.86
N PHE A 22 -2.42 -6.33 -4.40
CA PHE A 22 -1.26 -6.61 -3.57
C PHE A 22 -0.07 -5.75 -4.00
N ILE A 23 0.64 -5.20 -3.02
CA ILE A 23 1.81 -4.37 -3.29
C ILE A 23 3.10 -5.08 -2.93
N ASN A 24 4.15 -4.81 -3.70
CA ASN A 24 5.45 -5.43 -3.47
C ASN A 24 6.16 -4.79 -2.28
N TYR A 25 5.65 -5.07 -1.08
CA TYR A 25 6.23 -4.53 0.14
C TYR A 25 6.31 -5.59 1.22
N GLU A 26 7.52 -5.84 1.72
CA GLU A 26 7.74 -6.82 2.77
C GLU A 26 7.74 -6.18 4.14
N VAL A 27 6.98 -6.76 5.06
CA VAL A 27 6.89 -6.25 6.43
C VAL A 27 7.16 -7.34 7.45
N GLY A 28 8.15 -8.17 7.17
CA GLY A 28 8.49 -9.26 8.08
C GLY A 28 8.14 -10.62 7.52
N ASP A 29 7.28 -11.34 8.24
CA ASP A 29 6.87 -12.67 7.81
C ASP A 29 6.12 -12.60 6.48
N SER A 30 5.34 -11.54 6.30
CA SER A 30 4.58 -11.36 5.07
C SER A 30 5.50 -11.09 3.88
N LYS A 31 4.96 -11.26 2.68
CA LYS A 31 5.74 -11.03 1.46
C LYS A 31 5.17 -9.87 0.67
N LYS A 32 3.88 -9.59 0.86
CA LYS A 32 3.22 -8.51 0.15
C LYS A 32 2.24 -7.78 1.08
N LEU A 33 1.80 -6.60 0.66
CA LEU A 33 0.86 -5.81 1.45
C LEU A 33 -0.55 -5.93 0.90
N PHE A 34 -1.54 -5.56 1.71
CA PHE A 34 -2.93 -5.63 1.30
C PHE A 34 -3.62 -4.28 1.49
N PHE A 35 -4.39 -3.88 0.48
CA PHE A 35 -5.10 -2.60 0.52
C PHE A 35 -6.44 -2.70 -0.21
N HIS A 36 -7.35 -1.79 0.12
CA HIS A 36 -8.66 -1.77 -0.52
C HIS A 36 -8.83 -0.52 -1.39
N VAL A 37 -9.86 -0.53 -2.23
CA VAL A 37 -10.13 0.59 -3.12
C VAL A 37 -10.53 1.84 -2.32
N LYS A 38 -11.09 1.61 -1.13
CA LYS A 38 -11.52 2.72 -0.27
C LYS A 38 -10.32 3.39 0.38
N GLU A 39 -9.24 2.65 0.56
CA GLU A 39 -8.02 3.17 1.17
C GLU A 39 -7.50 4.38 0.38
N VAL A 40 -7.17 4.14 -0.88
CA VAL A 40 -6.67 5.20 -1.75
C VAL A 40 -7.58 6.43 -1.72
N GLN A 41 -6.98 7.60 -1.78
CA GLN A 41 -7.74 8.85 -1.76
C GLN A 41 -7.39 9.72 -2.97
N ASP A 42 -7.95 10.93 -3.01
CA ASP A 42 -7.70 11.86 -4.10
C ASP A 42 -8.20 11.29 -5.43
N GLY A 43 -9.18 10.40 -5.34
CA GLY A 43 -9.75 9.79 -6.54
C GLY A 43 -8.67 9.20 -7.43
N ILE A 44 -7.74 8.46 -6.83
CA ILE A 44 -6.66 7.83 -7.58
C ILE A 44 -6.89 6.33 -7.73
N GLU A 45 -6.45 5.77 -8.84
CA GLU A 45 -6.60 4.34 -9.09
C GLU A 45 -5.24 3.66 -9.19
N LEU A 46 -4.80 3.09 -8.07
CA LEU A 46 -3.51 2.40 -8.02
C LEU A 46 -3.47 1.26 -9.03
N GLN A 47 -2.49 1.33 -9.94
CA GLN A 47 -2.35 0.30 -10.96
C GLN A 47 -1.02 -0.44 -10.80
N ALA A 48 -0.73 -1.34 -11.73
CA ALA A 48 0.50 -2.12 -11.69
C ALA A 48 1.72 -1.23 -11.98
N GLY A 49 2.78 -1.42 -11.21
CA GLY A 49 3.99 -0.64 -11.40
C GLY A 49 3.83 0.79 -10.93
N ASP A 50 2.79 1.04 -10.14
CA ASP A 50 2.53 2.38 -9.62
C ASP A 50 3.08 2.53 -8.20
N GLU A 51 3.92 3.53 -8.00
CA GLU A 51 4.51 3.78 -6.69
C GLU A 51 3.66 4.76 -5.88
N VAL A 52 3.26 4.35 -4.69
CA VAL A 52 2.45 5.19 -3.81
C VAL A 52 3.03 5.26 -2.42
N GLU A 53 2.47 6.13 -1.59
CA GLU A 53 2.94 6.30 -0.21
C GLU A 53 1.85 5.95 0.78
N PHE A 54 2.15 5.02 1.69
CA PHE A 54 1.18 4.60 2.70
C PHE A 54 1.85 4.47 4.06
N SER A 55 1.04 4.41 5.11
CA SER A 55 1.55 4.29 6.47
C SER A 55 1.19 2.94 7.07
N VAL A 56 2.16 2.32 7.75
CA VAL A 56 1.95 1.03 8.37
C VAL A 56 1.07 1.14 9.62
N ILE A 57 -0.19 0.75 9.49
CA ILE A 57 -1.13 0.82 10.61
C ILE A 57 -1.49 -0.58 11.10
N LEU A 58 -1.28 -0.82 12.38
CA LEU A 58 -1.59 -2.12 12.98
C LEU A 58 -2.95 -2.09 13.66
N ASN A 59 -3.77 -3.09 13.40
CA ASN A 59 -5.09 -3.19 14.00
C ASN A 59 -5.10 -4.16 15.18
N GLN A 60 -5.58 -3.69 16.32
CA GLN A 60 -5.64 -4.51 17.52
C GLN A 60 -6.85 -5.46 17.48
N ARG A 61 -7.89 -5.04 16.79
CA ARG A 61 -9.11 -5.85 16.66
C ARG A 61 -8.82 -7.14 15.89
N THR A 62 -8.31 -6.99 14.68
CA THR A 62 -8.01 -8.14 13.84
C THR A 62 -6.59 -8.65 14.11
N GLY A 63 -5.61 -7.77 13.97
CA GLY A 63 -4.23 -8.16 14.21
C GLY A 63 -3.44 -8.28 12.92
N LYS A 64 -3.81 -7.49 11.92
CA LYS A 64 -3.12 -7.51 10.64
C LYS A 64 -2.65 -6.10 10.25
N CYS A 65 -1.93 -6.02 9.13
CA CYS A 65 -1.42 -4.74 8.65
C CYS A 65 -1.97 -4.42 7.27
N SER A 66 -2.09 -3.14 6.97
CA SER A 66 -2.60 -2.70 5.67
C SER A 66 -2.22 -1.24 5.39
N ALA A 67 -2.50 -0.79 4.18
CA ALA A 67 -2.18 0.58 3.78
C ALA A 67 -3.40 1.49 3.93
N CYS A 68 -3.22 2.59 4.65
CA CYS A 68 -4.30 3.54 4.87
C CYS A 68 -3.97 4.90 4.26
N ASN A 69 -5.00 5.57 3.74
CA ASN A 69 -4.81 6.89 3.11
C ASN A 69 -3.71 6.83 2.06
N VAL A 70 -3.70 5.76 1.28
CA VAL A 70 -2.70 5.59 0.23
C VAL A 70 -2.76 6.74 -0.77
N TRP A 71 -1.62 7.39 -0.97
CA TRP A 71 -1.54 8.51 -1.91
C TRP A 71 -0.54 8.22 -3.02
N ARG A 72 -1.00 8.34 -4.27
CA ARG A 72 -0.14 8.09 -5.42
C ARG A 72 0.72 9.31 -5.74
N VAL A 73 2.01 9.09 -5.92
CA VAL A 73 2.93 10.17 -6.24
C VAL A 73 3.58 9.96 -7.60
N SER A 74 3.74 8.70 -7.99
CA SER A 74 4.35 8.36 -9.27
C SER A 74 3.41 8.70 -10.43
N GLY A 75 3.99 9.01 -11.58
CA GLY A 75 3.20 9.35 -12.75
C GLY A 75 3.66 10.65 -13.40
N PRO A 76 2.98 11.02 -14.50
CA PRO A 76 3.32 12.25 -15.25
C PRO A 76 2.96 13.50 -14.47
N SER A 77 3.91 14.00 -13.68
CA SER A 77 3.69 15.20 -12.89
C SER A 77 4.97 16.03 -12.80
N SER A 78 4.81 17.33 -12.56
CA SER A 78 5.95 18.23 -12.46
C SER A 78 6.91 17.76 -11.37
N GLY A 79 8.10 17.33 -11.78
CA GLY A 79 9.10 16.87 -10.84
C GLY A 79 10.27 16.20 -11.51
N GLY A 1 6.49 -8.74 19.62
CA GLY A 1 5.32 -7.93 19.91
C GLY A 1 5.50 -6.49 19.48
N SER A 2 6.74 -6.06 19.36
CA SER A 2 7.04 -4.68 18.95
C SER A 2 7.10 -4.56 17.43
N SER A 3 6.64 -3.42 16.93
CA SER A 3 6.63 -3.17 15.48
C SER A 3 7.77 -2.24 15.09
N GLY A 4 8.04 -1.25 15.92
CA GLY A 4 9.10 -0.30 15.64
C GLY A 4 8.58 1.01 15.10
N SER A 5 9.48 1.84 14.58
CA SER A 5 9.10 3.14 14.04
C SER A 5 8.23 2.98 12.80
N SER A 6 6.93 3.17 12.97
CA SER A 6 5.99 3.04 11.87
C SER A 6 5.71 4.40 11.22
N GLY A 7 5.92 4.49 9.91
CA GLY A 7 5.70 5.73 9.21
C GLY A 7 5.29 5.51 7.76
N LEU A 8 5.44 6.54 6.95
CA LEU A 8 5.09 6.46 5.53
C LEU A 8 6.15 5.69 4.75
N ARG A 9 5.69 4.74 3.93
CA ARG A 9 6.60 3.93 3.12
C ARG A 9 6.21 3.99 1.65
N ARG A 10 7.22 4.05 0.78
CA ARG A 10 6.97 4.10 -0.66
C ARG A 10 7.32 2.77 -1.31
N ALA A 11 6.38 2.25 -2.10
CA ALA A 11 6.57 0.97 -2.79
C ALA A 11 5.73 0.90 -4.06
N THR A 12 6.09 -0.01 -4.95
CA THR A 12 5.37 -0.18 -6.21
C THR A 12 4.36 -1.32 -6.13
N VAL A 13 3.27 -1.18 -6.85
CA VAL A 13 2.23 -2.20 -6.86
C VAL A 13 2.49 -3.25 -7.92
N GLU A 14 2.22 -4.52 -7.59
CA GLU A 14 2.43 -5.61 -8.53
C GLU A 14 1.35 -5.62 -9.60
N CYS A 15 0.11 -5.79 -9.18
CA CYS A 15 -1.02 -5.82 -10.11
C CYS A 15 -2.29 -5.30 -9.45
N VAL A 16 -3.05 -4.49 -10.19
CA VAL A 16 -4.28 -3.93 -9.67
C VAL A 16 -5.46 -4.20 -10.61
N LYS A 17 -6.17 -5.30 -10.34
CA LYS A 17 -7.31 -5.67 -11.17
C LYS A 17 -8.61 -5.59 -10.37
N ASP A 18 -8.81 -6.54 -9.47
CA ASP A 18 -10.01 -6.57 -8.64
C ASP A 18 -10.00 -5.41 -7.64
N GLN A 19 -11.12 -5.23 -6.95
CA GLN A 19 -11.25 -4.16 -5.97
C GLN A 19 -10.10 -4.20 -4.97
N PHE A 20 -9.60 -5.39 -4.68
CA PHE A 20 -8.51 -5.56 -3.74
C PHE A 20 -7.22 -5.92 -4.48
N GLY A 21 -6.13 -5.22 -4.14
CA GLY A 21 -4.86 -5.48 -4.78
C GLY A 21 -3.74 -5.68 -3.77
N PHE A 22 -2.59 -6.13 -4.25
CA PHE A 22 -1.44 -6.37 -3.39
C PHE A 22 -0.25 -5.52 -3.83
N ILE A 23 0.51 -5.02 -2.86
CA ILE A 23 1.67 -4.20 -3.14
C ILE A 23 2.96 -4.94 -2.82
N ASN A 24 4.00 -4.68 -3.60
CA ASN A 24 5.29 -5.32 -3.40
C ASN A 24 6.06 -4.67 -2.27
N TYR A 25 5.61 -4.93 -1.04
CA TYR A 25 6.26 -4.36 0.15
C TYR A 25 5.95 -5.19 1.38
N GLU A 26 7.00 -5.58 2.11
CA GLU A 26 6.84 -6.38 3.31
C GLU A 26 7.08 -5.54 4.56
N VAL A 27 6.04 -5.39 5.37
CA VAL A 27 6.13 -4.60 6.60
C VAL A 27 5.99 -5.50 7.83
N GLY A 28 6.35 -6.76 7.68
CA GLY A 28 6.26 -7.70 8.78
C GLY A 28 6.53 -9.14 8.36
N ASP A 29 5.48 -9.94 8.28
CA ASP A 29 5.61 -11.34 7.89
C ASP A 29 5.14 -11.54 6.46
N SER A 30 4.08 -10.82 6.07
CA SER A 30 3.54 -10.93 4.73
C SER A 30 4.42 -10.18 3.72
N LYS A 31 4.89 -10.91 2.72
CA LYS A 31 5.75 -10.33 1.68
C LYS A 31 5.05 -9.14 1.02
N LYS A 32 3.80 -9.34 0.62
CA LYS A 32 3.03 -8.29 -0.03
C LYS A 32 2.08 -7.62 0.96
N LEU A 33 1.54 -6.48 0.57
CA LEU A 33 0.60 -5.74 1.42
C LEU A 33 -0.83 -5.93 0.95
N PHE A 34 -1.78 -5.58 1.81
CA PHE A 34 -3.20 -5.70 1.48
C PHE A 34 -3.92 -4.38 1.66
N PHE A 35 -4.63 -3.96 0.62
CA PHE A 35 -5.36 -2.69 0.65
C PHE A 35 -6.60 -2.77 -0.23
N HIS A 36 -7.62 -1.98 0.11
CA HIS A 36 -8.86 -1.96 -0.65
C HIS A 36 -9.03 -0.62 -1.36
N VAL A 37 -9.91 -0.59 -2.36
CA VAL A 37 -10.17 0.62 -3.12
C VAL A 37 -10.57 1.77 -2.20
N LYS A 38 -11.14 1.42 -1.05
CA LYS A 38 -11.58 2.42 -0.08
C LYS A 38 -10.39 3.21 0.46
N GLU A 39 -9.24 2.55 0.57
CA GLU A 39 -8.03 3.19 1.07
C GLU A 39 -7.62 4.35 0.18
N VAL A 40 -7.31 4.05 -1.08
CA VAL A 40 -6.90 5.07 -2.03
C VAL A 40 -7.93 6.19 -2.11
N GLN A 41 -7.44 7.43 -2.24
CA GLN A 41 -8.31 8.59 -2.32
C GLN A 41 -7.86 9.53 -3.42
N ASP A 42 -8.50 10.70 -3.49
CA ASP A 42 -8.16 11.69 -4.50
C ASP A 42 -8.42 11.16 -5.91
N GLY A 43 -9.31 10.17 -6.00
CA GLY A 43 -9.63 9.58 -7.29
C GLY A 43 -8.40 9.16 -8.06
N ILE A 44 -7.82 8.02 -7.67
CA ILE A 44 -6.64 7.50 -8.33
C ILE A 44 -6.82 6.05 -8.75
N GLU A 45 -6.18 5.65 -9.84
CA GLU A 45 -6.27 4.30 -10.34
C GLU A 45 -4.92 3.59 -10.28
N LEU A 46 -4.59 3.04 -9.12
CA LEU A 46 -3.33 2.35 -8.94
C LEU A 46 -3.16 1.24 -9.97
N GLN A 47 -2.00 1.21 -10.62
CA GLN A 47 -1.71 0.19 -11.62
C GLN A 47 -0.39 -0.53 -11.33
N ALA A 48 -0.08 -1.54 -12.12
CA ALA A 48 1.14 -2.30 -11.95
C ALA A 48 2.37 -1.43 -12.22
N GLY A 49 3.17 -1.21 -11.19
CA GLY A 49 4.37 -0.39 -11.34
C GLY A 49 4.16 1.04 -10.88
N ASP A 50 3.08 1.27 -10.13
CA ASP A 50 2.77 2.60 -9.63
C ASP A 50 3.25 2.77 -8.19
N GLU A 51 4.20 3.67 -7.99
CA GLU A 51 4.75 3.92 -6.67
C GLU A 51 3.83 4.84 -5.87
N VAL A 52 3.40 4.37 -4.69
CA VAL A 52 2.51 5.14 -3.83
C VAL A 52 3.02 5.15 -2.39
N GLU A 53 2.70 6.21 -1.67
CA GLU A 53 3.12 6.34 -0.28
C GLU A 53 1.96 6.10 0.68
N PHE A 54 2.08 5.06 1.50
CA PHE A 54 1.04 4.72 2.46
C PHE A 54 1.60 4.65 3.88
N SER A 55 0.71 4.70 4.86
CA SER A 55 1.12 4.65 6.27
C SER A 55 0.91 3.25 6.84
N VAL A 56 1.93 2.72 7.48
CA VAL A 56 1.86 1.39 8.07
C VAL A 56 0.97 1.39 9.32
N ILE A 57 -0.22 0.81 9.18
CA ILE A 57 -1.16 0.74 10.29
C ILE A 57 -1.32 -0.69 10.79
N LEU A 58 -1.09 -0.89 12.08
CA LEU A 58 -1.21 -2.21 12.68
C LEU A 58 -2.36 -2.25 13.68
N ASN A 59 -3.33 -3.15 13.43
CA ASN A 59 -4.48 -3.28 14.31
C ASN A 59 -4.16 -4.21 15.47
N GLN A 60 -3.76 -3.62 16.60
CA GLN A 60 -3.43 -4.39 17.79
C GLN A 60 -4.56 -5.35 18.16
N ARG A 61 -5.79 -4.95 17.82
CA ARG A 61 -6.95 -5.77 18.12
C ARG A 61 -6.83 -7.15 17.47
N THR A 62 -6.60 -7.16 16.16
CA THR A 62 -6.46 -8.40 15.41
C THR A 62 -5.01 -8.89 15.42
N GLY A 63 -4.13 -8.12 14.79
CA GLY A 63 -2.73 -8.48 14.73
C GLY A 63 -2.21 -8.57 13.31
N LYS A 64 -2.79 -7.77 12.42
CA LYS A 64 -2.38 -7.76 11.02
C LYS A 64 -2.00 -6.36 10.57
N CYS A 65 -1.24 -6.28 9.48
CA CYS A 65 -0.81 -4.98 8.95
C CYS A 65 -1.62 -4.61 7.71
N SER A 66 -1.73 -3.31 7.46
CA SER A 66 -2.48 -2.81 6.31
C SER A 66 -2.02 -1.42 5.91
N ALA A 67 -2.53 -0.93 4.79
CA ALA A 67 -2.17 0.40 4.30
C ALA A 67 -3.34 1.37 4.43
N CYS A 68 -3.03 2.65 4.59
CA CYS A 68 -4.05 3.68 4.74
C CYS A 68 -3.59 4.99 4.09
N ASN A 69 -4.56 5.77 3.62
CA ASN A 69 -4.26 7.05 2.98
C ASN A 69 -3.29 6.86 1.82
N VAL A 70 -3.48 5.78 1.06
CA VAL A 70 -2.62 5.48 -0.08
C VAL A 70 -2.65 6.62 -1.09
N TRP A 71 -1.51 7.29 -1.24
CA TRP A 71 -1.39 8.41 -2.18
C TRP A 71 -0.37 8.10 -3.26
N ARG A 72 -0.73 8.38 -4.51
CA ARG A 72 0.16 8.13 -5.64
C ARG A 72 1.04 9.33 -5.91
N VAL A 73 2.35 9.10 -5.95
CA VAL A 73 3.31 10.17 -6.20
C VAL A 73 4.00 10.00 -7.54
N SER A 74 4.09 8.76 -8.00
CA SER A 74 4.72 8.45 -9.28
C SER A 74 3.69 8.00 -10.31
N GLY A 75 4.05 8.10 -11.59
CA GLY A 75 3.15 7.71 -12.65
C GLY A 75 3.61 6.46 -13.37
N PRO A 76 2.76 5.94 -14.27
CA PRO A 76 3.07 4.74 -15.05
C PRO A 76 4.17 4.98 -16.09
N SER A 77 4.65 3.91 -16.69
CA SER A 77 5.70 4.00 -17.70
C SER A 77 5.70 2.78 -18.61
N SER A 78 5.61 3.03 -19.92
CA SER A 78 5.59 1.94 -20.89
C SER A 78 6.34 2.34 -22.15
N GLY A 79 6.60 1.36 -23.02
CA GLY A 79 7.31 1.63 -24.26
C GLY A 79 8.79 1.27 -24.16
N GLY A 1 14.92 -3.26 15.70
CA GLY A 1 15.73 -3.27 14.49
C GLY A 1 14.91 -3.03 13.24
N SER A 2 14.29 -1.85 13.15
CA SER A 2 13.47 -1.51 12.00
C SER A 2 12.37 -2.56 11.79
N SER A 3 11.87 -3.12 12.89
CA SER A 3 10.82 -4.13 12.82
C SER A 3 9.44 -3.48 12.94
N GLY A 4 9.38 -2.38 13.68
CA GLY A 4 8.11 -1.68 13.86
C GLY A 4 8.24 -0.18 13.68
N SER A 5 7.69 0.34 12.60
CA SER A 5 7.75 1.77 12.31
C SER A 5 6.36 2.33 12.06
N SER A 6 6.20 3.63 12.30
CA SER A 6 4.92 4.29 12.10
C SER A 6 5.07 5.50 11.19
N GLY A 7 5.94 5.38 10.20
CA GLY A 7 6.17 6.47 9.26
C GLY A 7 5.66 6.15 7.87
N LEU A 8 5.84 7.09 6.94
CA LEU A 8 5.40 6.91 5.57
C LEU A 8 6.37 6.02 4.80
N ARG A 9 5.82 5.14 3.96
CA ARG A 9 6.63 4.23 3.17
C ARG A 9 6.21 4.25 1.70
N ARG A 10 7.16 3.98 0.81
CA ARG A 10 6.88 3.98 -0.62
C ARG A 10 7.10 2.58 -1.20
N ALA A 11 6.17 2.16 -2.07
CA ALA A 11 6.26 0.85 -2.71
C ALA A 11 5.42 0.80 -3.97
N THR A 12 5.84 -0.03 -4.93
CA THR A 12 5.11 -0.17 -6.18
C THR A 12 4.16 -1.36 -6.14
N VAL A 13 3.00 -1.22 -6.79
CA VAL A 13 2.01 -2.28 -6.82
C VAL A 13 2.36 -3.33 -7.86
N GLU A 14 1.97 -4.57 -7.59
CA GLU A 14 2.25 -5.67 -8.50
C GLU A 14 1.22 -5.74 -9.63
N CYS A 15 -0.04 -5.92 -9.25
CA CYS A 15 -1.13 -6.00 -10.21
C CYS A 15 -2.44 -5.53 -9.61
N VAL A 16 -3.08 -4.57 -10.28
CA VAL A 16 -4.35 -4.03 -9.80
C VAL A 16 -5.48 -4.34 -10.76
N LYS A 17 -5.99 -5.58 -10.71
CA LYS A 17 -7.07 -6.00 -11.58
C LYS A 17 -8.41 -5.89 -10.86
N ASP A 18 -8.49 -6.44 -9.66
CA ASP A 18 -9.71 -6.40 -8.87
C ASP A 18 -9.70 -5.22 -7.91
N GLN A 19 -10.83 -4.98 -7.25
CA GLN A 19 -10.96 -3.89 -6.29
C GLN A 19 -9.83 -3.93 -5.27
N PHE A 20 -9.35 -5.14 -4.98
CA PHE A 20 -8.27 -5.32 -4.01
C PHE A 20 -7.02 -5.84 -4.70
N GLY A 21 -5.88 -5.25 -4.35
CA GLY A 21 -4.62 -5.67 -4.94
C GLY A 21 -3.55 -5.92 -3.89
N PHE A 22 -2.33 -6.19 -4.35
CA PHE A 22 -1.20 -6.45 -3.45
C PHE A 22 -0.02 -5.56 -3.80
N ILE A 23 0.63 -5.02 -2.78
CA ILE A 23 1.79 -4.16 -2.97
C ILE A 23 3.10 -4.91 -2.68
N ASN A 24 4.13 -4.60 -3.44
CA ASN A 24 5.43 -5.23 -3.28
C ASN A 24 6.19 -4.63 -2.09
N TYR A 25 5.68 -4.87 -0.89
CA TYR A 25 6.31 -4.35 0.32
C TYR A 25 6.24 -5.35 1.45
N GLU A 26 7.39 -5.63 2.07
CA GLU A 26 7.46 -6.58 3.18
C GLU A 26 7.40 -5.87 4.52
N VAL A 27 6.52 -6.34 5.40
CA VAL A 27 6.36 -5.74 6.72
C VAL A 27 6.62 -6.77 7.82
N GLY A 28 7.69 -7.54 7.66
CA GLY A 28 8.02 -8.55 8.65
C GLY A 28 7.75 -9.96 8.16
N ASP A 29 6.48 -10.26 7.92
CA ASP A 29 6.09 -11.58 7.44
C ASP A 29 5.40 -11.49 6.09
N SER A 30 4.39 -10.63 5.99
CA SER A 30 3.66 -10.45 4.74
C SER A 30 4.54 -9.80 3.68
N LYS A 31 5.06 -10.61 2.77
CA LYS A 31 5.92 -10.11 1.70
C LYS A 31 5.23 -8.99 0.93
N LYS A 32 3.91 -9.03 0.88
CA LYS A 32 3.13 -8.02 0.19
C LYS A 32 2.08 -7.40 1.10
N LEU A 33 1.61 -6.22 0.75
CA LEU A 33 0.60 -5.52 1.54
C LEU A 33 -0.79 -5.69 0.92
N PHE A 34 -1.82 -5.39 1.71
CA PHE A 34 -3.19 -5.50 1.24
C PHE A 34 -3.92 -4.16 1.34
N PHE A 35 -4.52 -3.74 0.23
CA PHE A 35 -5.24 -2.48 0.18
C PHE A 35 -6.51 -2.60 -0.66
N HIS A 36 -7.51 -1.80 -0.33
CA HIS A 36 -8.77 -1.81 -1.08
C HIS A 36 -8.98 -0.51 -1.84
N VAL A 37 -9.98 -0.49 -2.71
CA VAL A 37 -10.27 0.69 -3.50
C VAL A 37 -10.73 1.85 -2.62
N LYS A 38 -11.29 1.50 -1.46
CA LYS A 38 -11.77 2.52 -0.52
C LYS A 38 -10.61 3.24 0.15
N GLU A 39 -9.46 2.56 0.22
CA GLU A 39 -8.26 3.14 0.83
C GLU A 39 -7.79 4.37 0.05
N VAL A 40 -7.35 4.14 -1.17
CA VAL A 40 -6.87 5.23 -2.02
C VAL A 40 -7.89 6.36 -2.09
N GLN A 41 -7.43 7.58 -1.86
CA GLN A 41 -8.29 8.75 -1.89
C GLN A 41 -7.90 9.69 -3.04
N ASP A 42 -8.53 10.86 -3.07
CA ASP A 42 -8.25 11.84 -4.12
C ASP A 42 -8.59 11.29 -5.49
N GLY A 43 -9.50 10.31 -5.52
CA GLY A 43 -9.89 9.71 -6.78
C GLY A 43 -8.71 9.24 -7.60
N ILE A 44 -7.78 8.55 -6.95
CA ILE A 44 -6.59 8.05 -7.63
C ILE A 44 -6.67 6.54 -7.84
N GLU A 45 -6.12 6.07 -8.96
CA GLU A 45 -6.14 4.65 -9.28
C GLU A 45 -4.72 4.09 -9.36
N LEU A 46 -4.48 3.00 -8.64
CA LEU A 46 -3.17 2.36 -8.63
C LEU A 46 -3.10 1.22 -9.63
N GLN A 47 -2.00 1.16 -10.38
CA GLN A 47 -1.82 0.12 -11.38
C GLN A 47 -0.51 -0.65 -11.14
N ALA A 48 -0.23 -1.61 -12.00
CA ALA A 48 0.98 -2.41 -11.88
C ALA A 48 2.22 -1.58 -12.18
N GLY A 49 3.04 -1.35 -11.16
CA GLY A 49 4.24 -0.56 -11.34
C GLY A 49 4.07 0.88 -10.91
N ASP A 50 3.00 1.15 -10.16
CA ASP A 50 2.73 2.49 -9.68
C ASP A 50 3.17 2.66 -8.23
N GLU A 51 4.17 3.51 -8.02
CA GLU A 51 4.69 3.76 -6.68
C GLU A 51 3.77 4.70 -5.90
N VAL A 52 3.38 4.28 -4.70
CA VAL A 52 2.49 5.08 -3.87
C VAL A 52 3.05 5.18 -2.45
N GLU A 53 2.58 6.20 -1.72
CA GLU A 53 3.03 6.41 -0.35
C GLU A 53 1.91 6.12 0.65
N PHE A 54 2.12 5.13 1.50
CA PHE A 54 1.12 4.75 2.50
C PHE A 54 1.75 4.65 3.88
N SER A 55 0.90 4.63 4.91
CA SER A 55 1.37 4.54 6.28
C SER A 55 1.05 3.17 6.88
N VAL A 56 2.06 2.56 7.51
CA VAL A 56 1.89 1.25 8.12
C VAL A 56 1.06 1.34 9.40
N ILE A 57 0.07 0.47 9.52
CA ILE A 57 -0.79 0.46 10.70
C ILE A 57 -0.88 -0.95 11.28
N LEU A 58 -0.74 -1.04 12.61
CA LEU A 58 -0.82 -2.32 13.29
C LEU A 58 -2.01 -2.36 14.25
N ASN A 59 -2.67 -3.51 14.32
CA ASN A 59 -3.82 -3.69 15.18
C ASN A 59 -3.52 -4.67 16.30
N GLN A 60 -3.78 -4.26 17.53
CA GLN A 60 -3.54 -5.11 18.69
C GLN A 60 -4.68 -6.10 18.89
N ARG A 61 -5.88 -5.72 18.47
CA ARG A 61 -7.05 -6.57 18.60
C ARG A 61 -6.89 -7.84 17.77
N THR A 62 -6.52 -7.67 16.50
CA THR A 62 -6.33 -8.80 15.60
C THR A 62 -4.87 -9.22 15.54
N GLY A 63 -4.01 -8.29 15.16
CA GLY A 63 -2.59 -8.58 15.07
C GLY A 63 -2.09 -8.56 13.63
N LYS A 64 -2.82 -7.89 12.76
CA LYS A 64 -2.44 -7.79 11.35
C LYS A 64 -2.16 -6.35 10.96
N CYS A 65 -1.70 -6.16 9.72
CA CYS A 65 -1.38 -4.83 9.22
C CYS A 65 -1.99 -4.61 7.84
N SER A 66 -2.10 -3.34 7.43
CA SER A 66 -2.67 -3.00 6.14
C SER A 66 -2.32 -1.57 5.76
N ALA A 67 -2.73 -1.16 4.56
CA ALA A 67 -2.46 0.18 4.07
C ALA A 67 -3.63 1.11 4.37
N CYS A 68 -3.38 2.41 4.25
CA CYS A 68 -4.42 3.42 4.52
C CYS A 68 -4.06 4.75 3.88
N ASN A 69 -5.07 5.47 3.40
CA ASN A 69 -4.85 6.77 2.77
C ASN A 69 -3.79 6.67 1.67
N VAL A 70 -3.81 5.56 0.93
CA VAL A 70 -2.86 5.34 -0.15
C VAL A 70 -2.89 6.49 -1.14
N TRP A 71 -1.76 7.20 -1.25
CA TRP A 71 -1.66 8.33 -2.17
C TRP A 71 -0.57 8.09 -3.21
N ARG A 72 -0.95 8.15 -4.48
CA ARG A 72 -0.01 7.93 -5.57
C ARG A 72 1.04 9.02 -5.60
N VAL A 73 2.31 8.64 -5.48
CA VAL A 73 3.41 9.59 -5.49
C VAL A 73 4.19 9.51 -6.81
N SER A 74 4.13 8.35 -7.45
CA SER A 74 4.83 8.15 -8.72
C SER A 74 4.40 9.19 -9.75
N GLY A 75 5.13 9.25 -10.86
CA GLY A 75 4.82 10.20 -11.90
C GLY A 75 3.52 9.87 -12.62
N PRO A 76 3.25 10.59 -13.71
CA PRO A 76 2.03 10.40 -14.51
C PRO A 76 2.05 9.08 -15.28
N SER A 77 3.26 8.56 -15.52
CA SER A 77 3.41 7.31 -16.25
C SER A 77 2.68 7.35 -17.58
N SER A 78 2.59 8.55 -18.15
CA SER A 78 1.89 8.73 -19.43
C SER A 78 2.88 9.18 -20.51
N GLY A 79 3.74 10.13 -20.17
CA GLY A 79 4.72 10.63 -21.12
C GLY A 79 4.10 11.54 -22.16
N GLY A 1 15.92 5.61 22.60
CA GLY A 1 16.09 4.20 22.94
C GLY A 1 14.91 3.36 22.50
N SER A 2 14.61 3.38 21.20
CA SER A 2 13.49 2.61 20.66
C SER A 2 13.85 2.02 19.30
N SER A 3 13.63 0.73 19.15
CA SER A 3 13.92 0.04 17.90
C SER A 3 12.91 0.40 16.82
N GLY A 4 13.40 0.89 15.69
CA GLY A 4 12.53 1.27 14.59
C GLY A 4 11.75 2.54 14.88
N SER A 5 11.69 3.43 13.90
CA SER A 5 10.98 4.70 14.06
C SER A 5 9.74 4.73 13.17
N SER A 6 8.84 5.68 13.47
CA SER A 6 7.60 5.82 12.70
C SER A 6 7.81 6.77 11.53
N GLY A 7 7.28 6.39 10.37
CA GLY A 7 7.41 7.22 9.18
C GLY A 7 6.64 6.66 8.00
N LEU A 8 6.68 7.39 6.89
CA LEU A 8 5.98 6.96 5.68
C LEU A 8 6.84 6.00 4.86
N ARG A 9 6.20 5.22 3.99
CA ARG A 9 6.90 4.27 3.15
C ARG A 9 6.38 4.32 1.72
N ARG A 10 7.26 4.01 0.77
CA ARG A 10 6.90 4.02 -0.65
C ARG A 10 7.18 2.67 -1.30
N ALA A 11 6.32 2.27 -2.21
CA ALA A 11 6.48 0.99 -2.91
C ALA A 11 5.58 0.93 -4.14
N THR A 12 6.00 0.14 -5.14
CA THR A 12 5.22 -0.01 -6.36
C THR A 12 4.29 -1.21 -6.27
N VAL A 13 3.13 -1.08 -6.90
CA VAL A 13 2.13 -2.16 -6.90
C VAL A 13 2.48 -3.23 -7.93
N GLU A 14 2.10 -4.47 -7.64
CA GLU A 14 2.37 -5.58 -8.54
C GLU A 14 1.32 -5.66 -9.64
N CYS A 15 0.05 -5.72 -9.24
CA CYS A 15 -1.05 -5.80 -10.18
C CYS A 15 -2.36 -5.37 -9.52
N VAL A 16 -3.17 -4.60 -10.25
CA VAL A 16 -4.44 -4.13 -9.73
C VAL A 16 -5.55 -4.30 -10.77
N LYS A 17 -6.39 -5.31 -10.55
CA LYS A 17 -7.50 -5.58 -11.47
C LYS A 17 -8.81 -5.73 -10.71
N ASP A 18 -8.76 -6.41 -9.57
CA ASP A 18 -9.93 -6.61 -8.75
C ASP A 18 -10.06 -5.53 -7.68
N GLN A 19 -11.17 -5.52 -6.97
CA GLN A 19 -11.42 -4.54 -5.92
C GLN A 19 -10.24 -4.50 -4.93
N PHE A 20 -9.59 -5.64 -4.76
CA PHE A 20 -8.46 -5.73 -3.86
C PHE A 20 -7.18 -6.11 -4.60
N GLY A 21 -6.06 -5.53 -4.19
CA GLY A 21 -4.79 -5.81 -4.83
C GLY A 21 -3.68 -6.06 -3.84
N PHE A 22 -2.45 -6.16 -4.33
CA PHE A 22 -1.30 -6.41 -3.48
C PHE A 22 -0.13 -5.50 -3.87
N ILE A 23 0.48 -4.87 -2.87
CA ILE A 23 1.61 -3.97 -3.11
C ILE A 23 2.93 -4.66 -2.78
N ASN A 24 3.98 -4.28 -3.51
CA ASN A 24 5.30 -4.85 -3.30
C ASN A 24 5.98 -4.24 -2.07
N TYR A 25 5.61 -4.75 -0.90
CA TYR A 25 6.19 -4.25 0.36
C TYR A 25 6.14 -5.32 1.44
N GLU A 26 7.30 -5.63 2.01
CA GLU A 26 7.39 -6.65 3.05
C GLU A 26 7.46 -5.99 4.43
N VAL A 27 6.55 -6.38 5.31
CA VAL A 27 6.51 -5.84 6.66
C VAL A 27 6.58 -6.96 7.70
N GLY A 28 7.45 -7.93 7.46
CA GLY A 28 7.60 -9.03 8.38
C GLY A 28 7.58 -10.38 7.69
N ASP A 29 6.45 -11.07 7.78
CA ASP A 29 6.30 -12.38 7.16
C ASP A 29 5.76 -12.24 5.74
N SER A 30 4.80 -11.34 5.56
CA SER A 30 4.20 -11.11 4.24
C SER A 30 5.13 -10.31 3.35
N LYS A 31 5.30 -10.77 2.11
CA LYS A 31 6.16 -10.09 1.16
C LYS A 31 5.46 -8.90 0.53
N LYS A 32 4.13 -8.99 0.42
CA LYS A 32 3.33 -7.92 -0.16
C LYS A 32 2.26 -7.45 0.82
N LEU A 33 1.81 -6.21 0.64
CA LEU A 33 0.79 -5.64 1.52
C LEU A 33 -0.59 -5.70 0.85
N PHE A 34 -1.64 -5.51 1.65
CA PHE A 34 -2.99 -5.55 1.15
C PHE A 34 -3.66 -4.18 1.26
N PHE A 35 -4.46 -3.83 0.27
CA PHE A 35 -5.15 -2.54 0.26
C PHE A 35 -6.48 -2.64 -0.48
N HIS A 36 -7.42 -1.77 -0.13
CA HIS A 36 -8.74 -1.76 -0.76
C HIS A 36 -8.94 -0.50 -1.59
N VAL A 37 -9.95 -0.52 -2.45
CA VAL A 37 -10.25 0.62 -3.30
C VAL A 37 -10.76 1.80 -2.48
N LYS A 38 -11.30 1.51 -1.31
CA LYS A 38 -11.83 2.55 -0.43
C LYS A 38 -10.69 3.30 0.26
N GLU A 39 -9.55 2.64 0.41
CA GLU A 39 -8.39 3.25 1.05
C GLU A 39 -7.89 4.45 0.25
N VAL A 40 -7.45 4.20 -0.98
CA VAL A 40 -6.95 5.25 -1.85
C VAL A 40 -7.94 6.40 -1.94
N GLN A 41 -7.49 7.60 -1.59
CA GLN A 41 -8.35 8.78 -1.63
C GLN A 41 -8.13 9.56 -2.92
N ASP A 42 -8.78 10.72 -3.04
CA ASP A 42 -8.65 11.56 -4.21
C ASP A 42 -9.09 10.81 -5.47
N GLY A 43 -9.88 9.76 -5.28
CA GLY A 43 -10.35 8.98 -6.40
C GLY A 43 -9.22 8.52 -7.31
N ILE A 44 -8.04 8.36 -6.73
CA ILE A 44 -6.87 7.92 -7.48
C ILE A 44 -6.90 6.41 -7.72
N GLU A 45 -6.36 5.99 -8.86
CA GLU A 45 -6.33 4.57 -9.21
C GLU A 45 -4.90 4.06 -9.26
N LEU A 46 -4.63 2.98 -8.53
CA LEU A 46 -3.29 2.39 -8.49
C LEU A 46 -3.21 1.17 -9.39
N GLN A 47 -2.25 1.18 -10.31
CA GLN A 47 -2.07 0.07 -11.24
C GLN A 47 -0.71 -0.59 -11.03
N ALA A 48 -0.40 -1.57 -11.89
CA ALA A 48 0.88 -2.27 -11.80
C ALA A 48 2.04 -1.35 -12.14
N GLY A 49 2.99 -1.24 -11.23
CA GLY A 49 4.14 -0.39 -11.45
C GLY A 49 3.91 1.04 -11.00
N ASP A 50 2.86 1.24 -10.20
CA ASP A 50 2.52 2.57 -9.70
C ASP A 50 2.97 2.73 -8.24
N GLU A 51 3.95 3.59 -8.02
CA GLU A 51 4.46 3.83 -6.67
C GLU A 51 3.46 4.64 -5.85
N VAL A 52 3.20 4.19 -4.62
CA VAL A 52 2.27 4.86 -3.74
C VAL A 52 2.81 4.93 -2.31
N GLU A 53 2.42 5.97 -1.58
CA GLU A 53 2.87 6.15 -0.21
C GLU A 53 1.75 5.80 0.77
N PHE A 54 2.09 5.03 1.80
CA PHE A 54 1.12 4.62 2.81
C PHE A 54 1.77 4.50 4.19
N SER A 55 0.95 4.46 5.22
CA SER A 55 1.45 4.36 6.59
C SER A 55 1.13 2.98 7.17
N VAL A 56 2.14 2.38 7.81
CA VAL A 56 1.97 1.06 8.42
C VAL A 56 1.17 1.15 9.71
N ILE A 57 -0.07 0.67 9.66
CA ILE A 57 -0.94 0.69 10.83
C ILE A 57 -1.25 -0.72 11.32
N LEU A 58 -0.99 -0.96 12.60
CA LEU A 58 -1.23 -2.27 13.20
C LEU A 58 -2.52 -2.27 14.00
N ASN A 59 -3.37 -3.28 13.78
CA ASN A 59 -4.63 -3.38 14.49
C ASN A 59 -4.48 -4.28 15.72
N GLN A 60 -4.87 -3.75 16.88
CA GLN A 60 -4.79 -4.50 18.13
C GLN A 60 -5.94 -5.48 18.25
N ARG A 61 -7.08 -5.15 17.64
CA ARG A 61 -8.25 -6.00 17.69
C ARG A 61 -8.04 -7.27 16.88
N THR A 62 -7.55 -7.12 15.65
CA THR A 62 -7.30 -8.25 14.78
C THR A 62 -5.86 -8.75 14.92
N GLY A 63 -4.90 -7.87 14.64
CA GLY A 63 -3.51 -8.23 14.75
C GLY A 63 -2.84 -8.35 13.40
N LYS A 64 -3.34 -7.61 12.42
CA LYS A 64 -2.79 -7.64 11.07
C LYS A 64 -2.42 -6.23 10.62
N CYS A 65 -1.85 -6.13 9.41
CA CYS A 65 -1.45 -4.85 8.86
C CYS A 65 -2.28 -4.50 7.63
N SER A 66 -2.32 -3.22 7.28
CA SER A 66 -3.08 -2.75 6.13
C SER A 66 -2.59 -1.39 5.66
N ALA A 67 -2.88 -1.05 4.41
CA ALA A 67 -2.47 0.24 3.85
C ALA A 67 -3.56 1.28 4.03
N CYS A 68 -3.25 2.33 4.80
CA CYS A 68 -4.20 3.41 5.05
C CYS A 68 -3.70 4.72 4.46
N ASN A 69 -4.63 5.54 3.99
CA ASN A 69 -4.29 6.83 3.39
C ASN A 69 -3.29 6.66 2.26
N VAL A 70 -3.64 5.84 1.27
CA VAL A 70 -2.78 5.59 0.13
C VAL A 70 -2.79 6.78 -0.83
N TRP A 71 -1.62 7.11 -1.37
CA TRP A 71 -1.49 8.21 -2.31
C TRP A 71 -0.50 7.87 -3.42
N ARG A 72 -0.90 8.15 -4.66
CA ARG A 72 -0.05 7.87 -5.82
C ARG A 72 1.14 8.83 -5.86
N VAL A 73 2.34 8.29 -5.75
CA VAL A 73 3.56 9.10 -5.78
C VAL A 73 4.18 9.11 -7.17
N SER A 74 3.91 8.06 -7.94
CA SER A 74 4.44 7.95 -9.29
C SER A 74 3.59 7.01 -10.14
N GLY A 75 3.36 7.39 -11.38
CA GLY A 75 2.55 6.58 -12.28
C GLY A 75 2.80 6.91 -13.73
N PRO A 76 2.21 6.10 -14.64
CA PRO A 76 2.35 6.30 -16.08
C PRO A 76 1.61 7.55 -16.57
N SER A 77 1.69 7.79 -17.88
CA SER A 77 1.04 8.95 -18.47
C SER A 77 0.08 8.53 -19.59
N SER A 78 -0.68 7.47 -19.33
CA SER A 78 -1.63 6.96 -20.32
C SER A 78 -2.87 7.84 -20.38
N GLY A 79 -3.79 7.50 -21.28
CA GLY A 79 -5.01 8.27 -21.42
C GLY A 79 -5.86 8.24 -20.16
N GLY A 1 5.10 -6.73 21.25
CA GLY A 1 5.18 -6.82 19.81
C GLY A 1 5.21 -5.46 19.14
N SER A 2 6.39 -4.82 19.15
CA SER A 2 6.55 -3.51 18.54
C SER A 2 7.98 -3.30 18.09
N SER A 3 8.17 -2.32 17.20
CA SER A 3 9.50 -2.02 16.68
C SER A 3 9.83 -0.54 16.85
N GLY A 4 8.83 0.31 16.61
CA GLY A 4 9.03 1.74 16.73
C GLY A 4 8.07 2.54 15.86
N SER A 5 8.48 3.75 15.50
CA SER A 5 7.66 4.61 14.65
C SER A 5 8.26 4.74 13.25
N SER A 6 7.82 3.86 12.35
CA SER A 6 8.31 3.87 10.98
C SER A 6 7.82 5.12 10.23
N GLY A 7 6.51 5.25 10.14
CA GLY A 7 5.93 6.39 9.45
C GLY A 7 5.39 6.03 8.07
N LEU A 8 5.57 6.94 7.12
CA LEU A 8 5.10 6.72 5.76
C LEU A 8 6.11 5.88 4.98
N ARG A 9 5.60 5.05 4.07
CA ARG A 9 6.45 4.19 3.25
C ARG A 9 6.01 4.22 1.79
N ARG A 10 6.92 3.87 0.89
CA ARG A 10 6.63 3.86 -0.53
C ARG A 10 6.94 2.50 -1.14
N ALA A 11 6.10 2.07 -2.08
CA ALA A 11 6.27 0.78 -2.74
C ALA A 11 5.44 0.69 -4.01
N THR A 12 5.95 -0.02 -5.00
CA THR A 12 5.24 -0.18 -6.27
C THR A 12 4.22 -1.30 -6.19
N VAL A 13 3.06 -1.09 -6.83
CA VAL A 13 2.01 -2.09 -6.83
C VAL A 13 2.31 -3.22 -7.81
N GLU A 14 1.95 -4.45 -7.43
CA GLU A 14 2.19 -5.61 -8.28
C GLU A 14 1.20 -5.64 -9.44
N CYS A 15 -0.08 -5.50 -9.12
CA CYS A 15 -1.13 -5.51 -10.14
C CYS A 15 -2.47 -5.12 -9.54
N VAL A 16 -3.15 -4.17 -10.19
CA VAL A 16 -4.44 -3.71 -9.72
C VAL A 16 -5.54 -4.03 -10.72
N LYS A 17 -5.94 -5.30 -10.76
CA LYS A 17 -6.98 -5.74 -11.68
C LYS A 17 -8.35 -5.70 -11.00
N ASP A 18 -8.45 -6.31 -9.82
CA ASP A 18 -9.70 -6.34 -9.07
C ASP A 18 -9.74 -5.19 -8.07
N GLN A 19 -10.91 -5.02 -7.44
CA GLN A 19 -11.10 -3.96 -6.45
C GLN A 19 -9.99 -4.01 -5.39
N PHE A 20 -9.48 -5.21 -5.12
CA PHE A 20 -8.43 -5.40 -4.13
C PHE A 20 -7.13 -5.84 -4.80
N GLY A 21 -6.03 -5.18 -4.44
CA GLY A 21 -4.74 -5.53 -5.02
C GLY A 21 -3.68 -5.74 -3.96
N PHE A 22 -2.46 -6.01 -4.39
CA PHE A 22 -1.35 -6.24 -3.48
C PHE A 22 -0.17 -5.34 -3.83
N ILE A 23 0.58 -4.93 -2.80
CA ILE A 23 1.75 -4.08 -3.01
C ILE A 23 3.04 -4.82 -2.71
N ASN A 24 4.08 -4.52 -3.48
CA ASN A 24 5.37 -5.17 -3.31
C ASN A 24 6.13 -4.55 -2.13
N TYR A 25 5.72 -4.88 -0.92
CA TYR A 25 6.36 -4.34 0.28
C TYR A 25 6.55 -5.43 1.32
N GLU A 26 7.65 -5.35 2.07
CA GLU A 26 7.95 -6.33 3.11
C GLU A 26 7.58 -5.79 4.49
N VAL A 27 6.88 -6.61 5.27
CA VAL A 27 6.47 -6.21 6.61
C VAL A 27 6.85 -7.28 7.63
N GLY A 28 7.90 -8.04 7.33
CA GLY A 28 8.35 -9.09 8.24
C GLY A 28 8.09 -10.47 7.68
N ASP A 29 6.98 -11.07 8.07
CA ASP A 29 6.63 -12.42 7.60
C ASP A 29 6.44 -12.43 6.09
N SER A 30 5.32 -11.87 5.63
CA SER A 30 5.02 -11.83 4.20
C SER A 30 5.75 -10.67 3.53
N LYS A 31 5.96 -10.79 2.23
CA LYS A 31 6.64 -9.75 1.46
C LYS A 31 5.66 -9.00 0.56
N LYS A 32 4.40 -8.97 0.98
CA LYS A 32 3.36 -8.28 0.22
C LYS A 32 2.27 -7.73 1.14
N LEU A 33 1.84 -6.50 0.87
CA LEU A 33 0.81 -5.87 1.69
C LEU A 33 -0.54 -5.90 0.97
N PHE A 34 -1.61 -5.69 1.72
CA PHE A 34 -2.96 -5.69 1.16
C PHE A 34 -3.61 -4.32 1.30
N PHE A 35 -4.41 -3.95 0.31
CA PHE A 35 -5.10 -2.65 0.32
C PHE A 35 -6.35 -2.70 -0.55
N HIS A 36 -7.37 -1.95 -0.14
CA HIS A 36 -8.62 -1.90 -0.89
C HIS A 36 -8.78 -0.56 -1.58
N VAL A 37 -9.63 -0.53 -2.61
CA VAL A 37 -9.87 0.71 -3.36
C VAL A 37 -10.28 1.85 -2.43
N LYS A 38 -10.89 1.50 -1.32
CA LYS A 38 -11.33 2.49 -0.34
C LYS A 38 -10.14 3.30 0.17
N GLU A 39 -8.98 2.67 0.24
CA GLU A 39 -7.77 3.33 0.72
C GLU A 39 -7.43 4.54 -0.17
N VAL A 40 -7.05 4.24 -1.42
CA VAL A 40 -6.70 5.30 -2.36
C VAL A 40 -7.81 6.34 -2.46
N GLN A 41 -7.43 7.61 -2.38
CA GLN A 41 -8.40 8.71 -2.47
C GLN A 41 -7.91 9.79 -3.43
N ASP A 42 -8.64 10.89 -3.49
CA ASP A 42 -8.29 12.00 -4.37
C ASP A 42 -8.35 11.58 -5.83
N GLY A 43 -9.10 10.51 -6.10
CA GLY A 43 -9.23 10.02 -7.45
C GLY A 43 -7.89 9.80 -8.13
N ILE A 44 -7.27 8.65 -7.88
CA ILE A 44 -5.98 8.33 -8.47
C ILE A 44 -5.99 6.95 -9.12
N GLU A 45 -5.19 6.79 -10.16
CA GLU A 45 -5.12 5.52 -10.87
C GLU A 45 -3.96 4.67 -10.35
N LEU A 46 -4.29 3.51 -9.81
CA LEU A 46 -3.27 2.61 -9.27
C LEU A 46 -3.19 1.32 -10.10
N GLN A 47 -1.99 1.00 -10.56
CA GLN A 47 -1.78 -0.20 -11.36
C GLN A 47 -0.38 -0.77 -11.13
N ALA A 48 -0.06 -1.84 -11.85
CA ALA A 48 1.24 -2.48 -11.72
C ALA A 48 2.36 -1.52 -12.10
N GLY A 49 3.29 -1.28 -11.17
CA GLY A 49 4.39 -0.39 -11.43
C GLY A 49 4.11 1.02 -10.94
N ASP A 50 3.10 1.17 -10.10
CA ASP A 50 2.73 2.47 -9.57
C ASP A 50 3.23 2.63 -8.13
N GLU A 51 4.20 3.53 -7.94
CA GLU A 51 4.76 3.77 -6.62
C GLU A 51 3.85 4.69 -5.81
N VAL A 52 3.17 4.10 -4.83
CA VAL A 52 2.26 4.85 -3.97
C VAL A 52 2.79 4.92 -2.53
N GLU A 53 2.44 5.99 -1.83
CA GLU A 53 2.87 6.16 -0.45
C GLU A 53 1.73 5.86 0.53
N PHE A 54 1.96 4.90 1.41
CA PHE A 54 0.95 4.50 2.39
C PHE A 54 1.54 4.53 3.80
N SER A 55 0.66 4.58 4.80
CA SER A 55 1.08 4.61 6.19
C SER A 55 0.91 3.24 6.84
N VAL A 56 2.01 2.71 7.39
CA VAL A 56 1.97 1.41 8.03
C VAL A 56 1.22 1.48 9.36
N ILE A 57 0.08 0.82 9.43
CA ILE A 57 -0.74 0.80 10.64
C ILE A 57 -0.84 -0.60 11.22
N LEU A 58 -0.51 -0.74 12.50
CA LEU A 58 -0.56 -2.03 13.18
C LEU A 58 -1.71 -2.08 14.18
N ASN A 59 -2.50 -3.14 14.12
CA ASN A 59 -3.63 -3.31 15.02
C ASN A 59 -3.27 -4.23 16.18
N GLN A 60 -3.37 -3.71 17.39
CA GLN A 60 -3.06 -4.47 18.59
C GLN A 60 -4.21 -5.41 18.95
N ARG A 61 -5.43 -4.99 18.64
CA ARG A 61 -6.62 -5.79 18.92
C ARG A 61 -6.61 -7.09 18.12
N THR A 62 -6.37 -6.96 16.82
CA THR A 62 -6.34 -8.12 15.93
C THR A 62 -4.93 -8.67 15.79
N GLY A 63 -4.02 -7.84 15.30
CA GLY A 63 -2.65 -8.27 15.13
C GLY A 63 -2.26 -8.42 13.67
N LYS A 64 -2.84 -7.59 12.81
CA LYS A 64 -2.57 -7.63 11.39
C LYS A 64 -2.05 -6.28 10.88
N CYS A 65 -1.67 -6.23 9.61
CA CYS A 65 -1.16 -5.01 9.01
C CYS A 65 -1.95 -4.65 7.76
N SER A 66 -2.00 -3.35 7.45
CA SER A 66 -2.73 -2.86 6.29
C SER A 66 -2.29 -1.45 5.92
N ALA A 67 -2.52 -1.08 4.66
CA ALA A 67 -2.16 0.25 4.18
C ALA A 67 -3.27 1.25 4.43
N CYS A 68 -2.96 2.53 4.25
CA CYS A 68 -3.95 3.59 4.45
C CYS A 68 -3.52 4.87 3.73
N ASN A 69 -4.51 5.63 3.27
CA ASN A 69 -4.23 6.87 2.56
C ASN A 69 -3.25 6.65 1.42
N VAL A 70 -3.53 5.65 0.59
CA VAL A 70 -2.67 5.33 -0.54
C VAL A 70 -2.61 6.48 -1.53
N TRP A 71 -1.57 7.31 -1.42
CA TRP A 71 -1.41 8.44 -2.32
C TRP A 71 -0.26 8.21 -3.29
N ARG A 72 -0.59 8.17 -4.58
CA ARG A 72 0.41 7.95 -5.61
C ARG A 72 1.56 8.95 -5.49
N VAL A 73 2.78 8.47 -5.67
CA VAL A 73 3.97 9.33 -5.58
C VAL A 73 4.45 9.74 -6.97
N SER A 74 4.59 8.77 -7.86
CA SER A 74 5.06 9.03 -9.22
C SER A 74 4.28 8.18 -10.22
N GLY A 75 4.40 8.54 -11.50
CA GLY A 75 3.71 7.81 -12.54
C GLY A 75 4.37 6.49 -12.87
N PRO A 76 3.73 5.69 -13.73
CA PRO A 76 4.25 4.38 -14.14
C PRO A 76 5.49 4.51 -15.02
N SER A 77 6.10 3.37 -15.36
CA SER A 77 7.28 3.35 -16.20
C SER A 77 7.05 2.51 -17.45
N SER A 78 6.87 1.21 -17.27
CA SER A 78 6.64 0.30 -18.37
C SER A 78 5.25 0.52 -18.98
N GLY A 79 5.22 0.79 -20.28
CA GLY A 79 3.96 1.02 -20.96
C GLY A 79 4.14 1.27 -22.44
N GLY A 1 18.95 -1.34 21.28
CA GLY A 1 19.33 -1.53 19.88
C GLY A 1 18.84 -0.40 19.00
N SER A 2 18.13 -0.75 17.93
CA SER A 2 17.61 0.24 17.00
C SER A 2 16.12 0.45 17.21
N SER A 3 15.65 1.67 16.91
CA SER A 3 14.24 1.99 17.06
C SER A 3 13.38 1.21 16.07
N GLY A 4 12.07 1.21 16.28
CA GLY A 4 11.16 0.50 15.41
C GLY A 4 10.01 1.36 14.93
N SER A 5 10.30 2.63 14.67
CA SER A 5 9.28 3.56 14.22
C SER A 5 8.62 3.06 12.93
N SER A 6 7.44 3.59 12.63
CA SER A 6 6.70 3.21 11.44
C SER A 6 6.95 4.19 10.30
N GLY A 7 6.39 5.39 10.43
CA GLY A 7 6.57 6.40 9.41
C GLY A 7 5.93 6.00 8.08
N LEU A 8 6.19 6.79 7.05
CA LEU A 8 5.64 6.52 5.72
C LEU A 8 6.61 5.67 4.89
N ARG A 9 6.06 4.90 3.95
CA ARG A 9 6.87 4.05 3.10
C ARG A 9 6.35 4.06 1.66
N ARG A 10 7.28 4.05 0.70
CA ARG A 10 6.90 4.06 -0.70
C ARG A 10 7.29 2.74 -1.37
N ALA A 11 6.33 2.13 -2.06
CA ALA A 11 6.57 0.86 -2.74
C ALA A 11 5.72 0.76 -4.00
N THR A 12 6.11 -0.15 -4.89
CA THR A 12 5.39 -0.34 -6.15
C THR A 12 4.30 -1.39 -5.99
N VAL A 13 3.23 -1.24 -6.78
CA VAL A 13 2.11 -2.17 -6.73
C VAL A 13 2.24 -3.25 -7.80
N GLU A 14 2.07 -4.50 -7.39
CA GLU A 14 2.17 -5.62 -8.31
C GLU A 14 1.20 -5.46 -9.48
N CYS A 15 -0.09 -5.39 -9.16
CA CYS A 15 -1.11 -5.24 -10.18
C CYS A 15 -2.46 -4.89 -9.53
N VAL A 16 -3.36 -4.34 -10.34
CA VAL A 16 -4.69 -3.96 -9.85
C VAL A 16 -5.78 -4.47 -10.80
N LYS A 17 -6.09 -5.75 -10.69
CA LYS A 17 -7.12 -6.36 -11.53
C LYS A 17 -8.48 -6.33 -10.82
N ASP A 18 -8.57 -7.01 -9.68
CA ASP A 18 -9.80 -7.05 -8.92
C ASP A 18 -9.92 -5.85 -7.99
N GLN A 19 -11.07 -5.70 -7.36
CA GLN A 19 -11.31 -4.59 -6.44
C GLN A 19 -10.21 -4.50 -5.40
N PHE A 20 -9.62 -5.65 -5.06
CA PHE A 20 -8.55 -5.69 -4.07
C PHE A 20 -7.22 -6.05 -4.73
N GLY A 21 -6.19 -5.27 -4.43
CA GLY A 21 -4.88 -5.52 -5.00
C GLY A 21 -3.83 -5.78 -3.94
N PHE A 22 -2.57 -5.86 -4.36
CA PHE A 22 -1.47 -6.11 -3.45
C PHE A 22 -0.27 -5.23 -3.78
N ILE A 23 0.44 -4.80 -2.75
CA ILE A 23 1.62 -3.95 -2.94
C ILE A 23 2.90 -4.72 -2.68
N ASN A 24 3.96 -4.41 -3.43
CA ASN A 24 5.24 -5.07 -3.27
C ASN A 24 6.05 -4.44 -2.15
N TYR A 25 5.66 -4.75 -0.91
CA TYR A 25 6.34 -4.22 0.26
C TYR A 25 6.38 -5.24 1.38
N GLU A 26 7.53 -5.33 2.05
CA GLU A 26 7.70 -6.28 3.15
C GLU A 26 7.52 -5.58 4.51
N VAL A 27 6.61 -6.10 5.31
CA VAL A 27 6.34 -5.53 6.63
C VAL A 27 6.73 -6.50 7.74
N GLY A 28 6.72 -7.80 7.42
CA GLY A 28 7.08 -8.80 8.40
C GLY A 28 7.08 -10.20 7.81
N ASP A 29 5.98 -10.93 7.98
CA ASP A 29 5.86 -12.28 7.47
C ASP A 29 5.41 -12.27 6.01
N SER A 30 4.52 -11.34 5.68
CA SER A 30 4.00 -11.23 4.32
C SER A 30 4.98 -10.47 3.43
N LYS A 31 5.16 -10.98 2.21
CA LYS A 31 6.07 -10.35 1.25
C LYS A 31 5.44 -9.11 0.63
N LYS A 32 4.10 -9.13 0.50
CA LYS A 32 3.38 -8.02 -0.09
C LYS A 32 2.34 -7.48 0.89
N LEU A 33 1.73 -6.35 0.54
CA LEU A 33 0.71 -5.73 1.39
C LEU A 33 -0.68 -5.88 0.78
N PHE A 34 -1.71 -5.63 1.57
CA PHE A 34 -3.08 -5.73 1.11
C PHE A 34 -3.81 -4.39 1.24
N PHE A 35 -4.58 -4.05 0.22
CA PHE A 35 -5.33 -2.78 0.22
C PHE A 35 -6.53 -2.87 -0.70
N HIS A 36 -7.63 -2.24 -0.29
CA HIS A 36 -8.85 -2.24 -1.08
C HIS A 36 -9.02 -0.92 -1.82
N VAL A 37 -9.91 -0.91 -2.81
CA VAL A 37 -10.16 0.29 -3.60
C VAL A 37 -10.58 1.45 -2.70
N LYS A 38 -11.13 1.13 -1.53
CA LYS A 38 -11.56 2.15 -0.59
C LYS A 38 -10.36 2.91 -0.01
N GLU A 39 -9.21 2.24 0.02
CA GLU A 39 -8.00 2.85 0.54
C GLU A 39 -7.60 4.07 -0.28
N VAL A 40 -7.25 3.84 -1.55
CA VAL A 40 -6.85 4.92 -2.44
C VAL A 40 -7.88 6.04 -2.45
N GLN A 41 -7.42 7.26 -2.24
CA GLN A 41 -8.31 8.42 -2.22
C GLN A 41 -8.00 9.36 -3.38
N ASP A 42 -8.61 10.54 -3.36
CA ASP A 42 -8.39 11.53 -4.41
C ASP A 42 -8.82 10.98 -5.77
N GLY A 43 -9.72 10.00 -5.76
CA GLY A 43 -10.19 9.40 -6.99
C GLY A 43 -9.05 8.95 -7.88
N ILE A 44 -8.11 8.19 -7.30
CA ILE A 44 -6.97 7.69 -8.06
C ILE A 44 -7.05 6.18 -8.24
N GLU A 45 -6.51 5.69 -9.35
CA GLU A 45 -6.52 4.26 -9.65
C GLU A 45 -5.10 3.72 -9.80
N LEU A 46 -4.66 2.96 -8.80
CA LEU A 46 -3.32 2.39 -8.83
C LEU A 46 -3.22 1.28 -9.86
N GLN A 47 -2.02 1.05 -10.38
CA GLN A 47 -1.78 0.03 -11.38
C GLN A 47 -0.47 -0.69 -11.13
N ALA A 48 -0.12 -1.61 -12.03
CA ALA A 48 1.12 -2.36 -11.90
C ALA A 48 2.34 -1.48 -12.20
N GLY A 49 3.11 -1.19 -11.16
CA GLY A 49 4.29 -0.35 -11.32
C GLY A 49 4.08 1.05 -10.83
N ASP A 50 3.03 1.26 -10.04
CA ASP A 50 2.71 2.56 -9.49
C ASP A 50 3.23 2.70 -8.07
N GLU A 51 4.20 3.59 -7.88
CA GLU A 51 4.78 3.80 -6.56
C GLU A 51 3.92 4.75 -5.73
N VAL A 52 3.40 4.24 -4.62
CA VAL A 52 2.56 5.04 -3.74
C VAL A 52 3.10 5.04 -2.31
N GLU A 53 2.71 6.05 -1.54
CA GLU A 53 3.16 6.17 -0.15
C GLU A 53 2.00 5.95 0.81
N PHE A 54 2.11 4.90 1.62
CA PHE A 54 1.06 4.57 2.59
C PHE A 54 1.63 4.56 4.01
N SER A 55 0.73 4.59 4.99
CA SER A 55 1.14 4.59 6.40
C SER A 55 0.91 3.23 7.03
N VAL A 56 1.93 2.71 7.69
CA VAL A 56 1.85 1.41 8.35
C VAL A 56 1.00 1.48 9.61
N ILE A 57 -0.13 0.79 9.61
CA ILE A 57 -1.03 0.77 10.76
C ILE A 57 -1.15 -0.63 11.33
N LEU A 58 -0.90 -0.75 12.64
CA LEU A 58 -1.00 -2.04 13.32
C LEU A 58 -2.13 -2.05 14.34
N ASN A 59 -2.95 -3.07 14.29
CA ASN A 59 -4.08 -3.20 15.21
C ASN A 59 -3.70 -4.04 16.43
N GLN A 60 -3.98 -3.50 17.62
CA GLN A 60 -3.67 -4.19 18.86
C GLN A 60 -4.74 -5.22 19.20
N ARG A 61 -5.96 -4.99 18.71
CA ARG A 61 -7.07 -5.90 18.96
C ARG A 61 -6.90 -7.19 18.16
N THR A 62 -6.58 -7.05 16.88
CA THR A 62 -6.38 -8.19 16.01
C THR A 62 -4.91 -8.59 15.93
N GLY A 63 -4.08 -7.66 15.49
CA GLY A 63 -2.66 -7.93 15.37
C GLY A 63 -2.20 -8.04 13.93
N LYS A 64 -2.94 -7.39 13.04
CA LYS A 64 -2.61 -7.41 11.61
C LYS A 64 -2.12 -6.04 11.15
N CYS A 65 -1.68 -5.98 9.90
CA CYS A 65 -1.19 -4.73 9.32
C CYS A 65 -1.70 -4.54 7.89
N SER A 66 -1.82 -3.29 7.47
CA SER A 66 -2.30 -2.98 6.14
C SER A 66 -1.99 -1.53 5.78
N ALA A 67 -2.30 -1.16 4.53
CA ALA A 67 -2.06 0.19 4.06
C ALA A 67 -3.29 1.07 4.24
N CYS A 68 -3.08 2.38 4.33
CA CYS A 68 -4.18 3.33 4.51
C CYS A 68 -3.84 4.68 3.89
N ASN A 69 -4.85 5.34 3.34
CA ASN A 69 -4.65 6.64 2.71
C ASN A 69 -3.60 6.56 1.61
N VAL A 70 -3.75 5.59 0.73
CA VAL A 70 -2.82 5.41 -0.38
C VAL A 70 -2.88 6.57 -1.35
N TRP A 71 -1.75 7.22 -1.57
CA TRP A 71 -1.69 8.36 -2.49
C TRP A 71 -0.70 8.08 -3.63
N ARG A 72 -1.16 8.30 -4.86
CA ARG A 72 -0.32 8.07 -6.03
C ARG A 72 0.62 9.25 -6.26
N VAL A 73 1.92 8.98 -6.21
CA VAL A 73 2.93 10.02 -6.41
C VAL A 73 3.76 9.73 -7.65
N SER A 74 3.80 8.47 -8.06
CA SER A 74 4.57 8.06 -9.24
C SER A 74 3.69 8.06 -10.48
N GLY A 75 2.57 8.76 -10.41
CA GLY A 75 1.65 8.83 -11.54
C GLY A 75 1.22 7.45 -12.01
N PRO A 76 0.52 7.40 -13.15
CA PRO A 76 0.04 6.15 -13.73
C PRO A 76 1.16 5.29 -14.28
N SER A 77 2.32 5.90 -14.51
CA SER A 77 3.49 5.20 -15.03
C SER A 77 3.18 4.59 -16.40
N SER A 78 2.51 5.38 -17.24
CA SER A 78 2.14 4.92 -18.58
C SER A 78 3.31 5.12 -19.54
N GLY A 79 3.67 4.06 -20.26
CA GLY A 79 4.76 4.14 -21.21
C GLY A 79 4.33 4.70 -22.54
N GLY A 1 7.48 -8.33 11.92
CA GLY A 1 8.20 -7.09 12.18
C GLY A 1 9.68 -7.22 11.88
N SER A 2 10.01 -7.26 10.61
CA SER A 2 11.41 -7.39 10.19
C SER A 2 12.03 -6.01 9.96
N SER A 3 12.43 -5.36 11.05
CA SER A 3 13.03 -4.03 10.98
C SER A 3 12.06 -3.03 10.37
N GLY A 4 10.76 -3.28 10.57
CA GLY A 4 9.76 -2.38 10.04
C GLY A 4 9.70 -1.07 10.79
N SER A 5 10.32 -0.03 10.22
CA SER A 5 10.33 1.28 10.85
C SER A 5 8.96 1.93 10.80
N SER A 6 8.76 2.95 11.63
CA SER A 6 7.48 3.65 11.68
C SER A 6 7.52 4.93 10.84
N GLY A 7 6.44 5.17 10.11
CA GLY A 7 6.37 6.35 9.27
C GLY A 7 5.92 6.02 7.85
N LEU A 8 5.69 7.07 7.06
CA LEU A 8 5.25 6.89 5.68
C LEU A 8 6.31 6.15 4.87
N ARG A 9 5.88 5.16 4.09
CA ARG A 9 6.79 4.37 3.27
C ARG A 9 6.51 4.60 1.78
N ARG A 10 7.24 3.87 0.93
CA ARG A 10 7.06 3.99 -0.51
C ARG A 10 7.39 2.67 -1.21
N ALA A 11 6.43 2.16 -1.97
CA ALA A 11 6.62 0.91 -2.69
C ALA A 11 5.76 0.86 -3.95
N THR A 12 6.11 -0.03 -4.87
CA THR A 12 5.36 -0.17 -6.12
C THR A 12 4.32 -1.27 -6.02
N VAL A 13 3.17 -1.05 -6.65
CA VAL A 13 2.08 -2.02 -6.63
C VAL A 13 2.37 -3.18 -7.58
N GLU A 14 2.02 -4.39 -7.15
CA GLU A 14 2.24 -5.58 -7.96
C GLU A 14 1.30 -5.61 -9.15
N CYS A 15 0.01 -5.83 -8.89
CA CYS A 15 -0.99 -5.88 -9.94
C CYS A 15 -2.37 -5.47 -9.40
N VAL A 16 -3.05 -4.62 -10.16
CA VAL A 16 -4.37 -4.14 -9.77
C VAL A 16 -5.40 -4.40 -10.86
N LYS A 17 -6.30 -5.35 -10.61
CA LYS A 17 -7.34 -5.69 -11.57
C LYS A 17 -8.70 -5.78 -10.89
N ASP A 18 -8.78 -6.54 -9.80
CA ASP A 18 -10.02 -6.70 -9.06
C ASP A 18 -10.19 -5.58 -8.03
N GLN A 19 -11.36 -5.52 -7.41
CA GLN A 19 -11.65 -4.50 -6.42
C GLN A 19 -10.55 -4.46 -5.35
N PHE A 20 -9.93 -5.61 -5.09
CA PHE A 20 -8.87 -5.70 -4.10
C PHE A 20 -7.55 -6.07 -4.76
N GLY A 21 -6.49 -5.35 -4.40
CA GLY A 21 -5.18 -5.64 -4.95
C GLY A 21 -4.11 -5.78 -3.89
N PHE A 22 -2.87 -6.00 -4.32
CA PHE A 22 -1.76 -6.15 -3.40
C PHE A 22 -0.55 -5.34 -3.84
N ILE A 23 0.28 -4.93 -2.89
CA ILE A 23 1.47 -4.14 -3.19
C ILE A 23 2.73 -5.01 -3.16
N ASN A 24 3.70 -4.65 -3.98
CA ASN A 24 4.95 -5.39 -4.05
C ASN A 24 5.92 -4.93 -2.96
N TYR A 25 5.48 -5.03 -1.70
CA TYR A 25 6.30 -4.63 -0.57
C TYR A 25 6.29 -5.71 0.52
N GLU A 26 7.37 -5.74 1.30
CA GLU A 26 7.49 -6.72 2.38
C GLU A 26 7.58 -6.03 3.73
N VAL A 27 6.65 -6.35 4.63
CA VAL A 27 6.62 -5.77 5.96
C VAL A 27 6.63 -6.84 7.03
N GLY A 28 5.95 -7.95 6.76
CA GLY A 28 5.90 -9.04 7.72
C GLY A 28 6.25 -10.38 7.09
N ASP A 29 5.46 -11.41 7.41
CA ASP A 29 5.70 -12.74 6.88
C ASP A 29 5.73 -12.71 5.35
N SER A 30 4.58 -12.47 4.74
CA SER A 30 4.49 -12.42 3.28
C SER A 30 5.36 -11.31 2.71
N LYS A 31 5.59 -11.36 1.41
CA LYS A 31 6.40 -10.35 0.74
C LYS A 31 5.52 -9.38 -0.07
N LYS A 32 4.26 -9.26 0.34
CA LYS A 32 3.33 -8.37 -0.34
C LYS A 32 2.37 -7.72 0.66
N LEU A 33 1.71 -6.66 0.23
CA LEU A 33 0.77 -5.93 1.09
C LEU A 33 -0.66 -6.08 0.56
N PHE A 34 -1.62 -5.75 1.42
CA PHE A 34 -3.02 -5.84 1.05
C PHE A 34 -3.71 -4.47 1.19
N PHE A 35 -4.45 -4.08 0.16
CA PHE A 35 -5.16 -2.80 0.18
C PHE A 35 -6.38 -2.85 -0.73
N HIS A 36 -7.46 -2.20 -0.29
CA HIS A 36 -8.70 -2.16 -1.07
C HIS A 36 -8.84 -0.84 -1.81
N VAL A 37 -9.73 -0.81 -2.80
CA VAL A 37 -9.95 0.40 -3.59
C VAL A 37 -10.33 1.57 -2.70
N LYS A 38 -10.89 1.26 -1.53
CA LYS A 38 -11.31 2.30 -0.58
C LYS A 38 -10.09 3.03 -0.02
N GLU A 39 -8.98 2.31 0.10
CA GLU A 39 -7.74 2.90 0.63
C GLU A 39 -7.33 4.12 -0.19
N VAL A 40 -6.97 3.89 -1.45
CA VAL A 40 -6.56 4.97 -2.34
C VAL A 40 -7.58 6.10 -2.35
N GLN A 41 -7.11 7.32 -2.14
CA GLN A 41 -7.99 8.49 -2.12
C GLN A 41 -7.67 9.43 -3.28
N ASP A 42 -8.29 10.60 -3.27
CA ASP A 42 -8.07 11.58 -4.32
C ASP A 42 -8.48 11.03 -5.68
N GLY A 43 -9.38 10.05 -5.68
CA GLY A 43 -9.83 9.45 -6.93
C GLY A 43 -8.69 8.99 -7.80
N ILE A 44 -7.76 8.23 -7.21
CA ILE A 44 -6.61 7.72 -7.95
C ILE A 44 -6.70 6.21 -8.13
N GLU A 45 -6.15 5.72 -9.23
CA GLU A 45 -6.16 4.30 -9.52
C GLU A 45 -4.73 3.75 -9.61
N LEU A 46 -4.41 2.80 -8.74
CA LEU A 46 -3.08 2.20 -8.73
C LEU A 46 -3.02 1.01 -9.67
N GLN A 47 -1.88 0.85 -10.35
CA GLN A 47 -1.70 -0.26 -11.28
C GLN A 47 -0.33 -0.90 -11.08
N ALA A 48 -0.05 -1.94 -11.87
CA ALA A 48 1.22 -2.64 -11.78
C ALA A 48 2.38 -1.73 -12.15
N GLY A 49 3.16 -1.33 -11.14
CA GLY A 49 4.28 -0.45 -11.38
C GLY A 49 4.03 0.96 -10.89
N ASP A 50 3.01 1.12 -10.06
CA ASP A 50 2.67 2.43 -9.53
C ASP A 50 3.18 2.59 -8.10
N GLU A 51 4.15 3.48 -7.92
CA GLU A 51 4.73 3.73 -6.61
C GLU A 51 3.87 4.70 -5.80
N VAL A 52 3.39 4.25 -4.65
CA VAL A 52 2.56 5.08 -3.79
C VAL A 52 3.13 5.16 -2.37
N GLU A 53 2.66 6.13 -1.61
CA GLU A 53 3.11 6.30 -0.23
C GLU A 53 1.98 6.07 0.76
N PHE A 54 2.14 5.07 1.61
CA PHE A 54 1.13 4.72 2.61
C PHE A 54 1.75 4.60 3.99
N SER A 55 0.91 4.65 5.01
CA SER A 55 1.38 4.55 6.40
C SER A 55 1.03 3.18 6.99
N VAL A 56 2.04 2.47 7.44
CA VAL A 56 1.84 1.15 8.04
C VAL A 56 1.10 1.25 9.37
N ILE A 57 -0.10 0.70 9.42
CA ILE A 57 -0.90 0.72 10.64
C ILE A 57 -1.03 -0.67 11.24
N LEU A 58 -0.66 -0.80 12.51
CA LEU A 58 -0.74 -2.08 13.21
C LEU A 58 -1.96 -2.12 14.12
N ASN A 59 -2.73 -3.19 14.02
CA ASN A 59 -3.93 -3.36 14.85
C ASN A 59 -3.63 -4.26 16.05
N GLN A 60 -3.87 -3.73 17.24
CA GLN A 60 -3.63 -4.47 18.47
C GLN A 60 -4.76 -5.47 18.73
N ARG A 61 -5.95 -5.13 18.26
CA ARG A 61 -7.12 -5.99 18.44
C ARG A 61 -6.99 -7.27 17.62
N THR A 62 -6.64 -7.12 16.35
CA THR A 62 -6.48 -8.26 15.46
C THR A 62 -5.02 -8.75 15.44
N GLY A 63 -4.12 -7.85 15.05
CA GLY A 63 -2.71 -8.21 14.99
C GLY A 63 -2.20 -8.34 13.57
N LYS A 64 -2.77 -7.56 12.67
CA LYS A 64 -2.38 -7.59 11.26
C LYS A 64 -1.98 -6.20 10.77
N CYS A 65 -1.45 -6.14 9.55
CA CYS A 65 -1.05 -4.87 8.96
C CYS A 65 -1.87 -4.56 7.72
N SER A 66 -1.91 -3.28 7.35
CA SER A 66 -2.65 -2.85 6.17
C SER A 66 -2.24 -1.44 5.75
N ALA A 67 -2.74 -1.01 4.60
CA ALA A 67 -2.42 0.32 4.08
C ALA A 67 -3.56 1.29 4.32
N CYS A 68 -3.22 2.57 4.46
CA CYS A 68 -4.22 3.61 4.70
C CYS A 68 -3.79 4.93 4.09
N ASN A 69 -4.71 5.58 3.40
CA ASN A 69 -4.43 6.86 2.75
C ASN A 69 -3.36 6.71 1.68
N VAL A 70 -3.56 5.73 0.79
CA VAL A 70 -2.62 5.48 -0.29
C VAL A 70 -2.64 6.60 -1.31
N TRP A 71 -1.56 7.36 -1.36
CA TRP A 71 -1.46 8.48 -2.30
C TRP A 71 -0.48 8.15 -3.42
N ARG A 72 -0.91 8.38 -4.66
CA ARG A 72 -0.08 8.10 -5.83
C ARG A 72 0.93 9.22 -6.05
N VAL A 73 2.21 8.86 -6.07
CA VAL A 73 3.27 9.83 -6.28
C VAL A 73 4.05 9.54 -7.56
N SER A 74 3.86 8.34 -8.09
CA SER A 74 4.55 7.92 -9.31
C SER A 74 3.69 8.19 -10.54
N GLY A 75 2.74 9.11 -10.39
CA GLY A 75 1.86 9.44 -11.51
C GLY A 75 2.34 10.66 -12.26
N PRO A 76 1.67 10.96 -13.39
CA PRO A 76 2.01 12.11 -14.25
C PRO A 76 1.68 13.44 -13.58
N SER A 77 2.54 13.87 -12.66
CA SER A 77 2.33 15.13 -11.95
C SER A 77 2.14 16.28 -12.93
N SER A 78 3.20 16.61 -13.66
CA SER A 78 3.16 17.69 -14.63
C SER A 78 2.87 17.16 -16.03
N GLY A 79 1.76 17.61 -16.62
CA GLY A 79 1.39 17.16 -17.94
C GLY A 79 2.14 17.91 -19.04
N GLY A 1 1.22 -7.89 18.62
CA GLY A 1 2.56 -7.51 19.02
C GLY A 1 2.68 -6.03 19.29
N SER A 2 3.66 -5.65 20.11
CA SER A 2 3.88 -4.26 20.46
C SER A 2 4.97 -3.65 19.59
N SER A 3 5.90 -4.49 19.14
CA SER A 3 7.00 -4.03 18.31
C SER A 3 6.51 -3.64 16.92
N GLY A 4 7.04 -2.53 16.40
CA GLY A 4 6.64 -2.06 15.09
C GLY A 4 6.84 -0.57 14.92
N SER A 5 7.84 -0.19 14.13
CA SER A 5 8.13 1.21 13.89
C SER A 5 6.97 1.90 13.16
N SER A 6 7.14 3.19 12.87
CA SER A 6 6.11 3.95 12.19
C SER A 6 6.74 4.94 11.21
N GLY A 7 5.94 5.41 10.25
CA GLY A 7 6.42 6.36 9.26
C GLY A 7 5.87 6.07 7.88
N LEU A 8 6.13 6.99 6.95
CA LEU A 8 5.66 6.83 5.58
C LEU A 8 6.58 5.91 4.78
N ARG A 9 5.99 5.05 3.96
CA ARG A 9 6.75 4.12 3.15
C ARG A 9 6.23 4.09 1.72
N ARG A 10 7.15 4.11 0.76
CA ARG A 10 6.77 4.08 -0.65
C ARG A 10 7.09 2.73 -1.28
N ALA A 11 6.25 2.29 -2.20
CA ALA A 11 6.45 1.02 -2.88
C ALA A 11 5.57 0.91 -4.12
N THR A 12 5.98 0.05 -5.05
CA THR A 12 5.24 -0.15 -6.29
C THR A 12 4.26 -1.31 -6.17
N VAL A 13 3.19 -1.25 -6.95
CA VAL A 13 2.18 -2.31 -6.93
C VAL A 13 2.45 -3.35 -8.01
N GLU A 14 2.30 -4.62 -7.64
CA GLU A 14 2.54 -5.71 -8.58
C GLU A 14 1.47 -5.73 -9.68
N CYS A 15 0.21 -5.87 -9.27
CA CYS A 15 -0.89 -5.91 -10.21
C CYS A 15 -2.21 -5.59 -9.51
N VAL A 16 -3.20 -5.16 -10.29
CA VAL A 16 -4.52 -4.82 -9.74
C VAL A 16 -5.63 -5.18 -10.72
N LYS A 17 -6.49 -6.10 -10.31
CA LYS A 17 -7.60 -6.54 -11.15
C LYS A 17 -8.92 -6.49 -10.38
N ASP A 18 -8.90 -7.00 -9.16
CA ASP A 18 -10.09 -7.02 -8.32
C ASP A 18 -10.11 -5.82 -7.38
N GLN A 19 -11.22 -5.64 -6.68
CA GLN A 19 -11.37 -4.52 -5.75
C GLN A 19 -10.19 -4.47 -4.78
N PHE A 20 -9.64 -5.63 -4.48
CA PHE A 20 -8.50 -5.72 -3.55
C PHE A 20 -7.24 -6.16 -4.28
N GLY A 21 -6.13 -5.51 -3.97
CA GLY A 21 -4.87 -5.86 -4.60
C GLY A 21 -3.75 -6.07 -3.60
N PHE A 22 -2.51 -6.18 -4.09
CA PHE A 22 -1.37 -6.38 -3.22
C PHE A 22 -0.23 -5.43 -3.59
N ILE A 23 0.52 -5.00 -2.58
CA ILE A 23 1.63 -4.08 -2.80
C ILE A 23 2.96 -4.77 -2.53
N ASN A 24 3.96 -4.46 -3.36
CA ASN A 24 5.28 -5.05 -3.22
C ASN A 24 6.09 -4.30 -2.16
N TYR A 25 5.86 -4.63 -0.90
CA TYR A 25 6.56 -4.00 0.21
C TYR A 25 6.80 -4.99 1.34
N GLU A 26 7.99 -4.92 1.94
CA GLU A 26 8.35 -5.80 3.04
C GLU A 26 8.08 -5.14 4.38
N VAL A 27 7.14 -5.70 5.15
CA VAL A 27 6.80 -5.16 6.46
C VAL A 27 7.29 -6.07 7.57
N GLY A 28 7.42 -7.36 7.26
CA GLY A 28 7.89 -8.31 8.25
C GLY A 28 7.68 -9.75 7.81
N ASP A 29 6.47 -10.26 8.00
CA ASP A 29 6.15 -11.63 7.62
C ASP A 29 5.50 -11.67 6.25
N SER A 30 4.76 -10.62 5.92
CA SER A 30 4.07 -10.53 4.63
C SER A 30 4.93 -9.83 3.60
N LYS A 31 5.35 -10.57 2.58
CA LYS A 31 6.19 -10.01 1.52
C LYS A 31 5.48 -8.87 0.81
N LYS A 32 4.15 -8.89 0.84
CA LYS A 32 3.35 -7.85 0.19
C LYS A 32 2.30 -7.30 1.16
N LEU A 33 1.82 -6.10 0.87
CA LEU A 33 0.81 -5.47 1.71
C LEU A 33 -0.57 -5.57 1.09
N PHE A 34 -1.60 -5.28 1.88
CA PHE A 34 -2.98 -5.34 1.40
C PHE A 34 -3.64 -3.98 1.48
N PHE A 35 -4.54 -3.70 0.53
CA PHE A 35 -5.25 -2.43 0.50
C PHE A 35 -6.57 -2.56 -0.26
N HIS A 36 -7.49 -1.64 0.02
CA HIS A 36 -8.80 -1.66 -0.64
C HIS A 36 -8.95 -0.46 -1.56
N VAL A 37 -9.98 -0.50 -2.40
CA VAL A 37 -10.24 0.59 -3.34
C VAL A 37 -10.68 1.85 -2.61
N LYS A 38 -11.26 1.67 -1.43
CA LYS A 38 -11.72 2.79 -0.62
C LYS A 38 -10.54 3.54 0.01
N GLU A 39 -9.44 2.83 0.21
CA GLU A 39 -8.25 3.43 0.79
C GLU A 39 -7.74 4.59 -0.06
N VAL A 40 -7.37 4.29 -1.31
CA VAL A 40 -6.87 5.31 -2.22
C VAL A 40 -7.84 6.49 -2.30
N GLN A 41 -7.28 7.70 -2.44
CA GLN A 41 -8.08 8.90 -2.53
C GLN A 41 -7.65 9.77 -3.70
N ASP A 42 -8.25 10.95 -3.82
CA ASP A 42 -7.91 11.87 -4.90
C ASP A 42 -8.24 11.26 -6.26
N GLY A 43 -9.21 10.35 -6.28
CA GLY A 43 -9.60 9.71 -7.52
C GLY A 43 -8.43 9.11 -8.27
N ILE A 44 -7.59 8.37 -7.55
CA ILE A 44 -6.42 7.74 -8.15
C ILE A 44 -6.61 6.23 -8.29
N GLU A 45 -6.02 5.66 -9.34
CA GLU A 45 -6.12 4.22 -9.57
C GLU A 45 -4.74 3.57 -9.56
N LEU A 46 -4.50 2.77 -8.54
CA LEU A 46 -3.21 2.08 -8.39
C LEU A 46 -3.14 0.88 -9.34
N GLN A 47 -2.15 0.88 -10.21
CA GLN A 47 -1.96 -0.21 -11.17
C GLN A 47 -0.56 -0.80 -11.05
N ALA A 48 -0.26 -1.76 -11.92
CA ALA A 48 1.05 -2.41 -11.91
C ALA A 48 2.15 -1.42 -12.26
N GLY A 49 3.04 -1.19 -11.30
CA GLY A 49 4.14 -0.26 -11.53
C GLY A 49 3.84 1.13 -11.01
N ASP A 50 2.82 1.25 -10.17
CA ASP A 50 2.43 2.52 -9.60
C ASP A 50 2.97 2.68 -8.18
N GLU A 51 3.88 3.63 -8.00
CA GLU A 51 4.47 3.87 -6.69
C GLU A 51 3.59 4.79 -5.85
N VAL A 52 3.16 4.29 -4.69
CA VAL A 52 2.31 5.07 -3.80
C VAL A 52 2.85 5.06 -2.38
N GLU A 53 2.44 6.05 -1.60
CA GLU A 53 2.90 6.16 -0.21
C GLU A 53 1.76 5.83 0.76
N PHE A 54 2.08 5.07 1.79
CA PHE A 54 1.09 4.67 2.79
C PHE A 54 1.74 4.53 4.16
N SER A 55 0.91 4.51 5.20
CA SER A 55 1.40 4.38 6.57
C SER A 55 1.12 2.98 7.11
N VAL A 56 2.13 2.38 7.74
CA VAL A 56 1.99 1.05 8.30
C VAL A 56 1.12 1.06 9.54
N ILE A 57 -0.08 0.51 9.43
CA ILE A 57 -1.01 0.45 10.55
C ILE A 57 -1.27 -0.98 10.99
N LEU A 58 -1.06 -1.25 12.28
CA LEU A 58 -1.27 -2.58 12.83
C LEU A 58 -2.54 -2.63 13.67
N ASN A 59 -3.38 -3.62 13.40
CA ASN A 59 -4.63 -3.79 14.15
C ASN A 59 -4.46 -4.76 15.31
N GLN A 60 -4.86 -4.33 16.50
CA GLN A 60 -4.75 -5.17 17.69
C GLN A 60 -5.91 -6.15 17.77
N ARG A 61 -7.05 -5.78 17.18
CA ARG A 61 -8.23 -6.62 17.19
C ARG A 61 -8.02 -7.87 16.33
N THR A 62 -7.44 -7.68 15.15
CA THR A 62 -7.18 -8.79 14.25
C THR A 62 -5.72 -9.23 14.32
N GLY A 63 -4.82 -8.30 14.03
CA GLY A 63 -3.40 -8.61 14.06
C GLY A 63 -2.78 -8.65 12.68
N LYS A 64 -3.29 -7.81 11.78
CA LYS A 64 -2.78 -7.76 10.42
C LYS A 64 -2.34 -6.34 10.07
N CYS A 65 -1.80 -6.18 8.85
CA CYS A 65 -1.34 -4.87 8.39
C CYS A 65 -2.03 -4.49 7.09
N SER A 66 -2.09 -3.19 6.82
CA SER A 66 -2.72 -2.68 5.61
C SER A 66 -2.25 -1.27 5.29
N ALA A 67 -2.72 -0.74 4.16
CA ALA A 67 -2.34 0.62 3.75
C ALA A 67 -3.51 1.58 3.90
N CYS A 68 -3.22 2.78 4.39
CA CYS A 68 -4.24 3.80 4.59
C CYS A 68 -3.84 5.11 3.92
N ASN A 69 -4.83 5.83 3.40
CA ASN A 69 -4.59 7.10 2.73
C ASN A 69 -3.51 6.95 1.67
N VAL A 70 -3.59 5.87 0.90
CA VAL A 70 -2.63 5.61 -0.17
C VAL A 70 -2.62 6.74 -1.19
N TRP A 71 -1.45 7.37 -1.37
CA TRP A 71 -1.31 8.46 -2.32
C TRP A 71 -0.33 8.09 -3.43
N ARG A 72 -0.70 8.41 -4.66
CA ARG A 72 0.15 8.11 -5.81
C ARG A 72 1.00 9.32 -6.18
N VAL A 73 2.32 9.14 -6.19
CA VAL A 73 3.24 10.22 -6.53
C VAL A 73 3.73 10.08 -7.97
N SER A 74 3.88 8.84 -8.43
CA SER A 74 4.35 8.58 -9.79
C SER A 74 3.28 8.96 -10.81
N GLY A 75 3.62 8.82 -12.09
CA GLY A 75 2.69 9.16 -13.14
C GLY A 75 2.22 7.94 -13.92
N PRO A 76 1.35 8.17 -14.91
CA PRO A 76 0.81 7.10 -15.75
C PRO A 76 1.86 6.49 -16.67
N SER A 77 2.04 5.18 -16.57
CA SER A 77 3.01 4.48 -17.39
C SER A 77 2.36 3.92 -18.67
N SER A 78 1.11 3.47 -18.53
CA SER A 78 0.39 2.92 -19.66
C SER A 78 -1.13 3.02 -19.43
N GLY A 79 -1.77 3.92 -20.15
CA GLY A 79 -3.21 4.09 -20.00
C GLY A 79 -3.73 5.28 -20.79
N GLY A 1 -1.41 7.33 13.12
CA GLY A 1 -2.80 6.95 13.28
C GLY A 1 -3.03 6.15 14.55
N SER A 2 -2.11 5.25 14.86
CA SER A 2 -2.22 4.40 16.05
C SER A 2 -0.98 4.54 16.93
N SER A 3 -1.04 3.95 18.11
CA SER A 3 0.08 4.00 19.05
C SER A 3 1.35 3.47 18.40
N GLY A 4 1.26 2.28 17.82
CA GLY A 4 2.41 1.68 17.17
C GLY A 4 2.54 2.08 15.71
N SER A 5 3.35 3.10 15.45
CA SER A 5 3.55 3.58 14.09
C SER A 5 5.04 3.68 13.76
N SER A 6 5.37 3.49 12.50
CA SER A 6 6.76 3.56 12.05
C SER A 6 6.98 4.73 11.11
N GLY A 7 6.03 4.94 10.19
CA GLY A 7 6.13 6.04 9.25
C GLY A 7 5.60 5.68 7.88
N LEU A 8 5.64 6.64 6.96
CA LEU A 8 5.15 6.41 5.60
C LEU A 8 6.12 5.52 4.82
N ARG A 9 5.56 4.58 4.06
CA ARG A 9 6.36 3.66 3.27
C ARG A 9 5.98 3.74 1.79
N ARG A 10 6.99 3.78 0.93
CA ARG A 10 6.75 3.86 -0.52
C ARG A 10 7.11 2.55 -1.20
N ALA A 11 6.24 2.09 -2.09
CA ALA A 11 6.45 0.85 -2.81
C ALA A 11 5.62 0.79 -4.08
N THR A 12 6.05 -0.03 -5.04
CA THR A 12 5.35 -0.18 -6.30
C THR A 12 4.31 -1.29 -6.23
N VAL A 13 3.25 -1.18 -7.02
CA VAL A 13 2.19 -2.17 -7.05
C VAL A 13 2.46 -3.22 -8.13
N GLU A 14 2.16 -4.48 -7.80
CA GLU A 14 2.36 -5.57 -8.75
C GLU A 14 1.29 -5.56 -9.83
N CYS A 15 0.04 -5.79 -9.44
CA CYS A 15 -1.07 -5.81 -10.37
C CYS A 15 -2.38 -5.42 -9.68
N VAL A 16 -3.12 -4.51 -10.29
CA VAL A 16 -4.38 -4.05 -9.73
C VAL A 16 -5.54 -4.39 -10.66
N LYS A 17 -6.10 -5.58 -10.49
CA LYS A 17 -7.22 -6.03 -11.31
C LYS A 17 -8.54 -5.88 -10.56
N ASP A 18 -8.66 -6.61 -9.46
CA ASP A 18 -9.87 -6.57 -8.64
C ASP A 18 -9.85 -5.37 -7.70
N GLN A 19 -10.98 -5.13 -7.03
CA GLN A 19 -11.08 -4.02 -6.10
C GLN A 19 -9.93 -4.01 -5.10
N PHE A 20 -9.43 -5.21 -4.79
CA PHE A 20 -8.32 -5.35 -3.84
C PHE A 20 -7.03 -5.70 -4.57
N GLY A 21 -5.95 -5.03 -4.18
CA GLY A 21 -4.66 -5.28 -4.80
C GLY A 21 -3.56 -5.51 -3.79
N PHE A 22 -2.40 -5.96 -4.26
CA PHE A 22 -1.27 -6.22 -3.39
C PHE A 22 -0.11 -5.28 -3.70
N ILE A 23 0.82 -5.17 -2.76
CA ILE A 23 1.98 -4.29 -2.94
C ILE A 23 3.28 -5.06 -2.69
N ASN A 24 4.32 -4.72 -3.47
CA ASN A 24 5.61 -5.37 -3.33
C ASN A 24 6.44 -4.71 -2.23
N TYR A 25 6.10 -5.01 -0.98
CA TYR A 25 6.81 -4.44 0.16
C TYR A 25 6.79 -5.40 1.35
N GLU A 26 7.95 -5.60 1.96
CA GLU A 26 8.06 -6.49 3.11
C GLU A 26 8.08 -5.70 4.42
N VAL A 27 7.06 -5.93 5.25
CA VAL A 27 6.95 -5.24 6.53
C VAL A 27 7.13 -6.21 7.69
N GLY A 28 7.92 -7.25 7.48
CA GLY A 28 8.15 -8.24 8.52
C GLY A 28 7.94 -9.66 8.03
N ASP A 29 7.02 -10.37 8.66
CA ASP A 29 6.73 -11.76 8.29
C ASP A 29 6.18 -11.83 6.86
N SER A 30 5.04 -11.17 6.64
CA SER A 30 4.41 -11.17 5.32
C SER A 30 5.40 -10.69 4.26
N LYS A 31 5.05 -10.93 3.00
CA LYS A 31 5.90 -10.53 1.88
C LYS A 31 5.25 -9.41 1.08
N LYS A 32 3.92 -9.45 0.99
CA LYS A 32 3.17 -8.44 0.25
C LYS A 32 2.20 -7.71 1.17
N LEU A 33 1.63 -6.61 0.68
CA LEU A 33 0.69 -5.81 1.45
C LEU A 33 -0.74 -6.00 0.93
N PHE A 34 -1.71 -5.64 1.75
CA PHE A 34 -3.11 -5.75 1.37
C PHE A 34 -3.85 -4.43 1.59
N PHE A 35 -4.56 -3.98 0.56
CA PHE A 35 -5.31 -2.73 0.64
C PHE A 35 -6.54 -2.78 -0.27
N HIS A 36 -7.54 -1.98 0.07
CA HIS A 36 -8.77 -1.93 -0.71
C HIS A 36 -8.91 -0.59 -1.43
N VAL A 37 -9.79 -0.54 -2.42
CA VAL A 37 -10.02 0.68 -3.18
C VAL A 37 -10.43 1.83 -2.28
N LYS A 38 -11.01 1.49 -1.13
CA LYS A 38 -11.45 2.51 -0.18
C LYS A 38 -10.27 3.34 0.31
N GLU A 39 -9.10 2.69 0.44
CA GLU A 39 -7.91 3.38 0.89
C GLU A 39 -7.57 4.55 -0.02
N VAL A 40 -7.21 4.25 -1.26
CA VAL A 40 -6.86 5.28 -2.23
C VAL A 40 -7.95 6.34 -2.32
N GLN A 41 -7.53 7.60 -2.43
CA GLN A 41 -8.47 8.71 -2.53
C GLN A 41 -8.08 9.66 -3.65
N ASP A 42 -8.76 10.80 -3.71
CA ASP A 42 -8.48 11.80 -4.74
C ASP A 42 -8.77 11.24 -6.13
N GLY A 43 -9.66 10.26 -6.20
CA GLY A 43 -10.00 9.66 -7.48
C GLY A 43 -8.78 9.19 -8.24
N ILE A 44 -7.89 8.48 -7.55
CA ILE A 44 -6.68 7.97 -8.18
C ILE A 44 -6.77 6.47 -8.41
N GLU A 45 -6.13 5.99 -9.48
CA GLU A 45 -6.14 4.58 -9.80
C GLU A 45 -4.72 4.01 -9.82
N LEU A 46 -4.46 3.04 -8.97
CA LEU A 46 -3.14 2.42 -8.89
C LEU A 46 -3.00 1.30 -9.93
N GLN A 47 -1.97 1.40 -10.76
CA GLN A 47 -1.72 0.40 -11.79
C GLN A 47 -0.44 -0.37 -11.50
N ALA A 48 -0.15 -1.35 -12.35
CA ALA A 48 1.05 -2.17 -12.18
C ALA A 48 2.31 -1.34 -12.43
N GLY A 49 3.11 -1.18 -11.38
CA GLY A 49 4.34 -0.41 -11.50
C GLY A 49 4.18 1.01 -11.00
N ASP A 50 3.11 1.26 -10.26
CA ASP A 50 2.84 2.59 -9.72
C ASP A 50 3.30 2.70 -8.28
N GLU A 51 4.13 3.70 -7.99
CA GLU A 51 4.64 3.91 -6.65
C GLU A 51 3.71 4.81 -5.84
N VAL A 52 3.28 4.32 -4.68
CA VAL A 52 2.39 5.09 -3.82
C VAL A 52 2.91 5.12 -2.39
N GLU A 53 2.51 6.15 -1.64
CA GLU A 53 2.95 6.30 -0.26
C GLU A 53 1.79 6.02 0.70
N PHE A 54 1.96 5.01 1.54
CA PHE A 54 0.94 4.63 2.50
C PHE A 54 1.50 4.63 3.92
N SER A 55 0.61 4.66 4.91
CA SER A 55 1.01 4.66 6.31
C SER A 55 0.80 3.29 6.94
N VAL A 56 1.88 2.70 7.45
CA VAL A 56 1.81 1.39 8.08
C VAL A 56 1.03 1.45 9.39
N ILE A 57 -0.08 0.72 9.45
CA ILE A 57 -0.91 0.70 10.65
C ILE A 57 -1.03 -0.73 11.20
N LEU A 58 -0.80 -0.86 12.50
CA LEU A 58 -0.88 -2.16 13.15
C LEU A 58 -1.97 -2.17 14.21
N ASN A 59 -2.80 -3.21 14.20
CA ASN A 59 -3.89 -3.33 15.16
C ASN A 59 -3.51 -4.30 16.28
N GLN A 60 -3.78 -3.89 17.52
CA GLN A 60 -3.46 -4.72 18.68
C GLN A 60 -4.50 -5.82 18.86
N ARG A 61 -5.72 -5.56 18.39
CA ARG A 61 -6.80 -6.53 18.50
C ARG A 61 -6.63 -7.66 17.49
N THR A 62 -6.39 -7.29 16.23
CA THR A 62 -6.20 -8.28 15.18
C THR A 62 -4.74 -8.70 15.07
N GLY A 63 -3.86 -7.72 14.89
CA GLY A 63 -2.44 -8.01 14.76
C GLY A 63 -1.93 -7.86 13.35
N LYS A 64 -2.85 -7.89 12.38
CA LYS A 64 -2.49 -7.76 10.97
C LYS A 64 -2.27 -6.28 10.61
N CYS A 65 -1.46 -6.06 9.58
CA CYS A 65 -1.18 -4.69 9.14
C CYS A 65 -1.88 -4.41 7.81
N SER A 66 -1.91 -3.13 7.44
CA SER A 66 -2.56 -2.71 6.20
C SER A 66 -2.13 -1.29 5.82
N ALA A 67 -2.56 -0.86 4.63
CA ALA A 67 -2.22 0.48 4.15
C ALA A 67 -3.39 1.44 4.32
N CYS A 68 -3.09 2.73 4.41
CA CYS A 68 -4.13 3.75 4.58
C CYS A 68 -3.72 5.04 3.89
N ASN A 69 -4.71 5.76 3.36
CA ASN A 69 -4.46 7.03 2.69
C ASN A 69 -3.44 6.84 1.56
N VAL A 70 -3.65 5.83 0.73
CA VAL A 70 -2.76 5.54 -0.38
C VAL A 70 -2.72 6.71 -1.36
N TRP A 71 -1.54 7.32 -1.51
CA TRP A 71 -1.37 8.45 -2.42
C TRP A 71 -0.39 8.10 -3.52
N ARG A 72 -0.74 8.46 -4.76
CA ARG A 72 0.12 8.20 -5.90
C ARG A 72 1.04 9.38 -6.19
N VAL A 73 2.34 9.11 -6.24
CA VAL A 73 3.33 10.16 -6.50
C VAL A 73 3.83 10.07 -7.94
N SER A 74 3.84 8.87 -8.49
CA SER A 74 4.31 8.66 -9.86
C SER A 74 3.30 7.84 -10.66
N GLY A 75 3.30 8.03 -11.97
CA GLY A 75 2.38 7.30 -12.83
C GLY A 75 3.06 6.13 -13.53
N PRO A 76 2.33 5.52 -14.48
CA PRO A 76 2.84 4.38 -15.25
C PRO A 76 3.95 4.78 -16.21
N SER A 77 4.57 3.78 -16.84
CA SER A 77 5.65 4.04 -17.79
C SER A 77 6.01 2.76 -18.56
N SER A 78 6.41 2.94 -19.82
CA SER A 78 6.76 1.80 -20.66
C SER A 78 8.21 1.92 -21.14
N GLY A 79 8.89 0.78 -21.19
CA GLY A 79 10.28 0.77 -21.62
C GLY A 79 10.74 -0.60 -22.08
N GLY A 1 15.68 3.47 20.73
CA GLY A 1 14.29 3.45 21.17
C GLY A 1 13.32 3.35 20.01
N SER A 2 13.34 2.21 19.33
CA SER A 2 12.45 1.98 18.19
C SER A 2 11.45 0.87 18.49
N SER A 3 10.42 1.21 19.26
CA SER A 3 9.39 0.25 19.63
C SER A 3 8.47 -0.04 18.44
N GLY A 4 7.96 1.02 17.83
CA GLY A 4 7.06 0.86 16.69
C GLY A 4 7.33 1.87 15.60
N SER A 5 7.80 1.40 14.45
CA SER A 5 8.10 2.28 13.33
C SER A 5 6.85 3.04 12.89
N SER A 6 6.84 4.35 13.15
CA SER A 6 5.71 5.19 12.79
C SER A 6 6.12 6.23 11.76
N GLY A 7 6.07 5.85 10.49
CA GLY A 7 6.44 6.76 9.41
C GLY A 7 5.81 6.38 8.08
N LEU A 8 6.10 7.17 7.06
CA LEU A 8 5.57 6.91 5.72
C LEU A 8 6.54 6.07 4.90
N ARG A 9 5.99 5.20 4.06
CA ARG A 9 6.80 4.35 3.20
C ARG A 9 6.30 4.35 1.77
N ARG A 10 7.21 4.18 0.82
CA ARG A 10 6.86 4.17 -0.59
C ARG A 10 7.17 2.81 -1.22
N ALA A 11 6.31 2.37 -2.13
CA ALA A 11 6.49 1.09 -2.81
C ALA A 11 5.59 1.00 -4.04
N THR A 12 5.99 0.16 -4.99
CA THR A 12 5.23 -0.03 -6.22
C THR A 12 4.23 -1.17 -6.07
N VAL A 13 3.08 -1.03 -6.71
CA VAL A 13 2.03 -2.05 -6.66
C VAL A 13 2.34 -3.20 -7.60
N GLU A 14 1.92 -4.41 -7.22
CA GLU A 14 2.15 -5.59 -8.04
C GLU A 14 1.13 -5.68 -9.17
N CYS A 15 -0.12 -5.91 -8.81
CA CYS A 15 -1.20 -6.02 -9.78
C CYS A 15 -2.52 -5.54 -9.20
N VAL A 16 -3.17 -4.63 -9.92
CA VAL A 16 -4.46 -4.08 -9.47
C VAL A 16 -5.57 -4.40 -10.46
N LYS A 17 -6.04 -5.65 -10.43
CA LYS A 17 -7.11 -6.09 -11.33
C LYS A 17 -8.46 -6.01 -10.63
N ASP A 18 -8.57 -6.69 -9.49
CA ASP A 18 -9.81 -6.70 -8.73
C ASP A 18 -9.86 -5.53 -7.75
N GLN A 19 -11.01 -5.34 -7.11
CA GLN A 19 -11.19 -4.26 -6.15
C GLN A 19 -10.08 -4.28 -5.10
N PHE A 20 -9.56 -5.48 -4.81
CA PHE A 20 -8.49 -5.62 -3.83
C PHE A 20 -7.19 -6.03 -4.49
N GLY A 21 -6.11 -5.37 -4.12
CA GLY A 21 -4.80 -5.68 -4.70
C GLY A 21 -3.73 -5.83 -3.64
N PHE A 22 -2.49 -6.04 -4.10
CA PHE A 22 -1.37 -6.21 -3.18
C PHE A 22 -0.20 -5.31 -3.59
N ILE A 23 0.49 -4.75 -2.60
CA ILE A 23 1.62 -3.88 -2.86
C ILE A 23 2.93 -4.59 -2.57
N ASN A 24 3.93 -4.36 -3.43
CA ASN A 24 5.24 -4.98 -3.26
C ASN A 24 6.03 -4.31 -2.14
N TYR A 25 5.72 -4.69 -0.90
CA TYR A 25 6.39 -4.12 0.26
C TYR A 25 6.57 -5.17 1.35
N GLU A 26 7.78 -5.26 1.89
CA GLU A 26 8.08 -6.22 2.94
C GLU A 26 8.16 -5.54 4.30
N VAL A 27 7.30 -5.95 5.23
CA VAL A 27 7.27 -5.38 6.56
C VAL A 27 7.69 -6.41 7.61
N GLY A 28 7.48 -7.68 7.29
CA GLY A 28 7.84 -8.74 8.21
C GLY A 28 7.77 -10.12 7.57
N ASP A 29 6.80 -10.91 8.00
CA ASP A 29 6.61 -12.26 7.47
C ASP A 29 5.95 -12.22 6.09
N SER A 30 5.19 -11.16 5.84
CA SER A 30 4.49 -11.01 4.57
C SER A 30 5.42 -10.37 3.53
N LYS A 31 5.28 -10.80 2.28
CA LYS A 31 6.10 -10.28 1.19
C LYS A 31 5.45 -9.04 0.58
N LYS A 32 4.13 -8.98 0.63
CA LYS A 32 3.39 -7.84 0.09
C LYS A 32 2.32 -7.37 1.07
N LEU A 33 1.81 -6.16 0.85
CA LEU A 33 0.79 -5.58 1.71
C LEU A 33 -0.59 -5.73 1.08
N PHE A 34 -1.63 -5.51 1.89
CA PHE A 34 -3.00 -5.62 1.41
C PHE A 34 -3.74 -4.28 1.56
N PHE A 35 -4.55 -3.94 0.56
CA PHE A 35 -5.29 -2.69 0.59
C PHE A 35 -6.52 -2.79 -0.30
N HIS A 36 -7.59 -2.09 0.08
CA HIS A 36 -8.83 -2.10 -0.69
C HIS A 36 -9.01 -0.76 -1.42
N VAL A 37 -9.89 -0.77 -2.42
CA VAL A 37 -10.16 0.43 -3.20
C VAL A 37 -10.58 1.59 -2.31
N LYS A 38 -11.12 1.26 -1.14
CA LYS A 38 -11.57 2.28 -0.19
C LYS A 38 -10.38 3.06 0.35
N GLU A 39 -9.23 2.40 0.47
CA GLU A 39 -8.03 3.03 0.98
C GLU A 39 -7.68 4.27 0.15
N VAL A 40 -7.32 4.06 -1.11
CA VAL A 40 -6.96 5.15 -2.00
C VAL A 40 -8.05 6.24 -2.01
N GLN A 41 -7.62 7.48 -2.08
CA GLN A 41 -8.55 8.62 -2.09
C GLN A 41 -8.20 9.60 -3.20
N ASP A 42 -8.91 10.72 -3.25
CA ASP A 42 -8.68 11.73 -4.26
C ASP A 42 -8.97 11.19 -5.66
N GLY A 43 -9.84 10.19 -5.73
CA GLY A 43 -10.18 9.60 -7.01
C GLY A 43 -8.96 9.17 -7.80
N ILE A 44 -8.05 8.46 -7.15
CA ILE A 44 -6.83 7.99 -7.79
C ILE A 44 -6.88 6.49 -8.04
N GLU A 45 -6.26 6.06 -9.14
CA GLU A 45 -6.23 4.64 -9.48
C GLU A 45 -4.81 4.12 -9.50
N LEU A 46 -4.59 3.01 -8.80
CA LEU A 46 -3.26 2.39 -8.73
C LEU A 46 -3.16 1.19 -9.66
N GLN A 47 -2.11 1.15 -10.46
CA GLN A 47 -1.90 0.05 -11.40
C GLN A 47 -0.59 -0.68 -11.10
N ALA A 48 -0.29 -1.69 -11.89
CA ALA A 48 0.93 -2.48 -11.71
C ALA A 48 2.17 -1.65 -12.03
N GLY A 49 2.95 -1.33 -11.01
CA GLY A 49 4.16 -0.55 -11.21
C GLY A 49 3.97 0.91 -10.82
N ASP A 50 2.90 1.19 -10.09
CA ASP A 50 2.61 2.55 -9.65
C ASP A 50 3.08 2.77 -8.21
N GLU A 51 4.08 3.63 -8.06
CA GLU A 51 4.63 3.94 -6.74
C GLU A 51 3.66 4.81 -5.94
N VAL A 52 3.38 4.37 -4.72
CA VAL A 52 2.46 5.10 -3.84
C VAL A 52 3.01 5.17 -2.42
N GLU A 53 2.67 6.25 -1.71
CA GLU A 53 3.13 6.45 -0.34
C GLU A 53 2.04 6.06 0.65
N PHE A 54 2.31 5.04 1.47
CA PHE A 54 1.36 4.58 2.47
C PHE A 54 2.04 4.41 3.83
N SER A 55 1.21 4.31 4.87
CA SER A 55 1.73 4.16 6.23
C SER A 55 1.34 2.80 6.80
N VAL A 56 2.29 2.13 7.45
CA VAL A 56 2.05 0.83 8.05
C VAL A 56 1.17 0.95 9.29
N ILE A 57 -0.03 0.38 9.22
CA ILE A 57 -0.96 0.43 10.34
C ILE A 57 -1.28 -0.99 10.84
N LEU A 58 -1.09 -1.19 12.14
CA LEU A 58 -1.35 -2.49 12.75
C LEU A 58 -2.66 -2.46 13.54
N ASN A 59 -3.49 -3.48 13.33
CA ASN A 59 -4.77 -3.59 14.02
C ASN A 59 -4.70 -4.59 15.16
N GLN A 60 -5.08 -4.14 16.36
CA GLN A 60 -5.05 -4.99 17.53
C GLN A 60 -6.28 -5.90 17.58
N ARG A 61 -7.37 -5.42 16.99
CA ARG A 61 -8.62 -6.19 16.97
C ARG A 61 -8.47 -7.43 16.07
N THR A 62 -7.99 -7.22 14.86
CA THR A 62 -7.81 -8.31 13.91
C THR A 62 -6.43 -8.93 14.04
N GLY A 63 -5.39 -8.11 13.86
CA GLY A 63 -4.03 -8.58 13.96
C GLY A 63 -3.34 -8.66 12.61
N LYS A 64 -3.78 -7.84 11.67
CA LYS A 64 -3.20 -7.81 10.33
C LYS A 64 -2.69 -6.41 9.98
N CYS A 65 -2.04 -6.30 8.83
CA CYS A 65 -1.51 -5.02 8.38
C CYS A 65 -2.09 -4.64 7.03
N SER A 66 -2.21 -3.33 6.78
CA SER A 66 -2.75 -2.84 5.52
C SER A 66 -2.24 -1.43 5.24
N ALA A 67 -2.63 -0.89 4.09
CA ALA A 67 -2.22 0.45 3.69
C ALA A 67 -3.36 1.45 3.85
N CYS A 68 -3.05 2.61 4.44
CA CYS A 68 -4.04 3.64 4.65
C CYS A 68 -3.64 4.94 3.98
N ASN A 69 -4.63 5.69 3.49
CA ASN A 69 -4.36 6.95 2.81
C ASN A 69 -3.37 6.77 1.68
N VAL A 70 -3.55 5.69 0.91
CA VAL A 70 -2.66 5.40 -0.21
C VAL A 70 -2.67 6.54 -1.23
N TRP A 71 -1.51 7.17 -1.41
CA TRP A 71 -1.38 8.27 -2.36
C TRP A 71 -0.43 7.91 -3.49
N ARG A 72 -0.82 8.25 -4.73
CA ARG A 72 -0.01 7.95 -5.89
C ARG A 72 1.15 8.96 -6.00
N VAL A 73 2.36 8.46 -5.85
CA VAL A 73 3.55 9.30 -5.94
C VAL A 73 4.05 9.42 -7.38
N SER A 74 4.15 8.28 -8.05
CA SER A 74 4.61 8.24 -9.43
C SER A 74 3.69 7.37 -10.29
N GLY A 75 3.37 7.85 -11.48
CA GLY A 75 2.51 7.10 -12.38
C GLY A 75 3.24 6.61 -13.60
N PRO A 76 2.48 6.07 -14.57
CA PRO A 76 3.05 5.54 -15.83
C PRO A 76 3.60 6.65 -16.72
N SER A 77 4.10 6.26 -17.89
CA SER A 77 4.66 7.22 -18.84
C SER A 77 4.26 6.85 -20.26
N SER A 78 3.85 7.85 -21.04
CA SER A 78 3.45 7.64 -22.42
C SER A 78 4.66 7.67 -23.35
N GLY A 79 5.60 6.76 -23.13
CA GLY A 79 6.80 6.70 -23.96
C GLY A 79 8.04 7.12 -23.20
N GLY A 1 11.06 -6.48 16.57
CA GLY A 1 10.37 -5.48 15.75
C GLY A 1 9.41 -4.64 16.56
N SER A 2 8.34 -4.19 15.92
CA SER A 2 7.34 -3.35 16.57
C SER A 2 8.00 -2.15 17.24
N SER A 3 9.11 -1.69 16.68
CA SER A 3 9.85 -0.56 17.22
C SER A 3 10.60 0.17 16.12
N GLY A 4 10.47 1.50 16.10
CA GLY A 4 11.16 2.29 15.10
C GLY A 4 10.29 3.40 14.54
N SER A 5 10.69 3.93 13.38
CA SER A 5 9.94 5.01 12.75
C SER A 5 8.49 4.59 12.50
N SER A 6 8.31 3.62 11.61
CA SER A 6 6.97 3.14 11.27
C SER A 6 6.10 4.26 10.72
N GLY A 7 6.67 5.03 9.80
CA GLY A 7 5.93 6.13 9.20
C GLY A 7 5.62 5.89 7.74
N LEU A 8 5.53 6.96 6.97
CA LEU A 8 5.23 6.86 5.54
C LEU A 8 6.26 6.00 4.83
N ARG A 9 5.79 5.16 3.90
CA ARG A 9 6.67 4.28 3.15
C ARG A 9 6.28 4.26 1.67
N ARG A 10 7.29 4.30 0.80
CA ARG A 10 7.05 4.29 -0.64
C ARG A 10 7.34 2.91 -1.22
N ALA A 11 6.45 2.46 -2.10
CA ALA A 11 6.60 1.16 -2.73
C ALA A 11 5.75 1.05 -3.99
N THR A 12 6.12 0.13 -4.89
CA THR A 12 5.39 -0.06 -6.12
C THR A 12 4.38 -1.19 -6.00
N VAL A 13 3.34 -1.14 -6.82
CA VAL A 13 2.29 -2.17 -6.80
C VAL A 13 2.60 -3.28 -7.79
N GLU A 14 2.28 -4.52 -7.41
CA GLU A 14 2.53 -5.67 -8.26
C GLU A 14 1.52 -5.71 -9.41
N CYS A 15 0.26 -6.01 -9.08
CA CYS A 15 -0.79 -6.08 -10.09
C CYS A 15 -2.14 -5.69 -9.49
N VAL A 16 -2.93 -4.95 -10.26
CA VAL A 16 -4.24 -4.50 -9.81
C VAL A 16 -5.29 -4.70 -10.90
N LYS A 17 -6.20 -5.63 -10.67
CA LYS A 17 -7.27 -5.91 -11.64
C LYS A 17 -8.63 -5.90 -10.96
N ASP A 18 -8.70 -6.46 -9.76
CA ASP A 18 -9.94 -6.51 -9.00
C ASP A 18 -9.99 -5.39 -7.97
N GLN A 19 -11.16 -5.23 -7.33
CA GLN A 19 -11.34 -4.20 -6.32
C GLN A 19 -10.23 -4.26 -5.27
N PHE A 20 -9.71 -5.46 -5.03
CA PHE A 20 -8.65 -5.66 -4.05
C PHE A 20 -7.36 -6.07 -4.73
N GLY A 21 -6.26 -5.43 -4.33
CA GLY A 21 -4.97 -5.74 -4.92
C GLY A 21 -3.87 -5.83 -3.87
N PHE A 22 -2.68 -6.24 -4.30
CA PHE A 22 -1.55 -6.37 -3.40
C PHE A 22 -0.41 -5.46 -3.83
N ILE A 23 0.33 -4.94 -2.84
CA ILE A 23 1.45 -4.04 -3.11
C ILE A 23 2.78 -4.78 -3.02
N ASN A 24 3.74 -4.37 -3.84
CA ASN A 24 5.05 -4.99 -3.85
C ASN A 24 5.94 -4.41 -2.74
N TYR A 25 5.49 -4.55 -1.50
CA TYR A 25 6.23 -4.03 -0.36
C TYR A 25 6.50 -5.14 0.65
N GLU A 26 7.56 -4.97 1.43
CA GLU A 26 7.93 -5.96 2.44
C GLU A 26 7.76 -5.40 3.85
N VAL A 27 7.02 -6.12 4.68
CA VAL A 27 6.78 -5.70 6.05
C VAL A 27 7.07 -6.82 7.05
N GLY A 28 8.01 -7.69 6.68
CA GLY A 28 8.38 -8.80 7.54
C GLY A 28 7.32 -9.90 7.54
N ASP A 29 7.74 -11.10 7.18
CA ASP A 29 6.82 -12.24 7.14
C ASP A 29 5.66 -11.97 6.20
N SER A 30 5.90 -11.12 5.19
CA SER A 30 4.87 -10.78 4.23
C SER A 30 5.44 -9.92 3.10
N LYS A 31 5.42 -10.46 1.89
CA LYS A 31 5.94 -9.75 0.72
C LYS A 31 4.80 -9.12 -0.08
N LYS A 32 3.69 -8.83 0.59
CA LYS A 32 2.54 -8.22 -0.05
C LYS A 32 1.67 -7.47 0.96
N LEU A 33 1.09 -6.37 0.52
CA LEU A 33 0.24 -5.55 1.40
C LEU A 33 -1.19 -5.54 0.89
N PHE A 34 -2.14 -5.88 1.76
CA PHE A 34 -3.55 -5.90 1.39
C PHE A 34 -4.17 -4.52 1.55
N PHE A 35 -4.85 -4.06 0.51
CA PHE A 35 -5.49 -2.75 0.53
C PHE A 35 -6.72 -2.73 -0.38
N HIS A 36 -7.78 -2.10 0.10
CA HIS A 36 -9.03 -2.01 -0.67
C HIS A 36 -9.10 -0.68 -1.43
N VAL A 37 -9.94 -0.65 -2.46
CA VAL A 37 -10.11 0.55 -3.27
C VAL A 37 -10.49 1.75 -2.40
N LYS A 38 -11.11 1.46 -1.27
CA LYS A 38 -11.54 2.51 -0.35
C LYS A 38 -10.33 3.29 0.19
N GLU A 39 -9.21 2.60 0.34
CA GLU A 39 -7.99 3.22 0.84
C GLU A 39 -7.60 4.42 -0.02
N VAL A 40 -7.22 4.14 -1.26
CA VAL A 40 -6.82 5.20 -2.19
C VAL A 40 -7.88 6.29 -2.25
N GLN A 41 -7.42 7.54 -2.38
CA GLN A 41 -8.32 8.67 -2.45
C GLN A 41 -7.95 9.59 -3.62
N ASP A 42 -8.67 10.70 -3.74
CA ASP A 42 -8.42 11.66 -4.82
C ASP A 42 -8.69 11.03 -6.18
N GLY A 43 -9.56 10.03 -6.20
CA GLY A 43 -9.90 9.35 -7.44
C GLY A 43 -8.68 8.88 -8.19
N ILE A 44 -7.76 8.21 -7.47
CA ILE A 44 -6.54 7.70 -8.07
C ILE A 44 -6.60 6.19 -8.22
N GLU A 45 -5.96 5.68 -9.28
CA GLU A 45 -5.93 4.25 -9.54
C GLU A 45 -4.51 3.71 -9.50
N LEU A 46 -4.30 2.65 -8.72
CA LEU A 46 -2.99 2.04 -8.59
C LEU A 46 -2.84 0.85 -9.54
N GLN A 47 -1.85 0.93 -10.42
CA GLN A 47 -1.61 -0.14 -11.39
C GLN A 47 -0.24 -0.78 -11.16
N ALA A 48 0.09 -1.77 -11.97
CA ALA A 48 1.37 -2.46 -11.85
C ALA A 48 2.52 -1.52 -12.18
N GLY A 49 3.36 -1.24 -11.17
CA GLY A 49 4.49 -0.37 -11.35
C GLY A 49 4.20 1.06 -10.91
N ASP A 50 3.13 1.22 -10.14
CA ASP A 50 2.75 2.54 -9.64
C ASP A 50 3.24 2.74 -8.20
N GLU A 51 4.18 3.66 -8.03
CA GLU A 51 4.73 3.94 -6.70
C GLU A 51 3.79 4.85 -5.92
N VAL A 52 3.47 4.44 -4.69
CA VAL A 52 2.58 5.22 -3.83
C VAL A 52 3.13 5.29 -2.41
N GLU A 53 2.64 6.26 -1.65
CA GLU A 53 3.07 6.45 -0.26
C GLU A 53 1.95 6.10 0.71
N PHE A 54 2.20 5.10 1.55
CA PHE A 54 1.21 4.66 2.53
C PHE A 54 1.84 4.52 3.91
N SER A 55 1.01 4.49 4.94
CA SER A 55 1.49 4.36 6.31
C SER A 55 1.17 2.97 6.87
N VAL A 56 2.14 2.38 7.55
CA VAL A 56 1.97 1.05 8.13
C VAL A 56 1.22 1.14 9.47
N ILE A 57 0.03 0.54 9.52
CA ILE A 57 -0.77 0.55 10.73
C ILE A 57 -0.95 -0.86 11.28
N LEU A 58 -0.59 -1.05 12.54
CA LEU A 58 -0.70 -2.35 13.18
C LEU A 58 -1.98 -2.43 14.02
N ASN A 59 -2.74 -3.50 13.84
CA ASN A 59 -3.98 -3.69 14.59
C ASN A 59 -3.80 -4.76 15.66
N GLN A 60 -4.12 -4.41 16.90
CA GLN A 60 -4.00 -5.34 18.01
C GLN A 60 -5.22 -6.25 18.10
N ARG A 61 -6.35 -5.76 17.60
CA ARG A 61 -7.59 -6.53 17.61
C ARG A 61 -7.48 -7.76 16.73
N THR A 62 -7.09 -7.56 15.48
CA THR A 62 -6.94 -8.67 14.54
C THR A 62 -5.54 -9.26 14.60
N GLY A 63 -4.54 -8.40 14.50
CA GLY A 63 -3.16 -8.86 14.56
C GLY A 63 -2.50 -8.87 13.20
N LYS A 64 -3.04 -8.07 12.28
CA LYS A 64 -2.49 -7.99 10.93
C LYS A 64 -2.14 -6.55 10.58
N CYS A 65 -1.56 -6.36 9.38
CA CYS A 65 -1.17 -5.04 8.93
C CYS A 65 -1.92 -4.65 7.65
N SER A 66 -1.95 -3.35 7.36
CA SER A 66 -2.65 -2.86 6.17
C SER A 66 -2.19 -1.45 5.83
N ALA A 67 -2.63 -0.95 4.69
CA ALA A 67 -2.27 0.39 4.24
C ALA A 67 -3.40 1.38 4.51
N CYS A 68 -3.14 2.66 4.26
CA CYS A 68 -4.14 3.70 4.47
C CYS A 68 -3.69 5.01 3.83
N ASN A 69 -4.66 5.78 3.34
CA ASN A 69 -4.38 7.06 2.70
C ASN A 69 -3.35 6.89 1.58
N VAL A 70 -3.50 5.82 0.80
CA VAL A 70 -2.59 5.54 -0.30
C VAL A 70 -2.59 6.68 -1.31
N TRP A 71 -1.43 7.31 -1.47
CA TRP A 71 -1.30 8.43 -2.42
C TRP A 71 -0.30 8.09 -3.52
N ARG A 72 -0.68 8.40 -4.76
CA ARG A 72 0.18 8.12 -5.89
C ARG A 72 1.06 9.33 -6.22
N VAL A 73 2.37 9.11 -6.25
CA VAL A 73 3.32 10.18 -6.55
C VAL A 73 3.83 10.08 -7.98
N SER A 74 3.86 8.85 -8.51
CA SER A 74 4.33 8.62 -9.87
C SER A 74 3.43 7.63 -10.59
N GLY A 75 3.50 7.63 -11.93
CA GLY A 75 2.69 6.73 -12.71
C GLY A 75 2.85 6.95 -14.20
N PRO A 76 2.20 6.10 -15.01
CA PRO A 76 2.27 6.18 -16.47
C PRO A 76 1.53 7.40 -17.01
N SER A 77 2.16 8.11 -17.93
CA SER A 77 1.56 9.29 -18.53
C SER A 77 0.51 8.91 -19.57
N SER A 78 -0.76 9.11 -19.21
CA SER A 78 -1.86 8.78 -20.11
C SER A 78 -1.70 9.51 -21.45
N GLY A 79 -2.56 9.15 -22.41
CA GLY A 79 -2.50 9.77 -23.72
C GLY A 79 -3.48 10.92 -23.86
N GLY A 1 0.11 1.18 18.83
CA GLY A 1 0.83 -0.01 18.41
C GLY A 1 2.01 -0.30 19.30
N SER A 2 2.06 -1.51 19.86
CA SER A 2 3.15 -1.92 20.73
C SER A 2 4.48 -1.84 20.01
N SER A 3 4.65 -2.65 18.97
CA SER A 3 5.88 -2.67 18.19
C SER A 3 5.61 -3.04 16.74
N GLY A 4 6.60 -2.83 15.88
CA GLY A 4 6.44 -3.15 14.47
C GLY A 4 7.09 -2.12 13.58
N SER A 5 6.30 -1.17 13.09
CA SER A 5 6.80 -0.12 12.22
C SER A 5 5.81 1.02 12.11
N SER A 6 6.31 2.25 12.05
CA SER A 6 5.46 3.43 11.95
C SER A 6 6.14 4.51 11.09
N GLY A 7 5.42 4.99 10.08
CA GLY A 7 5.96 6.01 9.20
C GLY A 7 5.58 5.80 7.76
N LEU A 8 5.74 6.83 6.94
CA LEU A 8 5.41 6.76 5.53
C LEU A 8 6.38 5.85 4.78
N ARG A 9 5.88 5.11 3.82
CA ARG A 9 6.71 4.20 3.03
C ARG A 9 6.23 4.15 1.58
N ARG A 10 7.18 4.13 0.65
CA ARG A 10 6.86 4.08 -0.77
C ARG A 10 7.11 2.69 -1.33
N ALA A 11 6.24 2.27 -2.26
CA ALA A 11 6.37 0.96 -2.87
C ALA A 11 5.54 0.87 -4.14
N THR A 12 5.93 -0.03 -5.04
CA THR A 12 5.21 -0.21 -6.31
C THR A 12 4.24 -1.38 -6.22
N VAL A 13 3.08 -1.23 -6.86
CA VAL A 13 2.07 -2.29 -6.85
C VAL A 13 2.39 -3.35 -7.89
N GLU A 14 2.01 -4.60 -7.58
CA GLU A 14 2.26 -5.71 -8.50
C GLU A 14 1.21 -5.75 -9.60
N CYS A 15 -0.06 -5.77 -9.20
CA CYS A 15 -1.16 -5.81 -10.16
C CYS A 15 -2.48 -5.38 -9.50
N VAL A 16 -3.23 -4.54 -10.20
CA VAL A 16 -4.51 -4.06 -9.68
C VAL A 16 -5.62 -4.27 -10.69
N LYS A 17 -6.40 -5.32 -10.49
CA LYS A 17 -7.52 -5.64 -11.39
C LYS A 17 -8.82 -5.75 -10.60
N ASP A 18 -8.75 -6.34 -9.42
CA ASP A 18 -9.94 -6.50 -8.58
C ASP A 18 -10.05 -5.36 -7.57
N GLN A 19 -11.17 -5.32 -6.86
CA GLN A 19 -11.41 -4.28 -5.86
C GLN A 19 -10.24 -4.19 -4.89
N PHE A 20 -9.58 -5.32 -4.66
CA PHE A 20 -8.44 -5.35 -3.75
C PHE A 20 -7.17 -5.79 -4.47
N GLY A 21 -6.05 -5.15 -4.14
CA GLY A 21 -4.80 -5.49 -4.76
C GLY A 21 -3.70 -5.74 -3.76
N PHE A 22 -2.52 -6.12 -4.25
CA PHE A 22 -1.38 -6.40 -3.38
C PHE A 22 -0.17 -5.55 -3.79
N ILE A 23 0.51 -5.00 -2.79
CA ILE A 23 1.68 -4.16 -3.04
C ILE A 23 2.97 -4.92 -2.76
N ASN A 24 4.01 -4.64 -3.52
CA ASN A 24 5.29 -5.29 -3.35
C ASN A 24 6.07 -4.68 -2.19
N TYR A 25 5.57 -4.88 -0.97
CA TYR A 25 6.21 -4.34 0.22
C TYR A 25 6.34 -5.42 1.29
N GLU A 26 7.49 -5.44 1.97
CA GLU A 26 7.74 -6.42 3.02
C GLU A 26 7.60 -5.78 4.40
N VAL A 27 6.67 -6.31 5.19
CA VAL A 27 6.44 -5.79 6.53
C VAL A 27 6.73 -6.86 7.59
N GLY A 28 7.72 -7.70 7.32
CA GLY A 28 8.07 -8.75 8.26
C GLY A 28 7.71 -10.13 7.74
N ASP A 29 6.60 -10.66 8.21
CA ASP A 29 6.15 -12.00 7.79
C ASP A 29 5.71 -11.98 6.33
N SER A 30 4.56 -11.36 6.07
CA SER A 30 4.03 -11.28 4.71
C SER A 30 5.03 -10.61 3.77
N LYS A 31 5.17 -11.16 2.58
CA LYS A 31 6.10 -10.62 1.58
C LYS A 31 5.49 -9.43 0.86
N LYS A 32 4.16 -9.42 0.77
CA LYS A 32 3.44 -8.33 0.10
C LYS A 32 2.47 -7.66 1.06
N LEU A 33 1.92 -6.52 0.64
CA LEU A 33 0.97 -5.79 1.46
C LEU A 33 -0.43 -5.86 0.87
N PHE A 34 -1.44 -5.68 1.72
CA PHE A 34 -2.83 -5.72 1.28
C PHE A 34 -3.51 -4.38 1.49
N PHE A 35 -4.36 -3.99 0.55
CA PHE A 35 -5.07 -2.73 0.62
C PHE A 35 -6.34 -2.76 -0.22
N HIS A 36 -7.32 -1.96 0.16
CA HIS A 36 -8.59 -1.90 -0.56
C HIS A 36 -8.74 -0.56 -1.29
N VAL A 37 -9.71 -0.50 -2.20
CA VAL A 37 -9.96 0.72 -2.97
C VAL A 37 -10.36 1.87 -2.05
N LYS A 38 -10.91 1.53 -0.89
CA LYS A 38 -11.34 2.54 0.07
C LYS A 38 -10.14 3.34 0.58
N GLU A 39 -9.00 2.67 0.70
CA GLU A 39 -7.78 3.32 1.19
C GLU A 39 -7.43 4.52 0.32
N VAL A 40 -7.05 4.24 -0.94
CA VAL A 40 -6.68 5.30 -1.87
C VAL A 40 -7.76 6.37 -1.94
N GLN A 41 -7.35 7.62 -1.76
CA GLN A 41 -8.28 8.75 -1.80
C GLN A 41 -7.98 9.66 -2.99
N ASP A 42 -8.64 10.80 -3.03
CA ASP A 42 -8.45 11.76 -4.10
C ASP A 42 -8.82 11.15 -5.46
N GLY A 43 -9.70 10.15 -5.42
CA GLY A 43 -10.13 9.49 -6.64
C GLY A 43 -8.96 9.03 -7.49
N ILE A 44 -7.96 8.43 -6.84
CA ILE A 44 -6.79 7.95 -7.53
C ILE A 44 -6.84 6.43 -7.70
N GLU A 45 -6.26 5.93 -8.79
CA GLU A 45 -6.23 4.51 -9.07
C GLU A 45 -4.80 3.99 -9.17
N LEU A 46 -4.51 2.93 -8.43
CA LEU A 46 -3.17 2.34 -8.44
C LEU A 46 -3.09 1.18 -9.43
N GLN A 47 -2.05 1.20 -10.26
CA GLN A 47 -1.86 0.15 -11.26
C GLN A 47 -0.53 -0.56 -11.05
N ALA A 48 -0.24 -1.54 -11.90
CA ALA A 48 1.00 -2.30 -11.80
C ALA A 48 2.20 -1.44 -12.13
N GLY A 49 3.05 -1.21 -11.12
CA GLY A 49 4.23 -0.40 -11.33
C GLY A 49 4.03 1.04 -10.88
N ASP A 50 2.98 1.27 -10.11
CA ASP A 50 2.67 2.61 -9.63
C ASP A 50 3.17 2.81 -8.20
N GLU A 51 4.14 3.69 -8.03
CA GLU A 51 4.70 3.96 -6.71
C GLU A 51 3.78 4.86 -5.90
N VAL A 52 3.40 4.39 -4.72
CA VAL A 52 2.52 5.15 -3.84
C VAL A 52 3.04 5.14 -2.40
N GLU A 53 2.59 6.12 -1.61
CA GLU A 53 3.01 6.23 -0.22
C GLU A 53 1.87 5.86 0.72
N PHE A 54 2.17 5.02 1.70
CA PHE A 54 1.17 4.59 2.67
C PHE A 54 1.76 4.49 4.07
N SER A 55 0.90 4.51 5.09
CA SER A 55 1.35 4.42 6.47
C SER A 55 0.98 3.07 7.07
N VAL A 56 1.97 2.42 7.69
CA VAL A 56 1.75 1.12 8.32
C VAL A 56 0.83 1.24 9.53
N ILE A 57 -0.33 0.61 9.46
CA ILE A 57 -1.30 0.64 10.55
C ILE A 57 -1.52 -0.75 11.13
N LEU A 58 -1.37 -0.87 12.45
CA LEU A 58 -1.55 -2.14 13.13
C LEU A 58 -2.89 -2.18 13.86
N ASN A 59 -3.64 -3.25 13.66
CA ASN A 59 -4.94 -3.42 14.31
C ASN A 59 -4.92 -4.59 15.28
N GLN A 60 -5.13 -4.28 16.56
CA GLN A 60 -5.13 -5.32 17.59
C GLN A 60 -6.43 -6.12 17.56
N ARG A 61 -7.49 -5.49 17.07
CA ARG A 61 -8.79 -6.16 16.98
C ARG A 61 -8.71 -7.37 16.08
N THR A 62 -8.06 -7.21 14.92
CA THR A 62 -7.92 -8.30 13.97
C THR A 62 -6.56 -8.98 14.11
N GLY A 63 -5.50 -8.20 13.95
CA GLY A 63 -4.15 -8.75 14.06
C GLY A 63 -3.42 -8.75 12.73
N LYS A 64 -3.88 -7.94 11.80
CA LYS A 64 -3.27 -7.86 10.47
C LYS A 64 -2.89 -6.42 10.14
N CYS A 65 -1.86 -6.26 9.32
CA CYS A 65 -1.39 -4.94 8.93
C CYS A 65 -1.83 -4.61 7.50
N SER A 66 -1.94 -3.33 7.19
CA SER A 66 -2.35 -2.88 5.87
C SER A 66 -1.98 -1.42 5.65
N ALA A 67 -2.30 -0.92 4.45
CA ALA A 67 -2.00 0.47 4.12
C ALA A 67 -3.21 1.37 4.34
N CYS A 68 -2.97 2.67 4.46
CA CYS A 68 -4.04 3.63 4.67
C CYS A 68 -3.72 4.97 4.00
N ASN A 69 -4.75 5.63 3.50
CA ASN A 69 -4.58 6.92 2.83
C ASN A 69 -3.50 6.83 1.74
N VAL A 70 -3.54 5.75 0.97
CA VAL A 70 -2.58 5.54 -0.11
C VAL A 70 -2.60 6.71 -1.09
N TRP A 71 -1.44 7.32 -1.31
CA TRP A 71 -1.32 8.44 -2.23
C TRP A 71 -0.40 8.10 -3.39
N ARG A 72 -0.81 8.48 -4.59
CA ARG A 72 -0.02 8.22 -5.80
C ARG A 72 0.92 9.38 -6.10
N VAL A 73 2.21 9.08 -6.21
CA VAL A 73 3.21 10.10 -6.49
C VAL A 73 3.69 10.00 -7.93
N SER A 74 3.64 8.80 -8.50
CA SER A 74 4.07 8.58 -9.87
C SER A 74 3.03 7.76 -10.64
N GLY A 75 3.11 7.81 -11.97
CA GLY A 75 2.17 7.08 -12.80
C GLY A 75 2.06 7.66 -14.19
N PRO A 76 1.44 6.90 -15.10
CA PRO A 76 1.24 7.32 -16.49
C PRO A 76 0.23 8.45 -16.62
N SER A 77 0.26 9.15 -17.75
CA SER A 77 -0.65 10.25 -17.99
C SER A 77 -1.55 9.98 -19.19
N SER A 78 -2.80 9.64 -18.92
CA SER A 78 -3.76 9.34 -19.98
C SER A 78 -3.83 10.48 -20.99
N GLY A 79 -3.44 10.19 -22.22
CA GLY A 79 -3.47 11.20 -23.26
C GLY A 79 -3.91 10.65 -24.61
N GLY A 1 19.75 10.53 18.70
CA GLY A 1 18.43 10.00 18.40
C GLY A 1 17.44 11.07 18.02
N SER A 2 16.82 10.92 16.86
CA SER A 2 15.85 11.89 16.38
C SER A 2 14.54 11.20 15.96
N SER A 3 14.66 10.31 14.98
CA SER A 3 13.50 9.58 14.47
C SER A 3 13.52 8.13 14.95
N GLY A 4 12.50 7.37 14.56
CA GLY A 4 12.42 5.98 14.95
C GLY A 4 11.96 5.08 13.82
N SER A 5 10.98 4.23 14.10
CA SER A 5 10.46 3.31 13.09
C SER A 5 8.98 3.59 12.83
N SER A 6 8.67 4.84 12.50
CA SER A 6 7.30 5.23 12.22
C SER A 6 7.27 6.41 11.25
N GLY A 7 6.59 6.22 10.12
CA GLY A 7 6.50 7.27 9.12
C GLY A 7 5.81 6.80 7.85
N LEU A 8 6.20 7.38 6.72
CA LEU A 8 5.61 7.03 5.44
C LEU A 8 6.47 6.00 4.71
N ARG A 9 5.82 5.16 3.91
CA ARG A 9 6.54 4.13 3.15
C ARG A 9 6.13 4.16 1.68
N ARG A 10 7.11 4.02 0.80
CA ARG A 10 6.86 4.02 -0.64
C ARG A 10 7.24 2.69 -1.26
N ALA A 11 6.35 2.16 -2.10
CA ALA A 11 6.59 0.89 -2.76
C ALA A 11 5.74 0.76 -4.02
N THR A 12 6.15 -0.13 -4.92
CA THR A 12 5.42 -0.36 -6.16
C THR A 12 4.38 -1.46 -6.01
N VAL A 13 3.32 -1.38 -6.81
CA VAL A 13 2.25 -2.38 -6.76
C VAL A 13 2.42 -3.41 -7.87
N GLU A 14 2.13 -4.67 -7.54
CA GLU A 14 2.25 -5.75 -8.51
C GLU A 14 1.18 -5.63 -9.59
N CYS A 15 -0.08 -5.74 -9.18
CA CYS A 15 -1.20 -5.65 -10.11
C CYS A 15 -2.47 -5.19 -9.40
N VAL A 16 -3.40 -4.62 -10.17
CA VAL A 16 -4.66 -4.14 -9.61
C VAL A 16 -5.84 -4.54 -10.49
N LYS A 17 -6.26 -5.80 -10.36
CA LYS A 17 -7.38 -6.30 -11.15
C LYS A 17 -8.69 -6.13 -10.39
N ASP A 18 -8.72 -6.61 -9.15
CA ASP A 18 -9.91 -6.49 -8.31
C ASP A 18 -9.85 -5.25 -7.42
N GLN A 19 -10.94 -4.97 -6.74
CA GLN A 19 -11.01 -3.81 -5.85
C GLN A 19 -9.84 -3.81 -4.87
N PHE A 20 -9.36 -5.00 -4.52
CA PHE A 20 -8.25 -5.14 -3.60
C PHE A 20 -7.03 -5.71 -4.29
N GLY A 21 -5.87 -5.09 -4.06
CA GLY A 21 -4.64 -5.56 -4.68
C GLY A 21 -3.53 -5.78 -3.67
N PHE A 22 -2.35 -6.16 -4.15
CA PHE A 22 -1.21 -6.39 -3.29
C PHE A 22 -0.01 -5.55 -3.72
N ILE A 23 0.62 -4.88 -2.76
CA ILE A 23 1.77 -4.05 -3.03
C ILE A 23 3.06 -4.75 -2.65
N ASN A 24 4.13 -4.48 -3.41
CA ASN A 24 5.43 -5.08 -3.14
C ASN A 24 6.10 -4.42 -1.93
N TYR A 25 5.55 -4.67 -0.75
CA TYR A 25 6.09 -4.10 0.48
C TYR A 25 6.17 -5.16 1.58
N GLU A 26 7.29 -5.19 2.28
CA GLU A 26 7.48 -6.15 3.37
C GLU A 26 7.15 -5.52 4.71
N VAL A 27 6.28 -6.18 5.48
CA VAL A 27 5.88 -5.69 6.78
C VAL A 27 5.99 -6.78 7.84
N GLY A 28 7.11 -7.51 7.82
CA GLY A 28 7.32 -8.58 8.78
C GLY A 28 7.24 -9.95 8.15
N ASP A 29 6.04 -10.52 8.10
CA ASP A 29 5.84 -11.84 7.52
C ASP A 29 5.35 -11.72 6.07
N SER A 30 4.23 -11.03 5.90
CA SER A 30 3.65 -10.86 4.57
C SER A 30 4.61 -10.09 3.66
N LYS A 31 4.96 -10.72 2.53
CA LYS A 31 5.87 -10.10 1.58
C LYS A 31 5.18 -8.97 0.83
N LYS A 32 3.86 -9.05 0.71
CA LYS A 32 3.09 -8.03 0.02
C LYS A 32 2.24 -7.23 1.01
N LEU A 33 1.56 -6.20 0.51
CA LEU A 33 0.72 -5.36 1.35
C LEU A 33 -0.72 -5.34 0.82
N PHE A 34 -1.66 -5.70 1.68
CA PHE A 34 -3.07 -5.72 1.31
C PHE A 34 -3.69 -4.33 1.46
N PHE A 35 -4.54 -3.97 0.51
CA PHE A 35 -5.20 -2.67 0.53
C PHE A 35 -6.48 -2.69 -0.30
N HIS A 36 -7.47 -1.92 0.12
CA HIS A 36 -8.75 -1.85 -0.59
C HIS A 36 -8.91 -0.50 -1.29
N VAL A 37 -9.78 -0.46 -2.29
CA VAL A 37 -10.02 0.76 -3.04
C VAL A 37 -10.41 1.90 -2.12
N LYS A 38 -10.99 1.56 -0.97
CA LYS A 38 -11.41 2.55 0.00
C LYS A 38 -10.22 3.35 0.52
N GLU A 39 -9.05 2.71 0.54
CA GLU A 39 -7.84 3.36 1.02
C GLU A 39 -7.46 4.54 0.12
N VAL A 40 -7.09 4.24 -1.12
CA VAL A 40 -6.72 5.29 -2.07
C VAL A 40 -7.79 6.37 -2.16
N GLN A 41 -7.37 7.61 -1.99
CA GLN A 41 -8.30 8.75 -2.05
C GLN A 41 -8.00 9.64 -3.25
N ASP A 42 -8.65 10.79 -3.30
CA ASP A 42 -8.45 11.73 -4.40
C ASP A 42 -8.83 11.10 -5.73
N GLY A 43 -9.71 10.11 -5.68
CA GLY A 43 -10.14 9.44 -6.90
C GLY A 43 -8.98 8.96 -7.74
N ILE A 44 -8.00 8.34 -7.10
CA ILE A 44 -6.82 7.84 -7.80
C ILE A 44 -6.88 6.32 -7.94
N GLU A 45 -6.34 5.82 -9.06
CA GLU A 45 -6.34 4.38 -9.32
C GLU A 45 -4.90 3.87 -9.45
N LEU A 46 -4.56 2.88 -8.64
CA LEU A 46 -3.22 2.30 -8.66
C LEU A 46 -3.14 1.17 -9.69
N GLN A 47 -1.98 1.04 -10.33
CA GLN A 47 -1.78 0.00 -11.34
C GLN A 47 -0.46 -0.72 -11.11
N ALA A 48 -0.12 -1.61 -12.03
CA ALA A 48 1.13 -2.37 -11.92
C ALA A 48 2.34 -1.48 -12.17
N GLY A 49 3.20 -1.36 -11.16
CA GLY A 49 4.38 -0.55 -11.28
C GLY A 49 4.15 0.89 -10.82
N ASP A 50 3.05 1.11 -10.11
CA ASP A 50 2.71 2.43 -9.62
C ASP A 50 3.20 2.64 -8.20
N GLU A 51 4.11 3.58 -8.02
CA GLU A 51 4.67 3.86 -6.69
C GLU A 51 3.74 4.79 -5.90
N VAL A 52 3.36 4.35 -4.72
CA VAL A 52 2.47 5.13 -3.87
C VAL A 52 3.01 5.22 -2.44
N GLU A 53 2.47 6.15 -1.67
CA GLU A 53 2.90 6.33 -0.28
C GLU A 53 1.77 5.98 0.69
N PHE A 54 2.01 4.98 1.53
CA PHE A 54 1.01 4.55 2.50
C PHE A 54 1.64 4.41 3.89
N SER A 55 0.80 4.45 4.92
CA SER A 55 1.26 4.33 6.30
C SER A 55 0.93 2.96 6.87
N VAL A 56 1.91 2.34 7.52
CA VAL A 56 1.72 1.03 8.12
C VAL A 56 0.90 1.11 9.40
N ILE A 57 -0.20 0.36 9.43
CA ILE A 57 -1.07 0.35 10.60
C ILE A 57 -1.23 -1.05 11.17
N LEU A 58 -0.99 -1.19 12.47
CA LEU A 58 -1.10 -2.49 13.14
C LEU A 58 -2.33 -2.54 14.02
N ASN A 59 -3.11 -3.62 13.90
CA ASN A 59 -4.32 -3.79 14.68
C ASN A 59 -4.08 -4.76 15.83
N GLN A 60 -4.39 -4.33 17.05
CA GLN A 60 -4.22 -5.17 18.23
C GLN A 60 -5.41 -6.11 18.41
N ARG A 61 -6.57 -5.68 17.94
CA ARG A 61 -7.79 -6.47 18.05
C ARG A 61 -7.73 -7.68 17.12
N THR A 62 -7.37 -7.45 15.86
CA THR A 62 -7.28 -8.51 14.89
C THR A 62 -5.88 -9.09 14.82
N GLY A 63 -4.89 -8.23 14.57
CA GLY A 63 -3.52 -8.69 14.49
C GLY A 63 -2.98 -8.69 13.07
N LYS A 64 -3.59 -7.89 12.22
CA LYS A 64 -3.17 -7.80 10.82
C LYS A 64 -2.65 -6.41 10.49
N CYS A 65 -2.10 -6.26 9.29
CA CYS A 65 -1.55 -4.97 8.85
C CYS A 65 -2.04 -4.63 7.45
N SER A 66 -2.17 -3.34 7.18
CA SER A 66 -2.64 -2.87 5.88
C SER A 66 -2.25 -1.41 5.65
N ALA A 67 -2.46 -0.93 4.43
CA ALA A 67 -2.12 0.44 4.08
C ALA A 67 -3.28 1.38 4.41
N CYS A 68 -3.05 2.68 4.24
CA CYS A 68 -4.07 3.69 4.52
C CYS A 68 -3.74 5.00 3.81
N ASN A 69 -4.78 5.70 3.36
CA ASN A 69 -4.61 6.96 2.66
C ASN A 69 -3.60 6.83 1.52
N VAL A 70 -3.66 5.70 0.82
CA VAL A 70 -2.77 5.45 -0.30
C VAL A 70 -2.78 6.61 -1.29
N TRP A 71 -1.63 7.24 -1.47
CA TRP A 71 -1.51 8.36 -2.39
C TRP A 71 -0.55 8.04 -3.52
N ARG A 72 -0.94 8.39 -4.75
CA ARG A 72 -0.11 8.13 -5.92
C ARG A 72 0.82 9.32 -6.21
N VAL A 73 2.11 9.05 -6.24
CA VAL A 73 3.10 10.08 -6.51
C VAL A 73 3.62 10.00 -7.94
N SER A 74 3.70 8.79 -8.46
CA SER A 74 4.18 8.57 -9.82
C SER A 74 3.02 8.29 -10.77
N GLY A 75 3.13 8.80 -12.00
CA GLY A 75 2.09 8.59 -12.98
C GLY A 75 2.05 7.18 -13.51
N PRO A 76 1.27 6.96 -14.58
CA PRO A 76 1.13 5.63 -15.19
C PRO A 76 2.41 5.18 -15.90
N SER A 77 2.47 3.90 -16.26
CA SER A 77 3.63 3.35 -16.94
C SER A 77 3.50 3.51 -18.45
N SER A 78 2.37 3.06 -18.99
CA SER A 78 2.12 3.15 -20.43
C SER A 78 3.27 2.52 -21.21
N GLY A 79 3.91 1.51 -20.61
CA GLY A 79 5.01 0.85 -21.27
C GLY A 79 5.69 -0.18 -20.38
N GLY A 1 16.91 -7.51 5.71
CA GLY A 1 17.32 -6.14 5.93
C GLY A 1 17.10 -5.69 7.36
N SER A 2 15.92 -5.16 7.64
CA SER A 2 15.59 -4.69 8.99
C SER A 2 14.08 -4.57 9.17
N SER A 3 13.64 -4.58 10.42
CA SER A 3 12.21 -4.48 10.74
C SER A 3 11.97 -3.42 11.80
N GLY A 4 10.77 -2.85 11.78
CA GLY A 4 10.41 -1.81 12.74
C GLY A 4 10.29 -0.45 12.11
N SER A 5 10.02 -0.42 10.81
CA SER A 5 9.88 0.84 10.08
C SER A 5 8.43 1.33 10.13
N SER A 6 8.20 2.37 10.92
CA SER A 6 6.86 2.94 11.06
C SER A 6 6.80 4.34 10.46
N GLY A 7 5.78 4.59 9.65
CA GLY A 7 5.63 5.90 9.03
C GLY A 7 5.35 5.80 7.54
N LEU A 8 5.26 6.95 6.89
CA LEU A 8 4.99 7.00 5.46
C LEU A 8 6.12 6.32 4.67
N ARG A 9 5.78 5.24 3.97
CA ARG A 9 6.76 4.50 3.18
C ARG A 9 6.51 4.69 1.69
N ARG A 10 7.31 4.01 0.87
CA ARG A 10 7.18 4.12 -0.58
C ARG A 10 7.48 2.79 -1.25
N ALA A 11 6.54 2.32 -2.06
CA ALA A 11 6.71 1.05 -2.77
C ALA A 11 5.82 0.99 -4.01
N THR A 12 6.11 0.05 -4.90
CA THR A 12 5.35 -0.12 -6.13
C THR A 12 4.31 -1.21 -5.98
N VAL A 13 3.19 -1.06 -6.70
CA VAL A 13 2.12 -2.04 -6.65
C VAL A 13 2.42 -3.24 -7.55
N GLU A 14 2.00 -4.43 -7.11
CA GLU A 14 2.23 -5.65 -7.87
C GLU A 14 1.26 -5.75 -9.05
N CYS A 15 -0.01 -5.92 -8.74
CA CYS A 15 -1.05 -6.02 -9.76
C CYS A 15 -2.40 -5.58 -9.23
N VAL A 16 -3.08 -4.71 -9.98
CA VAL A 16 -4.38 -4.21 -9.58
C VAL A 16 -5.43 -4.48 -10.66
N LYS A 17 -6.30 -5.44 -10.40
CA LYS A 17 -7.36 -5.79 -11.34
C LYS A 17 -8.72 -5.88 -10.64
N ASP A 18 -8.72 -6.49 -9.46
CA ASP A 18 -9.95 -6.63 -8.69
C ASP A 18 -10.12 -5.49 -7.70
N GLN A 19 -11.28 -5.43 -7.06
CA GLN A 19 -11.56 -4.38 -6.09
C GLN A 19 -10.45 -4.28 -5.05
N PHE A 20 -9.81 -5.41 -4.77
CA PHE A 20 -8.72 -5.45 -3.79
C PHE A 20 -7.42 -5.90 -4.45
N GLY A 21 -6.34 -5.19 -4.14
CA GLY A 21 -5.05 -5.53 -4.71
C GLY A 21 -3.97 -5.64 -3.66
N PHE A 22 -2.76 -6.00 -4.08
CA PHE A 22 -1.63 -6.15 -3.16
C PHE A 22 -0.46 -5.27 -3.59
N ILE A 23 0.33 -4.85 -2.61
CA ILE A 23 1.49 -4.00 -2.88
C ILE A 23 2.78 -4.79 -2.82
N ASN A 24 3.73 -4.45 -3.69
CA ASN A 24 5.02 -5.14 -3.73
C ASN A 24 5.94 -4.61 -2.64
N TYR A 25 5.52 -4.75 -1.40
CA TYR A 25 6.30 -4.29 -0.25
C TYR A 25 6.41 -5.37 0.80
N GLU A 26 7.64 -5.69 1.20
CA GLU A 26 7.89 -6.71 2.21
C GLU A 26 8.02 -6.09 3.59
N VAL A 27 7.44 -6.74 4.59
CA VAL A 27 7.48 -6.26 5.96
C VAL A 27 7.79 -7.39 6.93
N GLY A 28 7.19 -8.55 6.70
CA GLY A 28 7.40 -9.69 7.57
C GLY A 28 6.86 -10.98 6.99
N ASP A 29 5.99 -11.64 7.73
CA ASP A 29 5.39 -12.89 7.28
C ASP A 29 4.73 -12.71 5.92
N SER A 30 4.13 -11.55 5.70
CA SER A 30 3.46 -11.26 4.44
C SER A 30 4.43 -10.60 3.44
N LYS A 31 4.76 -11.33 2.39
CA LYS A 31 5.67 -10.83 1.37
C LYS A 31 5.13 -9.55 0.74
N LYS A 32 3.80 -9.43 0.70
CA LYS A 32 3.16 -8.25 0.13
C LYS A 32 2.12 -7.68 1.09
N LEU A 33 1.67 -6.46 0.81
CA LEU A 33 0.68 -5.81 1.65
C LEU A 33 -0.71 -5.87 1.01
N PHE A 34 -1.74 -5.70 1.83
CA PHE A 34 -3.11 -5.74 1.34
C PHE A 34 -3.79 -4.37 1.51
N PHE A 35 -4.58 -3.99 0.50
CA PHE A 35 -5.27 -2.71 0.53
C PHE A 35 -6.52 -2.75 -0.35
N HIS A 36 -7.49 -1.91 -0.03
CA HIS A 36 -8.73 -1.84 -0.79
C HIS A 36 -8.83 -0.53 -1.57
N VAL A 37 -9.76 -0.48 -2.52
CA VAL A 37 -9.96 0.71 -3.33
C VAL A 37 -10.36 1.91 -2.45
N LYS A 38 -10.95 1.62 -1.30
CA LYS A 38 -11.37 2.66 -0.37
C LYS A 38 -10.18 3.44 0.15
N GLU A 39 -9.05 2.75 0.33
CA GLU A 39 -7.84 3.39 0.83
C GLU A 39 -7.42 4.55 -0.07
N VAL A 40 -7.03 4.23 -1.30
CA VAL A 40 -6.60 5.25 -2.25
C VAL A 40 -7.65 6.35 -2.37
N GLN A 41 -7.20 7.60 -2.21
CA GLN A 41 -8.09 8.75 -2.29
C GLN A 41 -7.74 9.61 -3.50
N ASP A 42 -8.38 10.78 -3.58
CA ASP A 42 -8.13 11.70 -4.68
C ASP A 42 -8.49 11.07 -6.02
N GLY A 43 -9.38 10.09 -5.98
CA GLY A 43 -9.80 9.42 -7.20
C GLY A 43 -8.63 8.91 -8.01
N ILE A 44 -7.70 8.22 -7.35
CA ILE A 44 -6.53 7.69 -8.02
C ILE A 44 -6.60 6.17 -8.14
N GLU A 45 -6.02 5.64 -9.21
CA GLU A 45 -6.02 4.20 -9.44
C GLU A 45 -4.59 3.66 -9.50
N LEU A 46 -4.28 2.74 -8.60
CA LEU A 46 -2.94 2.14 -8.56
C LEU A 46 -2.84 0.98 -9.54
N GLN A 47 -1.75 0.95 -10.31
CA GLN A 47 -1.53 -0.10 -11.29
C GLN A 47 -0.18 -0.78 -11.06
N ALA A 48 0.04 -1.89 -11.76
CA ALA A 48 1.29 -2.63 -11.64
C ALA A 48 2.48 -1.76 -12.05
N GLY A 49 3.31 -1.41 -11.07
CA GLY A 49 4.48 -0.59 -11.35
C GLY A 49 4.27 0.85 -10.96
N ASP A 50 3.25 1.11 -10.15
CA ASP A 50 2.95 2.45 -9.70
C ASP A 50 3.43 2.68 -8.27
N GLU A 51 4.34 3.63 -8.10
CA GLU A 51 4.88 3.93 -6.78
C GLU A 51 3.93 4.83 -5.99
N VAL A 52 3.55 4.39 -4.80
CA VAL A 52 2.65 5.15 -3.95
C VAL A 52 3.14 5.18 -2.50
N GLU A 53 2.62 6.12 -1.73
CA GLU A 53 3.01 6.25 -0.33
C GLU A 53 1.85 5.88 0.59
N PHE A 54 2.16 5.11 1.64
CA PHE A 54 1.13 4.68 2.59
C PHE A 54 1.73 4.53 3.99
N SER A 55 0.87 4.50 4.99
CA SER A 55 1.31 4.35 6.38
C SER A 55 1.05 2.94 6.88
N VAL A 56 2.06 2.37 7.55
CA VAL A 56 1.96 1.02 8.09
C VAL A 56 1.06 1.00 9.32
N ILE A 57 -0.12 0.40 9.18
CA ILE A 57 -1.07 0.30 10.29
C ILE A 57 -1.18 -1.14 10.78
N LEU A 58 -0.94 -1.33 12.08
CA LEU A 58 -1.03 -2.66 12.69
C LEU A 58 -2.22 -2.74 13.65
N ASN A 59 -2.99 -3.81 13.51
CA ASN A 59 -4.15 -4.02 14.37
C ASN A 59 -3.82 -4.95 15.52
N GLN A 60 -4.15 -4.52 16.74
CA GLN A 60 -3.88 -5.31 17.93
C GLN A 60 -4.95 -6.38 18.12
N ARG A 61 -6.16 -6.10 17.66
CA ARG A 61 -7.27 -7.04 17.78
C ARG A 61 -7.06 -8.24 16.85
N THR A 62 -6.81 -7.96 15.58
CA THR A 62 -6.60 -9.00 14.59
C THR A 62 -5.14 -9.45 14.56
N GLY A 63 -4.23 -8.50 14.34
CA GLY A 63 -2.82 -8.80 14.30
C GLY A 63 -2.28 -8.86 12.88
N LYS A 64 -2.81 -8.00 12.02
CA LYS A 64 -2.38 -7.95 10.62
C LYS A 64 -1.94 -6.55 10.24
N CYS A 65 -1.47 -6.38 9.01
CA CYS A 65 -1.02 -5.09 8.52
C CYS A 65 -1.77 -4.69 7.25
N SER A 66 -1.86 -3.39 7.01
CA SER A 66 -2.56 -2.88 5.83
C SER A 66 -2.17 -1.43 5.56
N ALA A 67 -2.50 -0.95 4.36
CA ALA A 67 -2.18 0.42 3.97
C ALA A 67 -3.39 1.33 4.17
N CYS A 68 -3.12 2.62 4.31
CA CYS A 68 -4.18 3.60 4.51
C CYS A 68 -3.81 4.95 3.89
N ASN A 69 -4.78 5.59 3.25
CA ASN A 69 -4.55 6.89 2.62
C ASN A 69 -3.48 6.77 1.53
N VAL A 70 -3.53 5.68 0.77
CA VAL A 70 -2.58 5.45 -0.31
C VAL A 70 -2.59 6.60 -1.31
N TRP A 71 -1.43 7.24 -1.49
CA TRP A 71 -1.32 8.35 -2.42
C TRP A 71 -0.36 8.01 -3.56
N ARG A 72 -0.75 8.35 -4.78
CA ARG A 72 0.08 8.08 -5.95
C ARG A 72 0.96 9.28 -6.28
N VAL A 73 2.27 9.05 -6.36
CA VAL A 73 3.22 10.11 -6.67
C VAL A 73 3.69 10.01 -8.11
N SER A 74 3.77 8.79 -8.63
CA SER A 74 4.21 8.57 -10.00
C SER A 74 3.29 7.58 -10.71
N GLY A 75 3.29 7.64 -12.04
CA GLY A 75 2.44 6.76 -12.82
C GLY A 75 2.98 6.53 -14.22
N PRO A 76 2.24 5.75 -15.03
CA PRO A 76 2.63 5.45 -16.41
C PRO A 76 2.52 6.66 -17.33
N SER A 77 1.48 7.45 -17.13
CA SER A 77 1.27 8.65 -17.94
C SER A 77 1.65 9.91 -17.17
N SER A 78 1.91 10.99 -17.90
CA SER A 78 2.29 12.25 -17.29
C SER A 78 1.24 12.70 -16.28
N GLY A 79 -0.02 12.37 -16.56
CA GLY A 79 -1.10 12.75 -15.66
C GLY A 79 -1.77 14.05 -16.07
N GLY A 1 9.18 1.70 21.97
CA GLY A 1 9.84 2.74 22.74
C GLY A 1 9.97 4.04 21.96
N SER A 2 10.70 4.01 20.87
CA SER A 2 10.91 5.20 20.05
C SER A 2 10.29 5.01 18.65
N SER A 3 10.57 3.86 18.05
CA SER A 3 10.04 3.55 16.72
C SER A 3 9.04 2.40 16.78
N GLY A 4 8.14 2.36 15.82
CA GLY A 4 7.14 1.31 15.78
C GLY A 4 6.01 1.62 14.80
N SER A 5 6.11 1.09 13.59
CA SER A 5 5.10 1.32 12.57
C SER A 5 4.92 2.80 12.30
N SER A 6 6.01 3.55 12.43
CA SER A 6 5.98 5.00 12.20
C SER A 6 6.71 5.36 10.92
N GLY A 7 6.43 6.56 10.39
CA GLY A 7 7.07 7.00 9.17
C GLY A 7 6.42 6.43 7.93
N LEU A 8 6.24 7.27 6.91
CA LEU A 8 5.63 6.83 5.66
C LEU A 8 6.54 5.87 4.91
N ARG A 9 5.93 4.99 4.11
CA ARG A 9 6.70 4.02 3.33
C ARG A 9 6.27 4.06 1.87
N ARG A 10 7.26 3.92 0.98
CA ARG A 10 6.99 3.95 -0.45
C ARG A 10 7.27 2.58 -1.08
N ALA A 11 6.36 2.14 -1.95
CA ALA A 11 6.51 0.85 -2.61
C ALA A 11 5.62 0.77 -3.85
N THR A 12 6.02 -0.05 -4.82
CA THR A 12 5.27 -0.22 -6.05
C THR A 12 4.17 -1.27 -5.88
N VAL A 13 3.18 -1.21 -6.76
CA VAL A 13 2.06 -2.15 -6.72
C VAL A 13 2.23 -3.25 -7.77
N GLU A 14 1.86 -4.47 -7.39
CA GLU A 14 1.97 -5.61 -8.31
C GLU A 14 0.97 -5.47 -9.45
N CYS A 15 -0.29 -5.24 -9.11
CA CYS A 15 -1.34 -5.11 -10.11
C CYS A 15 -2.67 -4.71 -9.47
N VAL A 16 -3.55 -4.10 -10.25
CA VAL A 16 -4.85 -3.67 -9.75
C VAL A 16 -5.97 -4.16 -10.65
N LYS A 17 -6.27 -5.45 -10.57
CA LYS A 17 -7.32 -6.06 -11.38
C LYS A 17 -8.60 -6.19 -10.57
N ASP A 18 -8.54 -6.96 -9.49
CA ASP A 18 -9.70 -7.17 -8.62
C ASP A 18 -9.86 -6.01 -7.64
N GLN A 19 -10.98 -6.00 -6.92
CA GLN A 19 -11.26 -4.96 -5.96
C GLN A 19 -10.10 -4.77 -4.99
N PHE A 20 -9.38 -5.85 -4.72
CA PHE A 20 -8.23 -5.81 -3.83
C PHE A 20 -6.93 -6.15 -4.57
N GLY A 21 -5.91 -5.32 -4.38
CA GLY A 21 -4.65 -5.55 -5.03
C GLY A 21 -3.55 -5.94 -4.07
N PHE A 22 -2.32 -5.99 -4.55
CA PHE A 22 -1.18 -6.36 -3.73
C PHE A 22 0.02 -5.45 -4.00
N ILE A 23 0.62 -4.93 -2.93
CA ILE A 23 1.78 -4.05 -3.07
C ILE A 23 3.07 -4.77 -2.67
N ASN A 24 4.12 -4.55 -3.44
CA ASN A 24 5.41 -5.17 -3.17
C ASN A 24 6.11 -4.48 -2.00
N TYR A 25 5.70 -4.82 -0.79
CA TYR A 25 6.29 -4.23 0.41
C TYR A 25 6.28 -5.23 1.56
N GLU A 26 7.30 -5.14 2.42
CA GLU A 26 7.41 -6.03 3.57
C GLU A 26 6.85 -5.37 4.83
N VAL A 27 5.86 -6.02 5.43
CA VAL A 27 5.24 -5.50 6.65
C VAL A 27 5.39 -6.47 7.81
N GLY A 28 6.50 -7.21 7.82
CA GLY A 28 6.75 -8.16 8.87
C GLY A 28 6.11 -9.51 8.59
N ASP A 29 6.94 -10.50 8.27
CA ASP A 29 6.46 -11.84 7.98
C ASP A 29 5.54 -11.83 6.76
N SER A 30 5.85 -10.98 5.79
CA SER A 30 5.05 -10.87 4.58
C SER A 30 5.86 -10.24 3.45
N LYS A 31 5.44 -10.50 2.21
CA LYS A 31 6.12 -9.95 1.04
C LYS A 31 5.22 -9.01 0.27
N LYS A 32 3.91 -9.21 0.40
CA LYS A 32 2.93 -8.37 -0.28
C LYS A 32 1.99 -7.71 0.72
N LEU A 33 1.43 -6.56 0.33
CA LEU A 33 0.52 -5.83 1.19
C LEU A 33 -0.93 -6.03 0.75
N PHE A 34 -1.86 -5.67 1.62
CA PHE A 34 -3.28 -5.82 1.32
C PHE A 34 -4.00 -4.48 1.47
N PHE A 35 -4.57 -3.99 0.37
CA PHE A 35 -5.29 -2.72 0.37
C PHE A 35 -6.58 -2.82 -0.43
N HIS A 36 -7.54 -1.97 -0.10
CA HIS A 36 -8.83 -1.96 -0.78
C HIS A 36 -8.98 -0.71 -1.64
N VAL A 37 -9.92 -0.76 -2.58
CA VAL A 37 -10.17 0.38 -3.46
C VAL A 37 -10.66 1.59 -2.67
N LYS A 38 -11.25 1.34 -1.52
CA LYS A 38 -11.77 2.41 -0.67
C LYS A 38 -10.63 3.18 0.00
N GLU A 39 -9.51 2.49 0.21
CA GLU A 39 -8.35 3.11 0.84
C GLU A 39 -7.88 4.32 0.04
N VAL A 40 -7.46 4.08 -1.19
CA VAL A 40 -6.98 5.15 -2.07
C VAL A 40 -8.01 6.27 -2.16
N GLN A 41 -7.51 7.51 -2.26
CA GLN A 41 -8.39 8.67 -2.35
C GLN A 41 -7.89 9.63 -3.42
N ASP A 42 -8.49 10.81 -3.47
CA ASP A 42 -8.11 11.83 -4.45
C ASP A 42 -8.38 11.34 -5.87
N GLY A 43 -9.31 10.40 -6.00
CA GLY A 43 -9.64 9.86 -7.31
C GLY A 43 -8.41 9.39 -8.07
N ILE A 44 -7.87 8.24 -7.67
CA ILE A 44 -6.69 7.69 -8.32
C ILE A 44 -6.92 6.24 -8.72
N GLU A 45 -6.29 5.83 -9.82
CA GLU A 45 -6.42 4.46 -10.30
C GLU A 45 -5.08 3.74 -10.29
N LEU A 46 -4.72 3.19 -9.14
CA LEU A 46 -3.45 2.48 -8.99
C LEU A 46 -3.32 1.40 -10.05
N GLN A 47 -2.09 1.16 -10.49
CA GLN A 47 -1.81 0.15 -11.50
C GLN A 47 -0.52 -0.59 -11.20
N ALA A 48 -0.19 -1.57 -12.04
CA ALA A 48 1.01 -2.36 -11.86
C ALA A 48 2.27 -1.53 -12.12
N GLY A 49 3.12 -1.41 -11.11
CA GLY A 49 4.34 -0.64 -11.26
C GLY A 49 4.16 0.81 -10.81
N ASP A 50 3.08 1.08 -10.09
CA ASP A 50 2.81 2.42 -9.61
C ASP A 50 3.26 2.59 -8.15
N GLU A 51 4.17 3.53 -7.92
CA GLU A 51 4.67 3.78 -6.58
C GLU A 51 3.71 4.64 -5.78
N VAL A 52 3.37 4.19 -4.58
CA VAL A 52 2.45 4.92 -3.72
C VAL A 52 2.97 4.99 -2.30
N GLU A 53 2.55 6.03 -1.57
CA GLU A 53 2.98 6.20 -0.19
C GLU A 53 1.83 5.98 0.77
N PHE A 54 1.97 4.97 1.64
CA PHE A 54 0.94 4.64 2.61
C PHE A 54 1.51 4.57 4.01
N SER A 55 0.66 4.72 5.01
CA SER A 55 1.08 4.69 6.41
C SER A 55 0.87 3.29 7.00
N VAL A 56 1.95 2.71 7.54
CA VAL A 56 1.88 1.39 8.14
C VAL A 56 1.14 1.42 9.47
N ILE A 57 -0.09 0.93 9.47
CA ILE A 57 -0.90 0.90 10.68
C ILE A 57 -1.12 -0.53 11.17
N LEU A 58 -0.76 -0.78 12.42
CA LEU A 58 -0.91 -2.11 13.01
C LEU A 58 -2.18 -2.19 13.86
N ASN A 59 -2.93 -3.28 13.68
CA ASN A 59 -4.17 -3.47 14.43
C ASN A 59 -3.96 -4.42 15.61
N GLN A 60 -4.45 -4.03 16.77
CA GLN A 60 -4.31 -4.85 17.97
C GLN A 60 -5.42 -5.89 18.06
N ARG A 61 -6.58 -5.56 17.50
CA ARG A 61 -7.72 -6.47 17.51
C ARG A 61 -7.47 -7.66 16.59
N THR A 62 -7.03 -7.37 15.37
CA THR A 62 -6.76 -8.41 14.39
C THR A 62 -5.32 -8.91 14.50
N GLY A 63 -4.38 -7.98 14.44
CA GLY A 63 -2.97 -8.34 14.53
C GLY A 63 -2.30 -8.38 13.17
N LYS A 64 -2.89 -7.70 12.20
CA LYS A 64 -2.35 -7.67 10.85
C LYS A 64 -2.01 -6.24 10.44
N CYS A 65 -1.32 -6.10 9.30
CA CYS A 65 -0.94 -4.78 8.80
C CYS A 65 -1.68 -4.47 7.50
N SER A 66 -1.95 -3.19 7.28
CA SER A 66 -2.65 -2.75 6.09
C SER A 66 -2.21 -1.35 5.68
N ALA A 67 -2.75 -0.88 4.55
CA ALA A 67 -2.41 0.45 4.05
C ALA A 67 -3.49 1.46 4.40
N CYS A 68 -3.10 2.73 4.49
CA CYS A 68 -4.04 3.80 4.82
C CYS A 68 -3.71 5.07 4.04
N ASN A 69 -4.75 5.69 3.47
CA ASN A 69 -4.58 6.90 2.69
C ASN A 69 -3.51 6.72 1.61
N VAL A 70 -3.70 5.69 0.78
CA VAL A 70 -2.76 5.40 -0.29
C VAL A 70 -2.74 6.52 -1.32
N TRP A 71 -1.57 7.12 -1.51
CA TRP A 71 -1.41 8.20 -2.47
C TRP A 71 -0.46 7.81 -3.59
N ARG A 72 -0.78 8.23 -4.81
CA ARG A 72 0.05 7.93 -5.96
C ARG A 72 0.98 9.09 -6.29
N VAL A 73 2.29 8.83 -6.29
CA VAL A 73 3.28 9.85 -6.59
C VAL A 73 3.77 9.74 -8.03
N SER A 74 3.76 8.52 -8.56
CA SER A 74 4.20 8.28 -9.93
C SER A 74 3.37 9.09 -10.92
N GLY A 75 3.74 9.02 -12.19
CA GLY A 75 3.03 9.74 -13.22
C GLY A 75 1.80 8.99 -13.71
N PRO A 76 1.05 9.62 -14.63
CA PRO A 76 -0.17 9.02 -15.19
C PRO A 76 0.14 7.84 -16.11
N SER A 77 -0.44 6.69 -15.79
CA SER A 77 -0.23 5.49 -16.59
C SER A 77 -1.42 4.54 -16.46
N SER A 78 -1.93 4.09 -17.60
CA SER A 78 -3.08 3.18 -17.62
C SER A 78 -3.07 2.33 -18.89
N GLY A 79 -3.18 1.01 -18.71
CA GLY A 79 -3.18 0.10 -19.85
C GLY A 79 -1.77 -0.23 -20.33
N GLY A 1 11.35 -11.89 11.90
CA GLY A 1 11.29 -11.13 13.14
C GLY A 1 10.10 -10.20 13.19
N SER A 2 10.02 -9.42 14.27
CA SER A 2 8.92 -8.48 14.43
C SER A 2 9.25 -7.13 13.81
N SER A 3 8.32 -6.18 13.92
CA SER A 3 8.52 -4.85 13.36
C SER A 3 8.16 -3.77 14.38
N GLY A 4 8.82 -2.62 14.28
CA GLY A 4 8.56 -1.53 15.20
C GLY A 4 9.23 -0.24 14.78
N SER A 5 8.49 0.60 14.08
CA SER A 5 9.01 1.88 13.60
C SER A 5 7.91 2.74 13.01
N SER A 6 7.98 4.05 13.26
CA SER A 6 6.99 4.98 12.76
C SER A 6 7.53 5.78 11.58
N GLY A 7 6.69 5.98 10.56
CA GLY A 7 7.10 6.73 9.40
C GLY A 7 6.38 6.29 8.14
N LEU A 8 6.54 7.06 7.07
CA LEU A 8 5.89 6.74 5.80
C LEU A 8 6.77 5.83 4.95
N ARG A 9 6.13 5.05 4.08
CA ARG A 9 6.85 4.13 3.21
C ARG A 9 6.32 4.20 1.78
N ARG A 10 7.17 3.87 0.81
CA ARG A 10 6.78 3.89 -0.59
C ARG A 10 7.10 2.56 -1.26
N ALA A 11 6.13 2.05 -2.02
CA ALA A 11 6.30 0.78 -2.72
C ALA A 11 5.47 0.74 -3.99
N THR A 12 5.95 0.01 -5.00
CA THR A 12 5.24 -0.10 -6.27
C THR A 12 4.29 -1.29 -6.25
N VAL A 13 3.09 -1.08 -6.78
CA VAL A 13 2.08 -2.13 -6.83
C VAL A 13 2.41 -3.16 -7.91
N GLU A 14 2.05 -4.41 -7.65
CA GLU A 14 2.31 -5.49 -8.60
C GLU A 14 1.24 -5.52 -9.70
N CYS A 15 0.01 -5.82 -9.31
CA CYS A 15 -1.09 -5.87 -10.26
C CYS A 15 -2.39 -5.40 -9.62
N VAL A 16 -3.15 -4.58 -10.34
CA VAL A 16 -4.41 -4.04 -9.84
C VAL A 16 -5.53 -4.24 -10.86
N LYS A 17 -6.19 -5.40 -10.80
CA LYS A 17 -7.28 -5.71 -11.70
C LYS A 17 -8.61 -5.77 -10.96
N ASP A 18 -8.63 -6.51 -9.86
CA ASP A 18 -9.84 -6.65 -9.05
C ASP A 18 -9.91 -5.56 -7.99
N GLN A 19 -11.05 -5.48 -7.30
CA GLN A 19 -11.24 -4.48 -6.25
C GLN A 19 -10.09 -4.51 -5.24
N PHE A 20 -9.50 -5.70 -5.06
CA PHE A 20 -8.40 -5.86 -4.14
C PHE A 20 -7.09 -6.14 -4.88
N GLY A 21 -6.01 -5.52 -4.41
CA GLY A 21 -4.72 -5.71 -5.04
C GLY A 21 -3.62 -6.03 -4.04
N PHE A 22 -2.40 -6.18 -4.54
CA PHE A 22 -1.26 -6.48 -3.69
C PHE A 22 -0.08 -5.56 -4.00
N ILE A 23 0.53 -5.01 -2.96
CA ILE A 23 1.68 -4.12 -3.14
C ILE A 23 2.98 -4.82 -2.82
N ASN A 24 4.01 -4.53 -3.60
CA ASN A 24 5.33 -5.14 -3.40
C ASN A 24 6.01 -4.57 -2.17
N TYR A 25 5.58 -5.02 -0.99
CA TYR A 25 6.14 -4.56 0.26
C TYR A 25 5.93 -5.59 1.37
N GLU A 26 7.03 -5.98 2.02
CA GLU A 26 6.97 -6.97 3.10
C GLU A 26 7.11 -6.29 4.46
N VAL A 27 6.06 -6.34 5.27
CA VAL A 27 6.07 -5.74 6.58
C VAL A 27 5.99 -6.80 7.67
N GLY A 28 6.51 -7.99 7.38
CA GLY A 28 6.49 -9.07 8.35
C GLY A 28 6.51 -10.44 7.69
N ASP A 29 5.32 -11.02 7.52
CA ASP A 29 5.19 -12.33 6.90
C ASP A 29 4.77 -12.20 5.44
N SER A 30 3.66 -11.51 5.21
CA SER A 30 3.15 -11.32 3.86
C SER A 30 4.17 -10.58 2.99
N LYS A 31 4.56 -11.21 1.89
CA LYS A 31 5.52 -10.61 0.97
C LYS A 31 4.97 -9.33 0.36
N LYS A 32 3.64 -9.23 0.29
CA LYS A 32 2.99 -8.06 -0.27
C LYS A 32 1.99 -7.46 0.72
N LEU A 33 1.50 -6.28 0.42
CA LEU A 33 0.53 -5.61 1.28
C LEU A 33 -0.89 -5.77 0.75
N PHE A 34 -1.88 -5.50 1.59
CA PHE A 34 -3.27 -5.62 1.20
C PHE A 34 -3.98 -4.27 1.31
N PHE A 35 -4.60 -3.85 0.21
CA PHE A 35 -5.32 -2.58 0.19
C PHE A 35 -6.57 -2.67 -0.69
N HIS A 36 -7.66 -2.10 -0.22
CA HIS A 36 -8.92 -2.11 -0.96
C HIS A 36 -9.13 -0.80 -1.70
N VAL A 37 -10.07 -0.80 -2.66
CA VAL A 37 -10.37 0.39 -3.44
C VAL A 37 -10.78 1.54 -2.54
N LYS A 38 -11.27 1.22 -1.35
CA LYS A 38 -11.71 2.23 -0.40
C LYS A 38 -10.51 2.93 0.24
N GLU A 39 -9.38 2.24 0.27
CA GLU A 39 -8.16 2.80 0.86
C GLU A 39 -7.71 4.04 0.08
N VAL A 40 -7.34 3.84 -1.17
CA VAL A 40 -6.89 4.95 -2.02
C VAL A 40 -7.90 6.09 -2.01
N GLN A 41 -7.40 7.30 -1.75
CA GLN A 41 -8.26 8.48 -1.71
C GLN A 41 -7.90 9.44 -2.84
N ASP A 42 -8.48 10.64 -2.79
CA ASP A 42 -8.23 11.65 -3.80
C ASP A 42 -8.65 11.15 -5.18
N GLY A 43 -9.57 10.21 -5.21
CA GLY A 43 -10.03 9.66 -6.46
C GLY A 43 -8.89 9.20 -7.36
N ILE A 44 -8.00 8.39 -6.79
CA ILE A 44 -6.86 7.89 -7.54
C ILE A 44 -6.97 6.39 -7.77
N GLU A 45 -6.46 5.93 -8.91
CA GLU A 45 -6.51 4.50 -9.24
C GLU A 45 -5.11 3.93 -9.37
N LEU A 46 -4.71 3.12 -8.38
CA LEU A 46 -3.40 2.50 -8.38
C LEU A 46 -3.33 1.35 -9.38
N GLN A 47 -2.30 1.37 -10.22
CA GLN A 47 -2.11 0.33 -11.23
C GLN A 47 -0.79 -0.41 -11.01
N ALA A 48 -0.49 -1.32 -11.93
CA ALA A 48 0.75 -2.09 -11.84
C ALA A 48 1.97 -1.22 -12.14
N GLY A 49 2.90 -1.19 -11.20
CA GLY A 49 4.10 -0.39 -11.38
C GLY A 49 3.93 1.04 -10.91
N ASP A 50 2.87 1.29 -10.14
CA ASP A 50 2.59 2.62 -9.62
C ASP A 50 3.03 2.75 -8.17
N GLU A 51 4.03 3.58 -7.93
CA GLU A 51 4.55 3.80 -6.58
C GLU A 51 3.60 4.67 -5.76
N VAL A 52 3.29 4.22 -4.56
CA VAL A 52 2.38 4.96 -3.67
C VAL A 52 2.97 5.08 -2.27
N GLU A 53 2.54 6.10 -1.54
CA GLU A 53 3.01 6.32 -0.18
C GLU A 53 1.89 6.11 0.83
N PHE A 54 2.06 5.12 1.71
CA PHE A 54 1.07 4.82 2.72
C PHE A 54 1.71 4.69 4.10
N SER A 55 0.89 4.74 5.14
CA SER A 55 1.38 4.63 6.50
C SER A 55 1.08 3.25 7.08
N VAL A 56 2.06 2.66 7.74
CA VAL A 56 1.91 1.34 8.34
C VAL A 56 1.09 1.42 9.63
N ILE A 57 -0.10 0.82 9.60
CA ILE A 57 -0.98 0.81 10.76
C ILE A 57 -1.13 -0.59 11.33
N LEU A 58 -0.84 -0.73 12.62
CA LEU A 58 -0.96 -2.02 13.29
C LEU A 58 -2.22 -2.09 14.14
N ASN A 59 -2.92 -3.21 14.08
CA ASN A 59 -4.14 -3.41 14.83
C ASN A 59 -3.88 -4.28 16.06
N GLN A 60 -4.46 -3.88 17.19
CA GLN A 60 -4.30 -4.62 18.44
C GLN A 60 -5.37 -5.71 18.57
N ARG A 61 -6.52 -5.47 17.94
CA ARG A 61 -7.62 -6.43 18.00
C ARG A 61 -7.32 -7.66 17.14
N THR A 62 -6.84 -7.43 15.93
CA THR A 62 -6.51 -8.52 15.02
C THR A 62 -5.04 -8.90 15.12
N GLY A 63 -4.16 -7.91 14.91
CA GLY A 63 -2.73 -8.16 14.98
C GLY A 63 -2.08 -8.19 13.61
N LYS A 64 -2.69 -7.51 12.65
CA LYS A 64 -2.17 -7.46 11.29
C LYS A 64 -1.91 -6.02 10.86
N CYS A 65 -1.35 -5.86 9.66
CA CYS A 65 -1.05 -4.54 9.12
C CYS A 65 -1.75 -4.32 7.78
N SER A 66 -2.01 -3.06 7.46
CA SER A 66 -2.67 -2.71 6.21
C SER A 66 -2.33 -1.28 5.79
N ALA A 67 -2.85 -0.88 4.64
CA ALA A 67 -2.61 0.47 4.13
C ALA A 67 -3.74 1.41 4.52
N CYS A 68 -3.41 2.70 4.64
CA CYS A 68 -4.40 3.71 5.01
C CYS A 68 -4.19 4.99 4.21
N ASN A 69 -5.24 5.43 3.53
CA ASN A 69 -5.17 6.65 2.72
C ASN A 69 -3.99 6.59 1.76
N VAL A 70 -3.91 5.53 0.97
CA VAL A 70 -2.82 5.36 0.01
C VAL A 70 -2.80 6.50 -0.99
N TRP A 71 -1.64 7.10 -1.19
CA TRP A 71 -1.48 8.20 -2.14
C TRP A 71 -0.54 7.82 -3.26
N ARG A 72 -0.92 8.16 -4.50
CA ARG A 72 -0.10 7.85 -5.66
C ARG A 72 1.08 8.82 -5.76
N VAL A 73 2.29 8.28 -5.67
CA VAL A 73 3.49 9.09 -5.77
C VAL A 73 4.03 9.13 -7.19
N SER A 74 3.74 8.08 -7.96
CA SER A 74 4.21 7.99 -9.34
C SER A 74 3.23 7.18 -10.18
N GLY A 75 3.26 7.40 -11.49
CA GLY A 75 2.37 6.68 -12.38
C GLY A 75 2.30 7.31 -13.76
N PRO A 76 1.65 6.62 -14.70
CA PRO A 76 1.49 7.10 -16.08
C PRO A 76 0.55 8.30 -16.18
N SER A 77 0.22 8.69 -17.41
CA SER A 77 -0.66 9.83 -17.62
C SER A 77 -1.80 9.44 -18.58
N SER A 78 -1.47 8.66 -19.59
CA SER A 78 -2.47 8.22 -20.57
C SER A 78 -3.00 6.84 -20.23
N GLY A 79 -3.14 6.57 -18.93
CA GLY A 79 -3.64 5.28 -18.49
C GLY A 79 -2.96 4.79 -17.23
N GLY A 1 18.77 5.70 12.35
CA GLY A 1 18.88 5.27 13.73
C GLY A 1 17.51 5.03 14.37
N SER A 2 16.82 4.01 13.90
CA SER A 2 15.51 3.67 14.42
C SER A 2 15.17 2.21 14.15
N SER A 3 14.61 1.54 15.15
CA SER A 3 14.24 0.13 15.03
C SER A 3 12.91 -0.02 14.30
N GLY A 4 12.95 -0.49 13.06
CA GLY A 4 11.75 -0.68 12.29
C GLY A 4 11.21 0.63 11.74
N SER A 5 10.51 0.56 10.61
CA SER A 5 9.94 1.74 9.98
C SER A 5 8.56 2.04 10.53
N SER A 6 8.48 3.02 11.44
CA SER A 6 7.21 3.40 12.04
C SER A 6 6.71 4.71 11.46
N GLY A 7 6.44 4.71 10.16
CA GLY A 7 5.95 5.91 9.50
C GLY A 7 5.56 5.65 8.06
N LEU A 8 5.59 6.71 7.24
CA LEU A 8 5.23 6.59 5.83
C LEU A 8 6.26 5.75 5.07
N ARG A 9 5.84 5.16 3.97
CA ARG A 9 6.72 4.33 3.15
C ARG A 9 6.45 4.55 1.67
N ARG A 10 7.22 3.87 0.83
CA ARG A 10 7.08 4.00 -0.62
C ARG A 10 7.37 2.67 -1.31
N ALA A 11 6.40 2.17 -2.06
CA ALA A 11 6.55 0.91 -2.78
C ALA A 11 5.67 0.86 -4.01
N THR A 12 6.00 -0.01 -4.95
CA THR A 12 5.23 -0.16 -6.18
C THR A 12 4.18 -1.25 -6.05
N VAL A 13 3.15 -1.18 -6.89
CA VAL A 13 2.08 -2.16 -6.86
C VAL A 13 2.31 -3.25 -7.91
N GLU A 14 2.01 -4.49 -7.52
CA GLU A 14 2.18 -5.63 -8.42
C GLU A 14 1.12 -5.63 -9.52
N CYS A 15 -0.13 -5.83 -9.12
CA CYS A 15 -1.24 -5.85 -10.07
C CYS A 15 -2.50 -5.27 -9.44
N VAL A 16 -3.27 -4.55 -10.25
CA VAL A 16 -4.50 -3.93 -9.78
C VAL A 16 -5.67 -4.24 -10.71
N LYS A 17 -6.21 -5.45 -10.60
CA LYS A 17 -7.33 -5.87 -11.43
C LYS A 17 -8.64 -5.80 -10.66
N ASP A 18 -8.65 -6.38 -9.46
CA ASP A 18 -9.85 -6.38 -8.63
C ASP A 18 -9.80 -5.24 -7.62
N GLN A 19 -10.90 -5.04 -6.90
CA GLN A 19 -10.98 -3.98 -5.91
C GLN A 19 -9.81 -4.06 -4.92
N PHE A 20 -9.30 -5.28 -4.71
CA PHE A 20 -8.18 -5.48 -3.80
C PHE A 20 -6.93 -5.89 -4.57
N GLY A 21 -5.81 -5.26 -4.22
CA GLY A 21 -4.56 -5.56 -4.89
C GLY A 21 -3.44 -5.86 -3.91
N PHE A 22 -2.25 -6.13 -4.44
CA PHE A 22 -1.09 -6.43 -3.61
C PHE A 22 0.06 -5.50 -3.93
N ILE A 23 0.74 -5.01 -2.89
CA ILE A 23 1.87 -4.12 -3.06
C ILE A 23 3.19 -4.82 -2.77
N ASN A 24 4.20 -4.52 -3.58
CA ASN A 24 5.52 -5.14 -3.42
C ASN A 24 6.26 -4.52 -2.24
N TYR A 25 5.90 -4.95 -1.03
CA TYR A 25 6.53 -4.45 0.18
C TYR A 25 6.50 -5.49 1.28
N GLU A 26 7.48 -5.42 2.17
CA GLU A 26 7.58 -6.37 3.28
C GLU A 26 7.36 -5.66 4.62
N VAL A 27 6.40 -6.15 5.39
CA VAL A 27 6.09 -5.56 6.69
C VAL A 27 6.36 -6.55 7.81
N GLY A 28 6.31 -7.84 7.49
CA GLY A 28 6.55 -8.86 8.49
C GLY A 28 6.04 -10.23 8.06
N ASP A 29 6.94 -11.07 7.59
CA ASP A 29 6.58 -12.41 7.15
C ASP A 29 5.53 -12.35 6.04
N SER A 30 5.77 -11.48 5.06
CA SER A 30 4.86 -11.32 3.94
C SER A 30 5.43 -10.36 2.90
N LYS A 31 5.56 -10.83 1.67
CA LYS A 31 6.09 -10.02 0.58
C LYS A 31 4.96 -9.38 -0.23
N LYS A 32 3.82 -9.18 0.42
CA LYS A 32 2.66 -8.58 -0.24
C LYS A 32 1.78 -7.86 0.78
N LEU A 33 1.25 -6.70 0.38
CA LEU A 33 0.39 -5.91 1.25
C LEU A 33 -1.07 -6.04 0.83
N PHE A 34 -1.97 -5.66 1.72
CA PHE A 34 -3.40 -5.72 1.44
C PHE A 34 -4.05 -4.35 1.60
N PHE A 35 -4.78 -3.93 0.57
CA PHE A 35 -5.45 -2.64 0.58
C PHE A 35 -6.70 -2.66 -0.29
N HIS A 36 -7.78 -2.06 0.20
CA HIS A 36 -9.03 -2.01 -0.54
C HIS A 36 -9.18 -0.67 -1.28
N VAL A 37 -10.05 -0.65 -2.28
CA VAL A 37 -10.28 0.56 -3.06
C VAL A 37 -10.67 1.72 -2.16
N LYS A 38 -11.25 1.41 -1.01
CA LYS A 38 -11.68 2.43 -0.06
C LYS A 38 -10.49 3.24 0.43
N GLU A 39 -9.32 2.62 0.46
CA GLU A 39 -8.10 3.28 0.91
C GLU A 39 -7.75 4.45 0.00
N VAL A 40 -7.42 4.14 -1.25
CA VAL A 40 -7.06 5.17 -2.23
C VAL A 40 -8.14 6.24 -2.30
N GLN A 41 -7.70 7.49 -2.45
CA GLN A 41 -8.63 8.61 -2.54
C GLN A 41 -8.20 9.59 -3.62
N ASP A 42 -8.90 10.73 -3.71
CA ASP A 42 -8.59 11.75 -4.70
C ASP A 42 -8.78 11.21 -6.12
N GLY A 43 -9.62 10.18 -6.24
CA GLY A 43 -9.89 9.59 -7.53
C GLY A 43 -8.62 9.21 -8.28
N ILE A 44 -8.00 8.12 -7.86
CA ILE A 44 -6.77 7.65 -8.49
C ILE A 44 -6.88 6.18 -8.88
N GLU A 45 -6.22 5.83 -9.98
CA GLU A 45 -6.24 4.45 -10.48
C GLU A 45 -4.86 3.81 -10.38
N LEU A 46 -4.65 3.02 -9.33
CA LEU A 46 -3.37 2.36 -9.12
C LEU A 46 -3.16 1.25 -10.14
N GLN A 47 -1.97 1.22 -10.74
CA GLN A 47 -1.64 0.21 -11.74
C GLN A 47 -0.36 -0.54 -11.36
N ALA A 48 0.03 -1.49 -12.20
CA ALA A 48 1.24 -2.27 -11.96
C ALA A 48 2.49 -1.43 -12.18
N GLY A 49 3.30 -1.27 -11.13
CA GLY A 49 4.52 -0.49 -11.23
C GLY A 49 4.31 0.95 -10.81
N ASP A 50 3.21 1.22 -10.12
CA ASP A 50 2.91 2.56 -9.65
C ASP A 50 3.36 2.75 -8.20
N GLU A 51 4.29 3.67 -8.00
CA GLU A 51 4.81 3.94 -6.66
C GLU A 51 3.85 4.84 -5.89
N VAL A 52 3.41 4.36 -4.73
CA VAL A 52 2.49 5.12 -3.89
C VAL A 52 2.99 5.20 -2.45
N GLU A 53 2.55 6.23 -1.73
CA GLU A 53 2.96 6.41 -0.34
C GLU A 53 1.81 6.08 0.62
N PHE A 54 2.05 5.14 1.51
CA PHE A 54 1.04 4.72 2.49
C PHE A 54 1.64 4.60 3.88
N SER A 55 0.78 4.59 4.89
CA SER A 55 1.23 4.50 6.28
C SER A 55 0.91 3.11 6.85
N VAL A 56 1.91 2.49 7.48
CA VAL A 56 1.74 1.18 8.07
C VAL A 56 0.93 1.25 9.37
N ILE A 57 -0.18 0.52 9.41
CA ILE A 57 -1.03 0.50 10.59
C ILE A 57 -1.15 -0.91 11.16
N LEU A 58 -0.94 -1.03 12.47
CA LEU A 58 -1.02 -2.32 13.14
C LEU A 58 -2.26 -2.40 14.03
N ASN A 59 -2.94 -3.53 13.99
CA ASN A 59 -4.14 -3.72 14.79
C ASN A 59 -3.87 -4.67 15.95
N GLN A 60 -4.34 -4.29 17.13
CA GLN A 60 -4.15 -5.11 18.33
C GLN A 60 -5.15 -6.25 18.38
N ARG A 61 -6.33 -6.02 17.79
CA ARG A 61 -7.37 -7.03 17.76
C ARG A 61 -7.05 -8.14 16.76
N THR A 62 -6.76 -7.74 15.52
CA THR A 62 -6.43 -8.69 14.47
C THR A 62 -4.96 -9.11 14.54
N GLY A 63 -4.07 -8.12 14.57
CA GLY A 63 -2.65 -8.40 14.64
C GLY A 63 -1.95 -8.19 13.31
N LYS A 64 -2.73 -8.20 12.23
CA LYS A 64 -2.18 -8.00 10.89
C LYS A 64 -1.97 -6.51 10.61
N CYS A 65 -1.36 -6.21 9.46
CA CYS A 65 -1.12 -4.83 9.07
C CYS A 65 -1.84 -4.49 7.76
N SER A 66 -1.89 -3.21 7.44
CA SER A 66 -2.56 -2.76 6.23
C SER A 66 -2.08 -1.36 5.84
N ALA A 67 -2.59 -0.86 4.71
CA ALA A 67 -2.22 0.46 4.22
C ALA A 67 -3.32 1.48 4.51
N CYS A 68 -3.01 2.75 4.33
CA CYS A 68 -3.97 3.82 4.57
C CYS A 68 -3.55 5.10 3.85
N ASN A 69 -4.53 5.86 3.40
CA ASN A 69 -4.26 7.12 2.69
C ASN A 69 -3.29 6.90 1.55
N VAL A 70 -3.54 5.87 0.74
CA VAL A 70 -2.69 5.55 -0.40
C VAL A 70 -2.66 6.69 -1.40
N TRP A 71 -1.51 7.31 -1.57
CA TRP A 71 -1.35 8.43 -2.50
C TRP A 71 -0.36 8.07 -3.61
N ARG A 72 -0.71 8.41 -4.84
CA ARG A 72 0.15 8.13 -5.99
C ARG A 72 1.04 9.33 -6.29
N VAL A 73 2.35 9.07 -6.37
CA VAL A 73 3.32 10.12 -6.67
C VAL A 73 3.84 10.00 -8.10
N SER A 74 3.91 8.78 -8.60
CA SER A 74 4.40 8.52 -9.95
C SER A 74 3.39 7.69 -10.73
N GLY A 75 3.53 7.72 -12.06
CA GLY A 75 2.63 6.95 -12.91
C GLY A 75 3.30 6.48 -14.19
N PRO A 76 2.50 5.90 -15.09
CA PRO A 76 3.00 5.39 -16.37
C PRO A 76 3.41 6.51 -17.33
N SER A 77 4.18 6.17 -18.34
CA SER A 77 4.65 7.14 -19.33
C SER A 77 4.05 6.86 -20.71
N SER A 78 2.84 7.34 -20.93
CA SER A 78 2.17 7.13 -22.20
C SER A 78 1.87 8.47 -22.89
N GLY A 79 1.22 9.37 -22.15
CA GLY A 79 0.89 10.67 -22.70
C GLY A 79 0.82 11.75 -21.64
#